data_9HS3
#
_entry.id   9HS3
#
_cell.length_a   156.919
_cell.length_b   156.919
_cell.length_c   224.654
_cell.angle_alpha   90.000
_cell.angle_beta   90.000
_cell.angle_gamma   90.000
#
_symmetry.space_group_name_H-M   'P 43 21 2'
#
loop_
_entity.id
_entity.type
_entity.pdbx_description
1 polymer "Pyrimidine/purine nucleotide 5'-monophosphate nucleosidase"
2 non-polymer 5-O-phosphono-alpha-D-ribofuranose
3 non-polymer "guanosine 5'-(tetrahydrogen triphosphate) 3'-(trihydrogen diphosphate)"
4 water water
#
_entity_poly.entity_id   1
_entity_poly.type   'polypeptide(L)'
_entity_poly.pdbx_seq_one_letter_code
;PALRMITHISPLGSMDMLSQLEVDMLKRTASSDLYQLFRNCSLAVLNSGSLTDNSKELLSRFENFDINVLRRERGVKLEL
INPPEEAFVDGRIIRALQANLFAVLRDILFVYGQIHNTVRFPNLNLDNSVHITNLVFSILRNARALHVGEAPNMVVCWGG
HSINENEYLYARRVGNQLGLRELNICTGCGPGAMEAPMKGAAVGHAQQRYKDSRFIGMTEPSIIAAEPPNPLVNELIIMP
DIEKRLEAFVRIAHGIIIFPGGVGTAEALLYLLGILMNPANKDQVLPLILTGPKESADYFRVLDEFVVHTLGENARRHYR
IIIDDAAEVARQMKKSMPLVKENRRDTGDAYSFNWSMRIAPDLQMPFEPSHENMANLKLYPDQPVEVLAADLRRAFSGIV
AGNVKEVGIRAIEEFGPYKINGDKEIMRRMDDLLQGFVAQHRMKLPGSAYIPCYEICT
;
_entity_poly.pdbx_strand_id   A,B,C,D
#
loop_
_chem_comp.id
_chem_comp.type
_chem_comp.name
_chem_comp.formula
0O2 non-polymer 'guanosine 5'-(tetrahydrogen triphosphate) 3'-(trihydrogen diphosphate)' 'C10 H18 N5 O20 P5'
HSX D-saccharide, alpha linking 5-O-phosphono-alpha-D-ribofuranose 'C5 H11 O8 P'
#
# COMPACT_ATOMS: atom_id res chain seq x y z
N ARG A 4 -16.29 -4.87 30.69
CA ARG A 4 -16.62 -6.23 31.12
C ARG A 4 -15.43 -6.79 31.89
N MET A 5 -15.66 -7.63 32.90
CA MET A 5 -14.55 -8.12 33.69
C MET A 5 -13.74 -9.18 32.97
N ILE A 6 -14.37 -10.02 32.14
CA ILE A 6 -13.67 -10.97 31.28
C ILE A 6 -13.74 -10.42 29.85
N THR A 7 -12.65 -10.61 29.12
CA THR A 7 -12.57 -10.20 27.72
C THR A 7 -11.62 -11.14 27.03
N HIS A 8 -11.91 -11.48 25.77
CA HIS A 8 -11.07 -12.40 25.02
C HIS A 8 -10.38 -11.64 23.91
N ILE A 9 -9.06 -11.50 24.04
CA ILE A 9 -8.23 -10.75 23.12
C ILE A 9 -7.64 -11.70 22.07
N SER A 10 -7.69 -11.30 20.80
CA SER A 10 -7.16 -12.12 19.72
C SER A 10 -5.69 -11.74 19.45
N PRO A 11 -4.87 -12.62 18.80
CA PRO A 11 -3.45 -12.29 18.57
C PRO A 11 -3.30 -11.14 17.60
N LEU A 12 -2.40 -10.23 17.92
CA LEU A 12 -2.09 -9.06 17.10
C LEU A 12 -0.60 -8.83 17.12
N GLY A 13 0.05 -9.11 16.01
CA GLY A 13 1.45 -8.84 15.85
C GLY A 13 2.35 -10.03 16.07
N SER A 14 1.93 -10.99 16.88
CA SER A 14 2.67 -12.23 17.02
C SER A 14 1.66 -13.36 17.20
N MET A 15 2.14 -14.58 17.18
CA MET A 15 1.32 -15.70 17.57
C MET A 15 0.02 -15.74 16.77
N ASP A 16 0.05 -15.12 15.59
CA ASP A 16 -1.11 -15.08 14.74
C ASP A 16 -1.35 -16.43 14.06
N MET A 17 -0.29 -17.04 13.51
CA MET A 17 -0.32 -18.36 12.88
C MET A 17 0.37 -19.39 13.75
N LEU A 18 -0.41 -20.26 14.36
CA LEU A 18 0.12 -21.23 15.31
C LEU A 18 -0.35 -22.61 14.89
N SER A 19 0.53 -23.61 15.08
CA SER A 19 0.21 -25.01 14.86
C SER A 19 -0.33 -25.51 16.17
N GLN A 20 -1.14 -26.56 16.10
CA GLN A 20 -1.88 -26.99 17.27
C GLN A 20 -0.95 -27.55 18.33
N LEU A 21 0.07 -28.29 17.90
CA LEU A 21 1.06 -28.79 18.84
C LEU A 21 1.69 -27.64 19.58
N GLU A 22 1.85 -26.51 18.89
CA GLU A 22 2.32 -25.30 19.52
C GLU A 22 1.30 -24.75 20.50
N VAL A 23 0.03 -24.64 20.07
CA VAL A 23 -0.99 -24.07 20.94
C VAL A 23 -1.04 -24.90 22.23
N ASP A 24 -0.79 -26.20 22.12
CA ASP A 24 -0.73 -27.04 23.31
C ASP A 24 0.45 -26.65 24.19
N MET A 25 1.66 -26.82 23.69
CA MET A 25 2.84 -26.51 24.50
C MET A 25 2.68 -25.19 25.25
N LEU A 26 2.05 -24.20 24.62
CA LEU A 26 1.88 -22.93 25.31
C LEU A 26 1.07 -23.12 26.58
N LYS A 27 -0.01 -23.88 26.54
CA LYS A 27 -0.84 -23.99 27.74
C LYS A 27 -0.13 -24.78 28.83
N ARG A 28 0.65 -25.78 28.46
CA ARG A 28 1.46 -26.47 29.46
C ARG A 28 2.34 -25.47 30.19
N THR A 29 2.92 -24.53 29.45
CA THR A 29 3.80 -23.52 30.00
C THR A 29 3.05 -22.45 30.77
N ALA A 30 1.79 -22.21 30.42
CA ALA A 30 0.97 -21.35 31.24
C ALA A 30 0.54 -22.04 32.52
N SER A 31 0.29 -23.36 32.48
CA SER A 31 0.05 -24.16 33.67
C SER A 31 1.30 -24.37 34.54
N SER A 32 2.50 -24.09 34.05
CA SER A 32 3.69 -24.26 34.88
C SER A 32 3.93 -23.05 35.78
N ASP A 33 4.94 -23.14 36.65
CA ASP A 33 5.19 -22.08 37.63
C ASP A 33 5.54 -20.76 36.96
N LEU A 34 5.91 -20.79 35.68
CA LEU A 34 6.13 -19.57 34.93
C LEU A 34 4.98 -18.62 34.97
N TYR A 35 3.80 -19.07 35.38
CA TYR A 35 2.63 -18.20 35.37
C TYR A 35 2.92 -16.89 36.07
N GLN A 36 3.54 -16.93 37.25
CA GLN A 36 3.71 -15.68 37.99
C GLN A 36 4.44 -14.65 37.13
N LEU A 37 5.46 -15.10 36.40
CA LEU A 37 6.17 -14.20 35.48
C LEU A 37 5.24 -13.69 34.39
N PHE A 38 4.60 -14.62 33.69
CA PHE A 38 3.68 -14.25 32.62
C PHE A 38 2.56 -13.33 33.10
N ARG A 39 1.98 -13.62 34.25
CA ARG A 39 0.98 -12.71 34.79
C ARG A 39 1.56 -11.31 34.97
N ASN A 40 2.70 -11.22 35.64
CA ASN A 40 3.28 -9.93 36.04
C ASN A 40 3.76 -9.11 34.87
N CYS A 41 4.22 -9.78 33.81
CA CYS A 41 4.62 -9.05 32.61
C CYS A 41 3.39 -8.57 31.85
N SER A 42 2.34 -9.40 31.84
CA SER A 42 1.08 -9.00 31.22
C SER A 42 0.37 -7.91 31.99
N LEU A 43 0.46 -7.91 33.32
CA LEU A 43 -0.04 -6.75 34.06
C LEU A 43 0.69 -5.49 33.63
N ALA A 44 2.03 -5.61 33.47
CA ALA A 44 2.89 -4.47 33.14
C ALA A 44 2.55 -3.92 31.77
N VAL A 45 2.52 -4.80 30.77
CA VAL A 45 2.13 -4.41 29.42
C VAL A 45 0.84 -3.60 29.45
N LEU A 46 -0.14 -4.00 30.27
CA LEU A 46 -1.47 -3.38 30.32
C LEU A 46 -1.49 -2.09 31.13
N ASN A 47 -0.38 -1.76 31.77
CA ASN A 47 -0.22 -0.58 32.61
C ASN A 47 0.85 0.35 32.05
N SER A 48 0.85 0.51 30.72
CA SER A 48 1.79 1.43 30.10
C SER A 48 1.48 2.88 30.50
N GLY A 49 0.21 3.28 30.45
CA GLY A 49 -0.22 4.59 30.94
C GLY A 49 0.18 4.93 32.38
N SER A 55 7.11 1.66 38.63
CA SER A 55 6.63 1.51 40.00
C SER A 55 5.91 0.15 40.23
N LYS A 56 6.31 -0.64 41.23
CA LYS A 56 5.63 -1.91 41.52
C LYS A 56 4.45 -1.74 42.50
N GLU A 57 4.04 -0.49 42.77
CA GLU A 57 2.83 -0.22 43.56
C GLU A 57 1.56 -0.57 42.79
N LEU A 58 1.55 -0.30 41.48
CA LEU A 58 0.41 -0.66 40.63
C LEU A 58 0.27 -2.18 40.50
N LEU A 59 1.34 -2.95 40.75
CA LEU A 59 1.22 -4.40 40.76
C LEU A 59 0.31 -4.86 41.89
N SER A 60 0.39 -4.21 43.05
CA SER A 60 -0.46 -4.51 44.17
C SER A 60 -1.77 -3.76 44.13
N ARG A 61 -1.98 -2.90 43.13
CA ARG A 61 -3.28 -2.28 42.96
C ARG A 61 -4.20 -3.13 42.08
N PHE A 62 -3.65 -4.14 41.35
CA PHE A 62 -4.42 -5.05 40.49
C PHE A 62 -4.09 -6.49 40.91
N GLU A 63 -4.49 -6.87 42.14
CA GLU A 63 -4.19 -8.21 42.63
C GLU A 63 -5.11 -9.25 42.04
N ASN A 64 -6.36 -8.87 41.79
CA ASN A 64 -7.31 -9.78 41.18
C ASN A 64 -7.01 -10.08 39.71
N PHE A 65 -6.16 -9.28 39.06
CA PHE A 65 -5.88 -9.53 37.65
C PHE A 65 -5.33 -10.93 37.46
N ASP A 66 -5.75 -11.57 36.37
CA ASP A 66 -5.24 -12.89 36.00
C ASP A 66 -5.45 -13.06 34.50
N ILE A 67 -4.45 -13.66 33.85
CA ILE A 67 -4.43 -13.79 32.38
C ILE A 67 -4.27 -15.27 32.04
N ASN A 68 -5.21 -15.80 31.22
CA ASN A 68 -5.26 -17.22 30.87
C ASN A 68 -5.16 -17.39 29.33
N VAL A 69 -4.51 -18.48 28.87
CA VAL A 69 -4.35 -18.79 27.45
C VAL A 69 -5.54 -19.60 26.95
N LEU A 70 -6.30 -19.08 25.98
CA LEU A 70 -7.40 -19.89 25.45
C LEU A 70 -6.89 -20.67 24.25
N ARG A 71 -7.21 -21.96 24.22
CA ARG A 71 -6.86 -22.80 23.08
C ARG A 71 -8.04 -22.76 22.09
N ARG A 72 -7.74 -22.61 20.81
CA ARG A 72 -8.72 -22.73 19.75
C ARG A 72 -8.10 -23.61 18.67
N GLU A 73 -8.98 -24.15 17.80
CA GLU A 73 -8.47 -25.00 16.72
C GLU A 73 -7.49 -24.21 15.86
N ARG A 74 -7.91 -23.02 15.46
CA ARG A 74 -7.07 -22.16 14.65
C ARG A 74 -5.77 -21.83 15.37
N GLY A 75 -5.89 -21.20 16.52
CA GLY A 75 -4.70 -20.80 17.23
C GLY A 75 -5.07 -20.47 18.66
N VAL A 76 -4.50 -19.42 19.24
CA VAL A 76 -4.70 -19.08 20.65
C VAL A 76 -5.39 -17.71 20.71
N LYS A 77 -6.01 -17.43 21.87
CA LYS A 77 -6.54 -16.13 22.24
C LYS A 77 -6.07 -15.89 23.66
N LEU A 78 -6.25 -14.68 24.16
CA LEU A 78 -5.85 -14.35 25.52
C LEU A 78 -7.08 -13.94 26.35
N GLU A 79 -7.27 -14.60 27.47
CA GLU A 79 -8.35 -14.31 28.40
C GLU A 79 -7.86 -13.36 29.48
N LEU A 80 -8.50 -12.23 29.62
CA LEU A 80 -8.05 -11.22 30.56
C LEU A 80 -9.09 -11.13 31.65
N ILE A 81 -8.75 -11.58 32.84
CA ILE A 81 -9.63 -11.45 33.98
C ILE A 81 -9.20 -10.22 34.76
N ASN A 82 -10.15 -9.34 34.98
CA ASN A 82 -9.90 -8.10 35.71
C ASN A 82 -8.67 -7.31 35.29
N PRO A 83 -8.54 -6.93 34.04
CA PRO A 83 -7.43 -6.11 33.58
C PRO A 83 -7.53 -4.68 34.08
N PRO A 84 -6.43 -3.92 34.07
CA PRO A 84 -6.53 -2.51 34.45
C PRO A 84 -7.45 -1.78 33.51
N GLU A 85 -8.39 -1.05 34.08
CA GLU A 85 -9.47 -0.46 33.31
C GLU A 85 -8.96 0.50 32.25
N GLU A 86 -7.72 0.94 32.40
CA GLU A 86 -7.15 1.97 31.55
C GLU A 86 -6.70 1.45 30.17
N ALA A 87 -6.75 0.14 29.93
CA ALA A 87 -6.22 -0.42 28.69
C ALA A 87 -7.28 -0.56 27.59
N PHE A 88 -8.54 -0.24 27.90
CA PHE A 88 -9.64 -0.44 26.96
C PHE A 88 -10.33 0.88 26.65
N VAL A 89 -10.56 1.09 25.38
CA VAL A 89 -11.26 2.27 24.91
C VAL A 89 -12.67 1.82 24.55
N ASP A 90 -13.67 2.22 25.34
CA ASP A 90 -15.04 1.84 25.04
C ASP A 90 -15.13 0.31 24.97
N GLY A 91 -14.29 -0.36 25.77
CA GLY A 91 -14.27 -1.80 25.83
C GLY A 91 -13.25 -2.51 24.95
N ARG A 92 -12.64 -1.83 24.00
CA ARG A 92 -11.77 -2.48 23.02
C ARG A 92 -10.35 -2.25 23.44
N ILE A 93 -9.61 -3.33 23.66
CA ILE A 93 -8.22 -3.16 24.06
C ILE A 93 -7.53 -2.23 23.07
N ILE A 94 -6.75 -1.31 23.61
CA ILE A 94 -5.95 -0.40 22.80
C ILE A 94 -5.04 -1.21 21.89
N ARG A 95 -5.11 -0.93 20.57
CA ARG A 95 -4.47 -1.82 19.62
C ARG A 95 -3.03 -2.07 20.01
N ALA A 96 -2.37 -1.06 20.53
CA ALA A 96 -0.95 -1.17 20.84
C ALA A 96 -0.72 -2.02 22.08
N LEU A 97 -1.51 -1.80 23.13
CA LEU A 97 -1.46 -2.66 24.31
C LEU A 97 -1.66 -4.10 23.90
N GLN A 98 -2.64 -4.36 23.04
CA GLN A 98 -2.92 -5.70 22.57
C GLN A 98 -1.69 -6.37 21.98
N ALA A 99 -0.92 -5.64 21.20
CA ALA A 99 0.24 -6.24 20.55
C ALA A 99 1.39 -6.43 21.52
N ASN A 100 1.53 -5.51 22.47
CA ASN A 100 2.49 -5.72 23.56
C ASN A 100 2.11 -6.95 24.36
N LEU A 101 0.83 -7.10 24.65
CA LEU A 101 0.38 -8.27 25.38
C LEU A 101 0.89 -9.54 24.71
N PHE A 102 0.74 -9.64 23.38
CA PHE A 102 1.02 -10.87 22.66
C PHE A 102 2.48 -11.07 22.41
N ALA A 103 3.26 -9.98 22.49
CA ALA A 103 4.71 -10.09 22.51
C ALA A 103 5.18 -10.68 23.83
N VAL A 104 4.47 -10.38 24.94
CA VAL A 104 4.74 -11.05 26.20
C VAL A 104 4.44 -12.53 26.04
N LEU A 105 3.28 -12.85 25.49
CA LEU A 105 3.02 -14.25 25.18
C LEU A 105 4.09 -14.83 24.32
N ARG A 106 4.47 -14.11 23.29
CA ARG A 106 5.51 -14.65 22.43
C ARG A 106 6.80 -14.88 23.21
N ASP A 107 7.26 -13.88 23.95
CA ASP A 107 8.64 -13.97 24.42
C ASP A 107 8.85 -14.53 25.83
N ILE A 108 7.79 -14.73 26.60
CA ILE A 108 7.88 -15.37 27.94
C ILE A 108 7.52 -16.84 27.88
N LEU A 109 6.42 -17.17 27.20
CA LEU A 109 5.90 -18.53 27.11
C LEU A 109 6.44 -19.32 25.93
N PHE A 110 6.59 -18.69 24.77
CA PHE A 110 7.16 -19.41 23.64
C PHE A 110 8.68 -19.50 23.72
N VAL A 111 9.33 -18.33 23.77
CA VAL A 111 10.79 -18.22 23.83
C VAL A 111 11.34 -18.68 25.18
N TYR A 112 10.92 -18.01 26.27
CA TYR A 112 11.52 -18.29 27.58
C TYR A 112 11.20 -19.71 28.03
N GLY A 113 10.00 -20.19 27.72
CA GLY A 113 9.67 -21.55 28.07
C GLY A 113 10.54 -22.54 27.33
N GLN A 114 10.58 -22.42 26.00
CA GLN A 114 11.17 -23.45 25.16
C GLN A 114 12.66 -23.66 25.38
N ILE A 115 13.42 -22.61 25.72
CA ILE A 115 14.87 -22.75 25.88
C ILE A 115 15.24 -23.36 27.24
N HIS A 116 14.40 -23.20 28.28
CA HIS A 116 14.79 -23.70 29.59
C HIS A 116 14.56 -25.22 29.72
N ASN A 117 13.47 -25.74 29.12
CA ASN A 117 13.14 -27.17 29.15
C ASN A 117 13.64 -27.96 27.93
N THR A 118 14.44 -27.35 27.06
CA THR A 118 14.98 -28.00 25.86
C THR A 118 13.95 -28.85 25.11
N PRO A 122 20.07 -32.07 25.37
CA PRO A 122 19.70 -30.76 24.81
C PRO A 122 20.65 -30.26 23.69
N ASN A 123 20.18 -30.24 22.44
CA ASN A 123 21.02 -29.78 21.31
C ASN A 123 21.34 -28.29 21.39
N LEU A 124 20.62 -27.53 22.19
CA LEU A 124 21.00 -26.15 22.46
C LEU A 124 22.03 -26.15 23.57
N ASN A 125 23.29 -25.98 23.19
CA ASN A 125 24.34 -25.92 24.20
C ASN A 125 24.13 -24.73 25.12
N LEU A 126 23.87 -23.56 24.54
CA LEU A 126 23.65 -22.33 25.29
C LEU A 126 24.92 -21.90 26.03
N ASP A 127 26.00 -22.70 25.97
CA ASP A 127 27.33 -22.33 26.44
C ASP A 127 28.25 -21.94 25.29
N ASN A 128 27.79 -22.08 24.04
CA ASN A 128 28.55 -21.74 22.86
C ASN A 128 28.22 -20.33 22.40
N SER A 129 29.24 -19.51 22.15
CA SER A 129 28.90 -18.15 21.77
C SER A 129 28.24 -18.10 20.41
N VAL A 130 28.41 -19.15 19.59
CA VAL A 130 27.72 -19.24 18.30
C VAL A 130 26.27 -19.55 18.49
N HIS A 131 25.95 -20.32 19.53
CA HIS A 131 24.55 -20.56 19.85
C HIS A 131 23.91 -19.27 20.37
N ILE A 132 24.43 -18.73 21.46
CA ILE A 132 23.82 -17.55 22.08
C ILE A 132 23.59 -16.44 21.08
N THR A 133 24.46 -16.34 20.07
CA THR A 133 24.33 -15.29 19.07
C THR A 133 23.17 -15.58 18.15
N ASN A 134 23.09 -16.82 17.65
CA ASN A 134 22.03 -17.16 16.72
C ASN A 134 20.67 -17.25 17.40
N LEU A 135 20.64 -17.50 18.70
CA LEU A 135 19.39 -17.34 19.41
C LEU A 135 18.90 -15.90 19.34
N VAL A 136 19.79 -14.93 19.53
CA VAL A 136 19.37 -13.54 19.59
C VAL A 136 18.85 -13.11 18.21
N PHE A 137 19.55 -13.51 17.13
CA PHE A 137 19.00 -13.39 15.81
C PHE A 137 17.59 -13.97 15.76
N SER A 138 17.46 -15.20 16.22
CA SER A 138 16.22 -15.96 16.09
C SER A 138 15.06 -15.24 16.77
N ILE A 139 15.23 -14.87 18.03
CA ILE A 139 14.16 -14.18 18.72
C ILE A 139 13.84 -12.88 18.01
N LEU A 140 14.86 -12.15 17.58
CA LEU A 140 14.59 -10.90 16.89
C LEU A 140 13.82 -11.17 15.62
N ARG A 141 14.20 -12.19 14.87
CA ARG A 141 13.45 -12.52 13.67
C ARG A 141 12.00 -12.88 14.02
N ASN A 142 11.83 -13.75 15.01
CA ASN A 142 10.52 -14.23 15.40
C ASN A 142 9.60 -13.07 15.80
N ALA A 143 10.14 -12.13 16.55
CA ALA A 143 9.39 -10.91 16.77
C ALA A 143 9.38 -9.99 15.56
N ARG A 144 9.53 -10.57 14.37
CA ARG A 144 9.58 -9.83 13.12
C ARG A 144 10.25 -8.47 13.26
N ALA A 145 11.35 -8.40 14.00
CA ALA A 145 12.06 -7.14 14.23
C ALA A 145 13.31 -6.96 13.37
N LEU A 146 13.84 -8.03 12.82
CA LEU A 146 14.92 -7.92 11.87
C LEU A 146 14.25 -7.74 10.51
N HIS A 147 14.01 -6.49 10.12
CA HIS A 147 13.47 -6.26 8.78
C HIS A 147 14.53 -6.52 7.71
N VAL A 148 14.11 -7.15 6.60
CA VAL A 148 15.02 -7.58 5.52
C VAL A 148 15.18 -6.49 4.47
N GLY A 149 16.43 -6.20 4.10
CA GLY A 149 16.71 -5.17 3.09
C GLY A 149 16.43 -3.75 3.56
N GLU A 150 16.53 -3.49 4.87
CA GLU A 150 16.22 -2.20 5.44
C GLU A 150 17.53 -1.41 5.57
N ALA A 151 17.60 -0.25 4.93
CA ALA A 151 18.78 0.58 5.11
C ALA A 151 18.91 0.95 6.58
N PRO A 152 20.07 0.87 7.13
CA PRO A 152 20.30 1.29 8.51
C PRO A 152 19.63 2.61 8.85
N ASN A 153 18.87 2.62 9.96
CA ASN A 153 18.45 3.86 10.61
C ASN A 153 18.32 3.69 12.11
N MET A 154 18.65 2.53 12.68
CA MET A 154 18.27 2.21 14.04
C MET A 154 19.27 2.74 15.04
N VAL A 155 18.86 3.74 15.81
CA VAL A 155 19.75 4.44 16.73
C VAL A 155 19.44 4.06 18.17
N VAL A 156 20.14 3.08 18.75
CA VAL A 156 19.86 2.65 20.12
C VAL A 156 20.19 3.76 21.10
N CYS A 157 19.30 4.04 22.05
CA CYS A 157 19.50 5.15 23.00
C CYS A 157 19.50 4.63 24.42
N TRP A 158 20.62 4.81 25.09
CA TRP A 158 20.81 4.36 26.45
C TRP A 158 20.85 5.55 27.41
N GLY A 159 20.43 5.34 28.64
CA GLY A 159 20.31 6.45 29.56
C GLY A 159 19.55 6.04 30.80
N GLY A 160 19.57 6.92 31.79
CA GLY A 160 18.98 6.57 33.06
C GLY A 160 17.48 6.44 32.95
N HIS A 161 16.91 5.66 33.87
CA HIS A 161 15.47 5.68 34.05
C HIS A 161 15.07 6.83 34.95
N SER A 162 15.86 7.09 35.99
CA SER A 162 15.69 8.28 36.80
C SER A 162 16.62 9.36 36.31
N ILE A 163 16.09 10.26 35.51
CA ILE A 163 16.84 11.40 35.02
C ILE A 163 15.98 12.62 35.26
N ASN A 164 16.62 13.73 35.62
CA ASN A 164 15.92 14.98 35.86
C ASN A 164 15.14 15.47 34.65
N GLU A 165 14.51 16.66 34.74
CA GLU A 165 13.72 17.16 33.61
C GLU A 165 14.60 17.78 32.53
N ASN A 166 15.77 18.33 32.87
CA ASN A 166 16.68 18.84 31.85
C ASN A 166 17.19 17.72 30.95
N GLU A 167 17.62 16.62 31.55
CA GLU A 167 18.07 15.51 30.74
C GLU A 167 16.89 14.94 29.95
N TYR A 168 15.79 14.61 30.64
CA TYR A 168 14.59 14.14 29.95
C TYR A 168 14.20 15.04 28.80
N LEU A 169 14.27 16.35 28.99
CA LEU A 169 13.89 17.24 27.90
C LEU A 169 14.96 17.25 26.82
N TYR A 170 16.22 17.25 27.22
CA TYR A 170 17.29 17.23 26.24
C TYR A 170 17.18 16.03 25.31
N ALA A 171 17.04 14.85 25.89
CA ALA A 171 16.87 13.66 25.06
C ALA A 171 15.63 13.76 24.16
N ARG A 172 14.56 14.41 24.62
CA ARG A 172 13.47 14.65 23.71
C ARG A 172 13.94 15.50 22.52
N ARG A 173 14.84 16.48 22.76
CA ARG A 173 15.40 17.27 21.66
C ARG A 173 16.31 16.46 20.78
N VAL A 174 17.30 15.77 21.36
CA VAL A 174 18.07 14.87 20.54
C VAL A 174 17.12 13.86 19.88
N GLY A 175 16.02 13.53 20.55
CA GLY A 175 15.00 12.69 19.93
C GLY A 175 14.31 13.37 18.75
N ASN A 176 13.85 14.61 18.94
CA ASN A 176 13.29 15.36 17.82
C ASN A 176 14.24 15.40 16.64
N GLN A 177 15.48 15.81 16.89
CA GLN A 177 16.44 15.98 15.81
C GLN A 177 16.66 14.66 15.08
N LEU A 178 16.62 13.56 15.80
CA LEU A 178 16.81 12.28 15.14
C LEU A 178 15.61 12.00 14.24
N GLY A 179 14.45 12.46 14.63
CA GLY A 179 13.26 12.16 13.87
C GLY A 179 13.18 13.07 12.69
N LEU A 180 13.59 14.31 12.92
CA LEU A 180 13.69 15.25 11.80
C LEU A 180 14.48 14.64 10.66
N ARG A 181 15.52 13.87 11.00
CA ARG A 181 16.40 13.24 10.04
C ARG A 181 15.98 11.82 9.72
N GLU A 182 14.75 11.43 10.09
CA GLU A 182 14.20 10.15 9.68
C GLU A 182 15.10 9.01 10.17
N LEU A 183 15.25 8.93 11.48
CA LEU A 183 15.92 7.84 12.15
C LEU A 183 15.03 7.21 13.22
N ASN A 184 15.16 5.90 13.40
CA ASN A 184 14.34 5.24 14.39
C ASN A 184 15.09 5.04 15.68
N ILE A 185 14.38 4.61 16.72
CA ILE A 185 14.96 4.58 18.05
C ILE A 185 14.70 3.25 18.71
N CYS A 186 15.61 2.85 19.56
CA CYS A 186 15.47 1.62 20.31
C CYS A 186 16.05 1.80 21.69
N THR A 187 15.34 1.37 22.74
CA THR A 187 15.70 1.66 24.12
C THR A 187 15.36 0.44 24.93
N GLY A 188 15.45 0.55 26.24
CA GLY A 188 15.07 -0.54 27.09
C GLY A 188 13.63 -0.56 27.58
N CYS A 189 12.65 -0.06 26.82
CA CYS A 189 11.26 -0.13 27.26
C CYS A 189 11.07 0.34 28.69
N GLY A 190 11.22 1.62 28.86
CA GLY A 190 11.29 2.16 30.19
C GLY A 190 11.11 3.65 30.20
N PRO A 191 11.22 4.25 31.37
CA PRO A 191 10.93 5.69 31.49
C PRO A 191 12.13 6.61 31.37
N GLY A 192 11.92 7.92 31.57
CA GLY A 192 13.04 8.84 31.55
C GLY A 192 13.77 8.84 30.22
N ALA A 193 15.06 8.51 30.28
CA ALA A 193 15.85 8.54 29.06
C ALA A 193 15.30 7.53 28.05
N MET A 194 14.71 6.42 28.50
CA MET A 194 14.21 5.45 27.53
C MET A 194 12.89 5.85 26.88
N GLU A 195 12.33 6.98 27.23
CA GLU A 195 11.06 7.44 26.68
C GLU A 195 11.21 8.75 25.91
N ALA A 196 11.79 9.77 26.52
CA ALA A 196 11.89 11.09 25.89
C ALA A 196 12.43 11.05 24.46
N PRO A 197 13.47 10.32 24.16
CA PRO A 197 13.90 10.21 22.76
C PRO A 197 12.77 9.79 21.81
N MET A 198 12.08 8.72 22.16
CA MET A 198 10.95 8.30 21.35
C MET A 198 9.90 9.38 21.33
N LYS A 199 9.70 10.05 22.46
CA LYS A 199 8.75 11.15 22.48
C LYS A 199 9.18 12.21 21.48
N GLY A 200 10.45 12.63 21.54
CA GLY A 200 10.93 13.64 20.62
C GLY A 200 11.00 13.13 19.19
N ALA A 201 11.48 11.91 19.01
CA ALA A 201 11.62 11.40 17.67
C ALA A 201 10.31 11.40 16.89
N ALA A 202 9.18 11.24 17.54
CA ALA A 202 7.99 11.03 16.74
C ALA A 202 7.41 12.34 16.24
N VAL A 203 7.58 13.42 16.99
CA VAL A 203 7.27 14.72 16.43
C VAL A 203 8.05 14.91 15.15
N GLY A 204 9.35 14.61 15.20
CA GLY A 204 10.19 14.77 14.03
C GLY A 204 9.65 14.00 12.85
N HIS A 205 9.28 12.75 13.06
CA HIS A 205 8.84 11.95 11.93
C HIS A 205 7.59 12.55 11.32
N ALA A 206 6.72 13.13 12.17
CA ALA A 206 5.55 13.82 11.67
C ALA A 206 5.97 14.95 10.73
N GLN A 207 6.90 15.79 11.17
CA GLN A 207 7.24 17.00 10.42
C GLN A 207 7.84 16.68 9.06
N GLN A 208 8.47 15.53 8.92
CA GLN A 208 9.03 15.17 7.63
C GLN A 208 8.16 14.14 6.94
N ARG A 209 6.90 14.04 7.34
CA ARG A 209 5.95 13.10 6.75
C ARG A 209 6.53 11.69 6.67
N TYR A 210 7.27 11.33 7.72
CA TYR A 210 7.87 10.01 7.79
C TYR A 210 6.81 9.11 8.35
N LYS A 211 6.26 8.24 7.52
CA LYS A 211 5.35 7.26 8.06
C LYS A 211 6.15 6.06 8.52
N ASP A 212 5.49 5.14 9.20
CA ASP A 212 6.16 3.91 9.60
C ASP A 212 7.37 4.19 10.48
N SER A 213 7.11 4.81 11.64
CA SER A 213 8.12 4.91 12.66
C SER A 213 8.31 3.55 13.32
N ARG A 214 9.52 3.30 13.79
CA ARG A 214 9.83 2.11 14.56
C ARG A 214 10.35 2.56 15.89
N PHE A 215 9.83 2.04 16.95
CA PHE A 215 10.28 2.41 18.27
C PHE A 215 10.46 1.15 19.10
N ILE A 216 11.53 0.40 18.83
CA ILE A 216 11.75 -0.87 19.54
C ILE A 216 12.05 -0.65 21.02
N GLY A 217 11.78 -1.67 21.81
CA GLY A 217 12.08 -1.63 23.22
C GLY A 217 12.59 -2.98 23.63
N MET A 218 13.89 -3.06 23.81
CA MET A 218 14.51 -4.28 24.31
C MET A 218 14.49 -4.25 25.83
N THR A 219 13.92 -5.29 26.45
CA THR A 219 13.83 -5.38 27.92
C THR A 219 13.96 -6.86 28.32
N GLU A 220 13.78 -7.16 29.60
CA GLU A 220 13.98 -8.50 30.10
C GLU A 220 12.96 -8.80 31.19
N PRO A 221 12.67 -10.07 31.43
CA PRO A 221 11.47 -10.42 32.23
C PRO A 221 11.48 -9.80 33.61
N SER A 222 12.61 -9.89 34.33
CA SER A 222 12.71 -9.24 35.63
C SER A 222 12.49 -7.74 35.52
N ILE A 223 13.03 -7.12 34.47
CA ILE A 223 12.82 -5.68 34.30
C ILE A 223 11.36 -5.38 34.01
N ILE A 224 10.81 -6.02 32.98
CA ILE A 224 9.51 -5.59 32.53
C ILE A 224 8.48 -5.67 33.65
N ALA A 225 8.57 -6.70 34.50
CA ALA A 225 7.48 -7.01 35.43
C ALA A 225 7.27 -5.92 36.46
N ALA A 226 8.32 -5.17 36.82
CA ALA A 226 8.20 -4.06 37.75
C ALA A 226 8.20 -2.71 37.05
N GLU A 227 8.81 -2.62 35.86
CA GLU A 227 8.87 -1.40 35.05
C GLU A 227 8.07 -1.57 33.75
N PRO A 228 6.78 -1.24 33.72
CA PRO A 228 6.00 -1.41 32.48
C PRO A 228 6.71 -0.71 31.35
N PRO A 229 6.46 -1.12 30.11
CA PRO A 229 7.00 -0.37 28.99
C PRO A 229 6.40 1.03 28.93
N ASN A 230 7.22 1.99 28.51
CA ASN A 230 6.75 3.34 28.25
C ASN A 230 5.76 3.29 27.09
N PRO A 231 4.86 4.25 26.98
CA PRO A 231 3.81 4.15 25.98
C PRO A 231 4.26 4.39 24.57
N LEU A 232 5.48 4.94 24.33
CA LEU A 232 5.89 5.20 22.95
C LEU A 232 6.30 3.91 22.21
N VAL A 233 6.69 2.84 22.92
CA VAL A 233 7.26 1.64 22.34
C VAL A 233 6.21 0.98 21.45
N ASN A 234 6.56 0.71 20.18
CA ASN A 234 5.64 -0.05 19.31
C ASN A 234 6.13 -1.44 18.99
N GLU A 235 7.42 -1.71 19.09
CA GLU A 235 7.89 -3.08 19.04
C GLU A 235 8.44 -3.40 20.42
N LEU A 236 7.78 -4.29 21.11
CA LEU A 236 8.34 -4.73 22.37
C LEU A 236 9.05 -6.04 22.06
N ILE A 237 10.32 -6.15 22.48
CA ILE A 237 11.11 -7.39 22.43
C ILE A 237 11.56 -7.70 23.86
N ILE A 238 11.37 -8.93 24.34
CA ILE A 238 11.73 -9.28 25.73
C ILE A 238 12.71 -10.43 25.64
N MET A 239 13.96 -10.10 25.67
CA MET A 239 15.01 -11.11 25.57
C MET A 239 15.21 -11.77 26.93
N PRO A 240 15.66 -13.06 26.95
CA PRO A 240 15.75 -13.80 28.21
C PRO A 240 16.52 -13.07 29.29
N ASP A 241 17.79 -12.73 29.12
CA ASP A 241 18.50 -12.09 30.24
C ASP A 241 19.13 -10.76 29.84
N ILE A 242 19.80 -10.13 30.81
CA ILE A 242 20.44 -8.87 30.48
C ILE A 242 21.62 -9.15 29.56
N GLU A 243 22.28 -10.28 29.73
CA GLU A 243 23.41 -10.63 28.86
C GLU A 243 22.99 -10.72 27.41
N LYS A 244 21.91 -11.43 27.13
CA LYS A 244 21.44 -11.49 25.75
C LYS A 244 20.60 -10.29 25.38
N ARG A 245 19.97 -9.63 26.33
CA ARG A 245 19.29 -8.41 25.95
C ARG A 245 20.27 -7.45 25.31
N LEU A 246 21.42 -7.25 25.96
CA LEU A 246 22.45 -6.34 25.46
C LEU A 246 22.99 -6.78 24.11
N GLU A 247 23.28 -8.06 23.96
CA GLU A 247 23.76 -8.55 22.68
C GLU A 247 22.82 -8.17 21.53
N ALA A 248 21.51 -8.18 21.78
CA ALA A 248 20.57 -7.87 20.71
C ALA A 248 20.51 -6.37 20.46
N PHE A 249 20.59 -5.59 21.53
CA PHE A 249 20.83 -4.15 21.46
C PHE A 249 21.95 -3.85 20.47
N VAL A 250 23.16 -4.26 20.82
CA VAL A 250 24.32 -4.09 19.95
C VAL A 250 24.02 -4.55 18.53
N ARG A 251 23.61 -5.78 18.36
CA ARG A 251 23.69 -6.32 17.02
C ARG A 251 22.65 -5.75 16.07
N ILE A 252 21.50 -5.30 16.58
CA ILE A 252 20.51 -4.71 15.70
C ILE A 252 20.83 -3.28 15.36
N ALA A 253 21.62 -2.64 16.19
CA ALA A 253 21.79 -1.21 16.09
C ALA A 253 22.90 -0.78 15.12
N HIS A 254 22.60 0.30 14.40
CA HIS A 254 23.51 0.96 13.52
C HIS A 254 24.10 2.21 14.16
N GLY A 255 23.80 2.51 15.40
CA GLY A 255 24.39 3.68 16.01
C GLY A 255 23.88 3.87 17.43
N ILE A 256 24.75 4.13 18.41
CA ILE A 256 24.34 4.17 19.80
C ILE A 256 24.52 5.59 20.31
N ILE A 257 23.61 6.04 21.16
CA ILE A 257 23.74 7.31 21.86
C ILE A 257 23.54 7.00 23.31
N ILE A 258 24.46 7.40 24.16
CA ILE A 258 24.35 7.09 25.57
C ILE A 258 24.12 8.38 26.30
N PHE A 259 22.93 8.57 26.83
CA PHE A 259 22.57 9.74 27.62
C PHE A 259 23.11 9.63 29.04
N PRO A 260 22.81 10.60 29.88
CA PRO A 260 23.22 10.48 31.29
C PRO A 260 22.38 9.47 32.03
N GLY A 261 23.00 8.40 32.50
CA GLY A 261 22.31 7.32 33.18
C GLY A 261 23.09 6.90 34.40
N GLY A 262 22.52 5.95 35.13
CA GLY A 262 23.07 5.43 36.37
C GLY A 262 23.73 4.10 36.16
N VAL A 263 23.51 3.19 37.11
CA VAL A 263 23.92 1.79 36.90
C VAL A 263 23.03 1.22 35.78
N GLY A 264 23.57 0.29 35.02
CA GLY A 264 22.80 -0.11 33.87
C GLY A 264 23.17 0.69 32.64
N THR A 265 22.86 2.01 32.61
CA THR A 265 23.51 2.90 31.62
C THR A 265 25.01 2.88 31.82
N ALA A 266 25.43 2.69 33.07
CA ALA A 266 26.78 2.29 33.37
C ALA A 266 27.09 0.91 32.79
N GLU A 267 26.29 -0.07 33.15
CA GLU A 267 26.63 -1.44 32.78
C GLU A 267 26.70 -1.62 31.26
N ALA A 268 25.94 -0.81 30.51
CA ALA A 268 25.90 -0.96 29.08
C ALA A 268 27.19 -0.48 28.45
N LEU A 269 27.65 0.67 28.87
CA LEU A 269 28.83 1.24 28.24
C LEU A 269 30.01 0.31 28.34
N LEU A 270 30.26 -0.32 29.50
CA LEU A 270 31.39 -1.24 29.55
C LEU A 270 31.15 -2.44 28.65
N TYR A 271 29.90 -2.90 28.55
CA TYR A 271 29.60 -3.95 27.60
C TYR A 271 30.00 -3.53 26.17
N LEU A 272 29.45 -2.41 25.68
CA LEU A 272 29.87 -1.86 24.40
C LEU A 272 31.36 -1.88 24.24
N LEU A 273 32.03 -1.14 25.12
CA LEU A 273 33.44 -0.86 24.98
C LEU A 273 34.23 -2.18 24.98
N GLY A 274 33.85 -3.12 25.83
CA GLY A 274 34.48 -4.44 25.77
C GLY A 274 34.48 -5.03 24.39
N ILE A 275 33.35 -4.89 23.68
CA ILE A 275 33.25 -5.45 22.33
C ILE A 275 33.97 -4.59 21.31
N LEU A 276 34.01 -3.26 21.51
CA LEU A 276 34.59 -2.33 20.53
C LEU A 276 36.11 -2.35 20.58
N MET A 277 36.66 -2.40 21.79
CA MET A 277 38.09 -2.45 22.00
C MET A 277 38.67 -3.80 21.63
N ASN A 278 37.88 -4.85 21.65
CA ASN A 278 38.37 -6.16 21.23
C ASN A 278 38.92 -6.08 19.81
N PRO A 279 40.05 -6.71 19.54
CA PRO A 279 40.72 -6.49 18.25
C PRO A 279 39.92 -6.90 17.03
N ALA A 280 39.26 -8.06 16.99
CA ALA A 280 38.62 -8.46 15.73
C ALA A 280 37.53 -7.49 15.31
N ASN A 281 37.21 -6.52 16.17
CA ASN A 281 36.16 -5.53 15.94
C ASN A 281 36.71 -4.13 15.71
N LYS A 282 37.97 -4.02 15.34
CA LYS A 282 38.51 -2.70 15.05
C LYS A 282 38.08 -2.17 13.69
N ASP A 283 37.50 -3.01 12.82
CA ASP A 283 37.05 -2.54 11.52
C ASP A 283 35.55 -2.34 11.49
N GLN A 284 34.89 -2.46 12.64
CA GLN A 284 33.45 -2.32 12.65
C GLN A 284 33.09 -0.82 12.70
N VAL A 285 31.87 -0.52 12.23
CA VAL A 285 31.35 0.85 12.06
C VAL A 285 30.06 0.97 12.88
N LEU A 286 30.16 1.59 14.08
CA LEU A 286 29.04 1.69 15.01
C LEU A 286 29.32 2.86 15.90
N PRO A 287 28.96 4.06 15.47
CA PRO A 287 29.28 5.28 16.23
C PRO A 287 28.69 5.24 17.63
N LEU A 288 29.40 5.82 18.55
CA LEU A 288 28.94 5.91 19.92
C LEU A 288 29.11 7.35 20.32
N ILE A 289 28.02 8.09 20.45
CA ILE A 289 28.06 9.48 20.88
C ILE A 289 27.36 9.60 22.21
N LEU A 290 28.09 10.08 23.22
CA LEU A 290 27.51 10.24 24.55
C LEU A 290 27.14 11.71 24.77
N THR A 291 25.87 11.99 24.91
CA THR A 291 25.44 13.37 24.89
C THR A 291 24.60 13.68 26.13
N GLY A 292 24.53 14.97 26.49
CA GLY A 292 23.93 15.45 27.72
C GLY A 292 23.58 16.91 27.57
N PRO A 293 22.90 17.48 28.52
CA PRO A 293 22.26 18.77 28.29
C PRO A 293 22.98 19.95 28.91
N LYS A 294 24.30 19.83 29.11
CA LYS A 294 25.14 20.93 29.56
C LYS A 294 25.43 20.83 31.03
N GLU A 295 24.41 20.84 31.88
CA GLU A 295 24.67 20.47 33.26
C GLU A 295 25.25 19.07 33.36
N SER A 296 25.08 18.27 32.31
CA SER A 296 25.62 16.91 32.23
C SER A 296 27.13 16.86 32.13
N ALA A 297 27.77 17.99 31.87
CA ALA A 297 29.20 18.01 31.63
C ALA A 297 29.96 17.37 32.77
N ASP A 298 29.53 17.68 34.00
CA ASP A 298 30.23 17.15 35.17
C ASP A 298 30.12 15.63 35.23
N TYR A 299 28.92 15.10 35.05
CA TYR A 299 28.71 13.65 35.08
C TYR A 299 29.55 12.95 34.02
N PHE A 300 29.64 13.53 32.83
CA PHE A 300 30.47 12.94 31.79
C PHE A 300 31.94 13.08 32.10
N ARG A 301 32.34 14.24 32.60
CA ARG A 301 33.72 14.37 33.03
C ARG A 301 34.13 13.18 33.85
N VAL A 302 33.47 12.98 34.98
CA VAL A 302 33.81 11.88 35.87
C VAL A 302 33.82 10.56 35.12
N LEU A 303 32.85 10.38 34.24
CA LEU A 303 32.81 9.17 33.45
C LEU A 303 34.08 8.99 32.59
N ASP A 304 34.45 10.00 31.81
CA ASP A 304 35.62 9.85 30.94
C ASP A 304 36.86 9.54 31.76
N GLU A 305 37.12 10.30 32.83
CA GLU A 305 38.28 10.01 33.65
C GLU A 305 38.26 8.57 34.11
N PHE A 306 37.08 8.03 34.39
CA PHE A 306 37.00 6.67 34.91
C PHE A 306 37.44 5.66 33.86
N VAL A 307 36.83 5.67 32.67
CA VAL A 307 37.15 4.64 31.70
C VAL A 307 38.64 4.68 31.36
N VAL A 308 39.15 5.88 31.10
CA VAL A 308 40.52 6.01 30.61
C VAL A 308 41.47 5.22 31.50
N HIS A 309 41.30 5.36 32.82
CA HIS A 309 42.11 4.60 33.78
C HIS A 309 41.69 3.15 33.81
N THR A 310 40.40 2.90 34.00
CA THR A 310 39.94 1.52 34.08
C THR A 310 40.13 0.75 32.79
N LEU A 311 40.42 1.40 31.68
CA LEU A 311 40.51 0.61 30.46
C LEU A 311 41.78 0.98 29.73
N GLY A 312 41.75 2.06 29.00
CA GLY A 312 42.95 2.55 28.40
C GLY A 312 42.60 3.90 27.84
N GLU A 313 43.57 4.81 27.81
CA GLU A 313 43.33 5.99 26.99
C GLU A 313 43.04 5.59 25.54
N ASN A 314 43.32 4.33 25.16
CA ASN A 314 42.94 3.88 23.83
C ASN A 314 41.56 3.66 23.69
N ALA A 315 40.72 4.06 24.66
CA ALA A 315 39.28 3.89 24.51
C ALA A 315 38.58 5.13 23.98
N ARG A 316 39.25 6.29 24.01
CA ARG A 316 38.57 7.50 23.52
C ARG A 316 38.48 7.51 22.00
N ARG A 317 38.92 6.40 21.37
CA ARG A 317 38.80 6.17 19.94
C ARG A 317 37.40 5.76 19.52
N HIS A 318 36.62 5.14 20.44
CA HIS A 318 35.34 4.50 20.17
C HIS A 318 34.13 5.31 20.59
N TYR A 319 34.34 6.38 21.35
CA TYR A 319 33.22 7.20 21.74
C TYR A 319 33.58 8.66 21.50
N ARG A 320 32.55 9.50 21.52
CA ARG A 320 32.68 10.93 21.34
C ARG A 320 31.68 11.59 22.27
N ILE A 321 32.09 12.64 22.99
CA ILE A 321 31.19 13.32 23.93
C ILE A 321 30.75 14.65 23.36
N ILE A 322 29.45 14.88 23.32
CA ILE A 322 28.84 16.14 22.89
C ILE A 322 27.92 16.64 24.00
N ILE A 323 27.96 17.94 24.30
CA ILE A 323 27.16 18.46 25.40
C ILE A 323 26.33 19.63 24.85
N ASP A 324 25.04 19.63 25.14
CA ASP A 324 24.11 20.67 24.69
C ASP A 324 24.33 21.06 23.23
N ASP A 325 24.31 20.04 22.33
CA ASP A 325 24.13 20.23 20.86
C ASP A 325 23.31 19.10 20.30
N ALA A 326 22.01 19.11 20.58
CA ALA A 326 21.18 17.97 20.17
C ALA A 326 21.19 17.80 18.67
N ALA A 327 21.06 18.91 17.94
CA ALA A 327 21.08 18.87 16.47
C ALA A 327 22.37 18.30 15.91
N GLU A 328 23.51 18.56 16.56
CA GLU A 328 24.73 17.94 16.07
C GLU A 328 24.70 16.43 16.32
N VAL A 329 24.31 16.02 17.53
CA VAL A 329 24.29 14.58 17.85
C VAL A 329 23.50 13.82 16.81
N ALA A 330 22.32 14.33 16.48
CA ALA A 330 21.56 13.73 15.39
C ALA A 330 22.31 13.85 14.07
N ARG A 331 22.79 15.06 13.75
CA ARG A 331 23.46 15.29 12.48
C ARG A 331 24.57 14.27 12.25
N GLN A 332 25.35 13.98 13.30
CA GLN A 332 26.42 13.00 13.15
C GLN A 332 25.85 11.64 12.78
N MET A 333 24.90 11.16 13.56
CA MET A 333 24.42 9.82 13.36
C MET A 333 23.88 9.64 11.93
N LYS A 334 23.18 10.65 11.39
CA LYS A 334 22.62 10.54 10.06
C LYS A 334 23.70 10.37 9.01
N LYS A 335 24.82 11.08 9.18
CA LYS A 335 25.93 10.86 8.25
C LYS A 335 26.44 9.45 8.36
N SER A 336 26.53 8.92 9.59
CA SER A 336 27.09 7.59 9.82
C SER A 336 26.20 6.49 9.29
N MET A 337 24.92 6.76 9.04
CA MET A 337 24.04 5.70 8.58
C MET A 337 24.49 5.12 7.25
N PRO A 338 25.02 5.91 6.31
CA PRO A 338 25.54 5.30 5.08
C PRO A 338 26.81 4.53 5.31
N LEU A 339 27.67 5.04 6.19
CA LEU A 339 28.95 4.40 6.47
C LEU A 339 28.75 2.96 6.96
N VAL A 340 27.76 2.73 7.83
CA VAL A 340 27.42 1.37 8.24
C VAL A 340 27.08 0.52 7.03
N LYS A 341 26.24 1.07 6.15
CA LYS A 341 25.82 0.31 4.99
C LYS A 341 27.01 -0.29 4.27
N GLU A 342 28.03 0.53 3.97
CA GLU A 342 29.21 0.00 3.31
C GLU A 342 29.91 -1.02 4.19
N ASN A 343 30.19 -0.63 5.43
CA ASN A 343 30.84 -1.58 6.29
C ASN A 343 30.09 -2.92 6.25
N ARG A 344 28.77 -2.88 6.21
CA ARG A 344 27.98 -4.09 6.05
C ARG A 344 28.13 -4.66 4.65
N ARG A 345 27.89 -3.85 3.63
CA ARG A 345 27.87 -4.41 2.28
C ARG A 345 29.20 -5.08 1.93
N ASP A 346 30.31 -4.53 2.41
CA ASP A 346 31.62 -5.11 2.13
C ASP A 346 31.73 -6.52 2.65
N THR A 347 31.51 -6.66 3.94
CA THR A 347 31.66 -7.91 4.63
C THR A 347 30.62 -8.93 4.24
N GLY A 348 29.65 -8.54 3.41
CA GLY A 348 28.55 -9.42 3.12
C GLY A 348 27.56 -9.57 4.25
N ASP A 349 27.50 -8.59 5.16
CA ASP A 349 26.70 -8.69 6.36
C ASP A 349 25.33 -8.22 6.08
N ALA A 350 24.46 -8.44 7.05
CA ALA A 350 23.07 -8.06 6.94
C ALA A 350 22.87 -6.69 7.58
N TYR A 351 22.08 -5.83 6.93
CA TYR A 351 21.88 -4.45 7.43
C TYR A 351 21.21 -4.43 8.79
N SER A 352 20.32 -5.42 9.04
CA SER A 352 19.48 -5.54 10.25
C SER A 352 20.24 -6.20 11.41
N PHE A 353 21.11 -7.15 11.13
CA PHE A 353 21.87 -7.84 12.15
C PHE A 353 23.36 -7.74 11.85
N ASN A 354 24.12 -7.35 12.87
CA ASN A 354 25.59 -7.22 12.81
C ASN A 354 26.32 -8.51 13.13
N TRP A 355 26.16 -9.47 12.24
CA TRP A 355 26.71 -10.80 12.44
C TRP A 355 28.20 -10.77 12.70
N SER A 356 28.89 -9.78 12.13
CA SER A 356 30.35 -9.86 12.03
C SER A 356 31.00 -9.49 13.35
N MET A 357 30.42 -8.55 14.06
CA MET A 357 30.91 -8.20 15.36
C MET A 357 31.24 -9.42 16.19
N ARG A 358 32.37 -9.37 16.85
CA ARG A 358 32.78 -10.44 17.73
C ARG A 358 32.46 -10.02 19.14
N ILE A 359 31.34 -10.50 19.68
CA ILE A 359 31.15 -10.42 21.11
C ILE A 359 31.87 -11.59 21.77
N ALA A 360 32.67 -11.26 22.76
CA ALA A 360 33.44 -12.25 23.49
C ALA A 360 32.54 -13.05 24.42
N PRO A 361 32.78 -14.33 24.54
CA PRO A 361 31.87 -15.16 25.35
C PRO A 361 31.76 -14.71 26.79
N ASP A 362 32.79 -14.05 27.33
CA ASP A 362 32.69 -13.54 28.70
C ASP A 362 31.55 -12.53 28.87
N LEU A 363 31.08 -11.98 27.77
CA LEU A 363 30.08 -10.97 27.82
C LEU A 363 28.71 -11.54 27.46
N GLN A 364 28.69 -12.77 26.96
CA GLN A 364 27.49 -13.49 26.59
C GLN A 364 27.07 -14.40 27.71
N MET A 365 28.04 -14.80 28.53
CA MET A 365 27.78 -15.74 29.61
C MET A 365 27.05 -15.03 30.75
N PRO A 366 25.83 -15.41 31.05
CA PRO A 366 25.12 -14.84 32.20
C PRO A 366 25.95 -14.86 33.46
N PHE A 367 25.83 -13.80 34.22
CA PHE A 367 26.55 -13.61 35.46
C PHE A 367 25.54 -13.69 36.58
N GLU A 368 25.57 -14.78 37.32
CA GLU A 368 24.71 -14.98 38.47
C GLU A 368 25.12 -14.03 39.58
N PRO A 369 24.34 -13.00 39.88
CA PRO A 369 24.83 -11.99 40.83
C PRO A 369 24.88 -12.49 42.24
N SER A 370 25.79 -13.42 42.54
CA SER A 370 25.97 -13.92 43.89
C SER A 370 27.14 -13.22 44.56
N HIS A 371 27.13 -13.22 45.89
CA HIS A 371 28.23 -12.59 46.63
C HIS A 371 29.53 -13.35 46.43
N GLU A 372 29.51 -14.67 46.53
CA GLU A 372 30.71 -15.43 46.20
C GLU A 372 31.24 -15.05 44.82
N ASN A 373 30.35 -15.05 43.82
CA ASN A 373 30.75 -14.71 42.45
C ASN A 373 31.24 -13.28 42.36
N MET A 374 30.63 -12.37 43.12
CA MET A 374 31.04 -10.97 43.06
C MET A 374 32.47 -10.82 43.59
N ALA A 375 32.90 -11.72 44.49
CA ALA A 375 34.26 -11.68 44.97
C ALA A 375 35.26 -12.05 43.86
N ASN A 376 34.93 -13.07 43.08
CA ASN A 376 35.84 -13.63 42.08
C ASN A 376 35.80 -12.77 40.79
N LEU A 377 35.52 -11.47 40.94
CA LEU A 377 35.55 -10.53 39.84
C LEU A 377 36.93 -9.95 39.70
N LYS A 378 37.63 -10.37 38.65
CA LYS A 378 38.98 -9.89 38.38
C LYS A 378 38.99 -8.41 38.08
N LEU A 379 38.82 -7.59 39.11
CA LEU A 379 38.73 -6.15 38.98
C LEU A 379 40.09 -5.49 39.17
N TYR A 380 41.05 -5.90 38.34
CA TYR A 380 42.45 -5.50 38.52
C TYR A 380 43.10 -5.04 37.22
N PRO A 381 43.93 -3.99 37.25
CA PRO A 381 44.48 -3.41 36.01
C PRO A 381 45.59 -4.20 35.36
N ASP A 382 46.01 -5.31 35.95
CA ASP A 382 46.92 -6.20 35.25
C ASP A 382 46.22 -7.01 34.16
N GLN A 383 44.89 -7.21 34.21
CA GLN A 383 44.17 -8.02 33.22
C GLN A 383 44.11 -7.26 31.87
N PRO A 384 43.99 -7.98 30.75
CA PRO A 384 43.81 -7.30 29.46
C PRO A 384 42.51 -6.50 29.44
N VAL A 385 42.57 -5.31 28.83
CA VAL A 385 41.43 -4.40 28.83
C VAL A 385 40.14 -5.15 28.51
N GLU A 386 40.23 -6.22 27.70
CA GLU A 386 39.07 -7.07 27.49
C GLU A 386 38.61 -7.72 28.79
N VAL A 387 39.51 -8.47 29.42
CA VAL A 387 39.11 -9.16 30.64
C VAL A 387 38.61 -8.18 31.67
N LEU A 388 39.28 -7.04 31.77
CA LEU A 388 38.81 -5.99 32.65
C LEU A 388 37.35 -5.69 32.46
N ALA A 389 37.03 -5.19 31.28
CA ALA A 389 35.67 -4.84 30.93
C ALA A 389 34.65 -5.90 31.38
N ALA A 390 34.78 -7.11 30.84
CA ALA A 390 33.84 -8.19 31.14
C ALA A 390 33.49 -8.21 32.60
N ASP A 391 34.50 -8.28 33.48
CA ASP A 391 34.26 -8.31 34.91
C ASP A 391 33.79 -6.97 35.44
N LEU A 392 34.19 -5.86 34.80
CA LEU A 392 33.57 -4.58 35.11
C LEU A 392 32.06 -4.62 34.88
N ARG A 393 31.64 -5.19 33.75
CA ARG A 393 30.22 -5.31 33.50
C ARG A 393 29.58 -6.20 34.55
N ARG A 394 30.12 -7.41 34.74
CA ARG A 394 29.51 -8.32 35.69
C ARG A 394 29.26 -7.64 37.01
N ALA A 395 30.12 -6.71 37.37
CA ALA A 395 29.92 -6.01 38.62
C ALA A 395 28.69 -5.10 38.56
N PHE A 396 28.49 -4.40 37.45
CA PHE A 396 27.29 -3.57 37.37
C PHE A 396 25.99 -4.37 37.23
N SER A 397 26.04 -5.58 36.67
CA SER A 397 24.86 -6.44 36.73
C SER A 397 24.51 -6.77 38.17
N GLY A 398 25.53 -6.89 39.01
CA GLY A 398 25.30 -7.19 40.42
C GLY A 398 24.53 -6.07 41.11
N ILE A 399 24.98 -4.83 40.94
CA ILE A 399 24.33 -3.74 41.66
C ILE A 399 22.93 -3.52 41.15
N VAL A 400 22.74 -3.61 39.83
CA VAL A 400 21.41 -3.45 39.27
C VAL A 400 20.47 -4.49 39.87
N ALA A 401 20.96 -5.71 40.08
CA ALA A 401 20.16 -6.70 40.77
C ALA A 401 19.68 -6.17 42.11
N GLY A 402 20.60 -5.60 42.87
CA GLY A 402 20.26 -5.06 44.17
C GLY A 402 19.10 -4.07 44.10
N ASN A 403 18.79 -3.53 42.93
CA ASN A 403 17.86 -2.41 42.82
C ASN A 403 16.46 -2.79 42.36
N VAL A 404 16.34 -3.74 41.45
CA VAL A 404 15.02 -4.08 40.93
C VAL A 404 14.87 -5.59 40.81
N LYS A 405 15.93 -6.24 40.36
CA LYS A 405 15.85 -7.67 40.10
C LYS A 405 15.42 -8.42 41.36
N GLU A 406 14.33 -9.20 41.25
CA GLU A 406 13.84 -10.00 42.38
C GLU A 406 14.96 -10.80 43.04
N VAL A 407 15.71 -11.57 42.25
CA VAL A 407 16.79 -12.38 42.81
C VAL A 407 17.71 -11.51 43.66
N GLY A 408 18.06 -10.32 43.15
CA GLY A 408 19.05 -9.51 43.80
C GLY A 408 18.51 -8.65 44.94
N ILE A 409 17.26 -8.21 44.86
CA ILE A 409 16.72 -7.49 46.01
C ILE A 409 16.54 -8.43 47.18
N ARG A 410 16.24 -9.70 46.89
CA ARG A 410 16.11 -10.69 47.95
C ARG A 410 17.48 -11.02 48.54
N ALA A 411 18.48 -11.20 47.68
CA ALA A 411 19.80 -11.56 48.20
C ALA A 411 20.41 -10.43 49.04
N ILE A 412 20.16 -9.18 48.66
CA ILE A 412 20.70 -8.04 49.42
C ILE A 412 19.85 -7.68 50.61
N GLU A 413 18.80 -8.43 50.88
CA GLU A 413 17.91 -8.20 52.03
C GLU A 413 18.34 -9.12 53.16
N GLU A 414 18.88 -8.53 54.24
CA GLU A 414 19.41 -9.24 55.41
C GLU A 414 20.55 -10.19 55.09
N PHE A 415 20.55 -10.81 53.90
CA PHE A 415 21.64 -11.71 53.51
C PHE A 415 22.91 -10.94 53.11
N GLY A 416 22.88 -9.62 53.25
CA GLY A 416 24.03 -8.76 53.07
C GLY A 416 23.96 -7.96 51.77
N PRO A 417 24.22 -6.66 51.84
CA PRO A 417 24.44 -5.90 50.60
C PRO A 417 25.58 -6.51 49.81
N TYR A 418 25.56 -6.23 48.50
CA TYR A 418 26.62 -6.65 47.60
C TYR A 418 27.93 -5.97 47.99
N LYS A 419 29.01 -6.77 48.04
CA LYS A 419 30.36 -6.27 48.34
C LYS A 419 31.32 -6.69 47.24
N ILE A 420 32.12 -5.75 46.77
CA ILE A 420 33.10 -5.95 45.71
C ILE A 420 34.35 -5.15 46.01
N ASN A 421 35.49 -5.73 45.66
CA ASN A 421 36.76 -5.05 45.82
C ASN A 421 37.70 -5.58 44.74
N GLY A 422 38.90 -5.03 44.75
CA GLY A 422 39.87 -5.15 43.69
C GLY A 422 40.93 -4.12 43.94
N ASP A 423 41.57 -3.70 42.86
CA ASP A 423 42.52 -2.60 42.93
C ASP A 423 41.86 -1.38 43.58
N LYS A 424 42.59 -0.67 44.47
CA LYS A 424 41.98 0.40 45.27
C LYS A 424 41.73 1.66 44.46
N GLU A 425 42.65 2.01 43.57
CA GLU A 425 42.41 3.13 42.68
C GLU A 425 41.16 2.91 41.86
N ILE A 426 41.01 1.69 41.35
CA ILE A 426 39.84 1.27 40.61
C ILE A 426 38.62 1.44 41.49
N MET A 427 38.56 0.65 42.58
CA MET A 427 37.52 0.75 43.60
C MET A 427 37.31 2.21 43.94
N ARG A 428 38.37 2.99 44.12
CA ARG A 428 38.16 4.38 44.51
C ARG A 428 37.38 5.13 43.43
N ARG A 429 37.81 5.02 42.18
CA ARG A 429 37.06 5.64 41.10
C ARG A 429 35.60 5.25 41.15
N MET A 430 35.33 3.96 41.37
CA MET A 430 33.95 3.51 41.40
C MET A 430 33.12 4.25 42.44
N ASP A 431 33.59 4.28 43.68
CA ASP A 431 32.75 4.84 44.72
C ASP A 431 32.44 6.30 44.45
N ASP A 432 33.37 7.05 43.82
CA ASP A 432 33.06 8.44 43.46
C ASP A 432 31.94 8.47 42.43
N LEU A 433 31.98 7.56 41.46
CA LEU A 433 30.92 7.48 40.46
C LEU A 433 29.61 7.08 41.10
N LEU A 434 29.59 5.91 41.70
CA LEU A 434 28.36 5.43 42.34
C LEU A 434 27.81 6.44 43.33
N GLN A 435 28.68 7.02 44.15
CA GLN A 435 28.20 8.03 45.08
C GLN A 435 27.47 9.12 44.30
N GLY A 436 28.03 9.52 43.15
CA GLY A 436 27.41 10.58 42.36
C GLY A 436 26.07 10.14 41.78
N PHE A 437 25.98 8.89 41.33
CA PHE A 437 24.71 8.34 40.90
C PHE A 437 23.65 8.47 42.01
N VAL A 438 23.97 7.97 43.21
CA VAL A 438 23.04 8.14 44.32
C VAL A 438 22.64 9.61 44.42
N ALA A 439 23.65 10.49 44.38
CA ALA A 439 23.43 11.94 44.42
C ALA A 439 22.73 12.46 43.18
N GLN A 440 22.76 11.70 42.10
CA GLN A 440 22.00 12.02 40.90
C GLN A 440 20.61 11.36 40.92
N HIS A 441 20.26 10.61 41.98
CA HIS A 441 19.00 9.87 42.03
C HIS A 441 18.79 9.12 40.72
N ARG A 442 19.86 8.53 40.21
CA ARG A 442 19.79 7.64 39.05
C ARG A 442 19.62 6.20 39.47
N MET A 443 19.77 5.93 40.75
CA MET A 443 19.65 4.59 41.29
C MET A 443 18.23 4.24 41.65
N LYS A 444 17.45 5.22 42.11
CA LYS A 444 16.07 5.00 42.46
C LYS A 444 15.25 6.17 41.96
N LEU A 445 13.99 5.88 41.64
CA LEU A 445 13.12 6.85 41.01
C LEU A 445 12.60 7.83 42.07
N PRO A 446 11.85 7.36 43.08
CA PRO A 446 11.18 8.28 44.01
C PRO A 446 12.19 9.05 44.87
N GLY A 447 11.68 10.09 45.54
CA GLY A 447 12.49 10.92 46.42
C GLY A 447 12.76 10.32 47.79
N SER A 448 12.12 9.21 48.12
CA SER A 448 12.49 8.41 49.29
C SER A 448 13.97 8.06 49.20
N ALA A 449 14.74 8.52 50.19
CA ALA A 449 16.19 8.36 50.16
C ALA A 449 16.57 6.91 49.86
N TYR A 450 17.59 6.74 49.01
CA TYR A 450 17.98 5.42 48.53
C TYR A 450 19.11 4.84 49.40
N ILE A 451 19.08 3.51 49.58
CA ILE A 451 19.96 2.75 50.46
C ILE A 451 20.87 1.87 49.59
N PRO A 452 22.16 2.14 49.52
CA PRO A 452 23.03 1.40 48.59
C PRO A 452 23.07 -0.11 48.85
N CYS A 453 23.26 -0.87 47.76
CA CYS A 453 23.45 -2.31 47.80
C CYS A 453 24.91 -2.71 47.64
N TYR A 454 25.84 -1.80 47.91
CA TYR A 454 27.24 -1.98 47.52
C TYR A 454 28.25 -1.62 48.62
N MET B 5 29.98 -20.27 -17.06
CA MET B 5 28.93 -19.28 -17.27
C MET B 5 28.03 -19.12 -16.03
N ILE B 6 28.44 -18.28 -15.08
CA ILE B 6 28.01 -18.29 -13.67
C ILE B 6 27.19 -17.04 -13.35
N THR B 7 26.06 -17.21 -12.65
CA THR B 7 25.21 -16.12 -12.17
C THR B 7 24.86 -16.31 -10.71
N HIS B 8 24.99 -15.24 -9.94
CA HIS B 8 24.74 -15.27 -8.50
C HIS B 8 23.35 -14.72 -8.26
N ILE B 9 22.37 -15.60 -8.08
CA ILE B 9 21.00 -15.18 -7.76
C ILE B 9 20.90 -14.91 -6.27
N SER B 10 20.39 -13.73 -5.92
CA SER B 10 19.95 -13.49 -4.55
C SER B 10 18.56 -14.08 -4.30
N PRO B 11 18.18 -14.22 -3.00
CA PRO B 11 16.85 -14.74 -2.66
C PRO B 11 15.74 -13.77 -3.03
N LEU B 12 14.66 -14.34 -3.53
CA LEU B 12 13.39 -13.66 -3.74
C LEU B 12 12.27 -14.54 -3.21
N GLY B 13 11.39 -13.97 -2.45
CA GLY B 13 10.28 -14.80 -1.98
C GLY B 13 10.54 -15.63 -0.76
N SER B 14 11.65 -16.33 -0.72
CA SER B 14 11.94 -17.22 0.39
C SER B 14 13.39 -17.11 0.84
N MET B 15 13.67 -17.63 2.02
CA MET B 15 15.03 -17.79 2.54
C MET B 15 15.78 -16.45 2.66
N ASP B 16 15.01 -15.36 2.84
CA ASP B 16 15.55 -13.99 2.89
C ASP B 16 16.28 -13.70 4.20
N MET B 17 15.62 -13.90 5.34
CA MET B 17 16.24 -13.81 6.66
C MET B 17 16.69 -15.17 7.11
N LEU B 18 17.89 -15.55 6.73
CA LEU B 18 18.41 -16.83 7.17
C LEU B 18 19.42 -16.55 8.31
N SER B 19 19.55 -17.47 9.26
CA SER B 19 20.56 -17.28 10.31
C SER B 19 21.88 -17.80 9.79
N GLN B 20 22.97 -17.43 10.48
CA GLN B 20 24.25 -17.94 10.01
C GLN B 20 24.37 -19.45 10.20
N LEU B 21 23.72 -20.03 11.23
CA LEU B 21 23.78 -21.48 11.47
C LEU B 21 22.96 -22.25 10.43
N GLU B 22 21.80 -21.72 10.08
CA GLU B 22 20.98 -22.34 9.06
C GLU B 22 21.71 -22.37 7.74
N VAL B 23 22.32 -21.24 7.39
CA VAL B 23 23.10 -21.16 6.16
C VAL B 23 24.08 -22.33 6.10
N ASP B 24 24.68 -22.69 7.25
CA ASP B 24 25.62 -23.81 7.26
C ASP B 24 24.91 -25.14 7.00
N MET B 25 23.75 -25.35 7.61
CA MET B 25 22.99 -26.57 7.33
C MET B 25 22.52 -26.65 5.88
N LEU B 26 22.17 -25.52 5.28
CA LEU B 26 21.82 -25.56 3.86
C LEU B 26 23.01 -25.93 3.01
N LYS B 27 24.20 -25.45 3.36
CA LYS B 27 25.36 -25.80 2.55
C LYS B 27 25.71 -27.28 2.72
N ARG B 28 25.67 -27.79 3.96
CA ARG B 28 25.87 -29.23 4.18
C ARG B 28 24.92 -30.06 3.35
N THR B 29 23.62 -29.81 3.49
CA THR B 29 22.66 -30.63 2.81
C THR B 29 22.85 -30.54 1.29
N ALA B 30 23.33 -29.40 0.80
CA ALA B 30 23.55 -29.22 -0.64
C ALA B 30 24.80 -29.95 -1.18
N SER B 31 25.72 -30.36 -0.31
CA SER B 31 26.81 -31.24 -0.71
C SER B 31 26.45 -32.70 -0.59
N SER B 32 25.45 -33.00 0.23
CA SER B 32 24.98 -34.35 0.51
C SER B 32 24.37 -34.97 -0.74
N ASP B 33 23.99 -36.25 -0.64
CA ASP B 33 23.43 -37.04 -1.75
C ASP B 33 22.12 -36.47 -2.27
N LEU B 34 21.53 -35.58 -1.50
CA LEU B 34 20.42 -34.78 -1.95
C LEU B 34 20.79 -33.84 -3.08
N TYR B 35 22.08 -33.64 -3.34
CA TYR B 35 22.44 -32.64 -4.34
C TYR B 35 21.60 -32.79 -5.59
N GLN B 36 21.64 -33.98 -6.20
CA GLN B 36 21.04 -34.11 -7.51
C GLN B 36 19.56 -33.74 -7.47
N LEU B 37 18.83 -34.21 -6.44
CA LEU B 37 17.44 -33.81 -6.29
C LEU B 37 17.30 -32.30 -6.24
N PHE B 38 18.14 -31.63 -5.45
CA PHE B 38 18.14 -30.16 -5.42
C PHE B 38 18.60 -29.58 -6.74
N ARG B 39 19.47 -30.29 -7.44
CA ARG B 39 19.87 -29.82 -8.76
C ARG B 39 18.67 -29.82 -9.68
N ASN B 40 18.01 -30.97 -9.80
CA ASN B 40 17.04 -31.22 -10.87
C ASN B 40 15.76 -30.43 -10.63
N CYS B 41 15.24 -30.47 -9.41
CA CYS B 41 14.13 -29.60 -9.05
C CYS B 41 14.45 -28.14 -9.43
N SER B 42 15.74 -27.74 -9.32
CA SER B 42 16.18 -26.37 -9.58
C SER B 42 16.34 -26.13 -11.06
N LEU B 43 16.79 -27.13 -11.79
CA LEU B 43 16.79 -27.01 -13.25
C LEU B 43 15.37 -27.03 -13.80
N ALA B 44 14.47 -27.81 -13.21
CA ALA B 44 13.09 -27.82 -13.68
C ALA B 44 12.49 -26.44 -13.60
N VAL B 45 12.59 -25.85 -12.43
CA VAL B 45 12.02 -24.54 -12.21
C VAL B 45 12.51 -23.56 -13.25
N LEU B 46 13.81 -23.58 -13.56
CA LEU B 46 14.42 -22.70 -14.54
C LEU B 46 13.93 -22.96 -15.96
N ASN B 47 13.13 -24.01 -16.15
CA ASN B 47 12.68 -24.50 -17.44
C ASN B 47 11.16 -24.56 -17.53
N SER B 48 10.46 -23.79 -16.70
CA SER B 48 9.01 -23.71 -16.80
C SER B 48 8.63 -23.12 -18.15
N GLY B 49 7.66 -23.74 -18.82
CA GLY B 49 7.33 -23.35 -20.17
C GLY B 49 7.90 -24.27 -21.23
N SER B 50 7.72 -25.58 -21.02
CA SER B 50 8.26 -26.63 -21.90
C SER B 50 7.68 -26.53 -23.33
N LEU B 59 15.92 -31.39 -19.71
CA LEU B 59 16.45 -32.03 -18.50
C LEU B 59 17.75 -32.70 -18.90
N SER B 60 17.57 -33.55 -19.89
CA SER B 60 18.62 -34.36 -20.48
C SER B 60 19.43 -33.55 -21.46
N ARG B 61 19.04 -32.29 -21.68
CA ARG B 61 19.80 -31.42 -22.54
C ARG B 61 20.77 -30.56 -21.76
N PHE B 62 20.53 -30.40 -20.46
CA PHE B 62 21.24 -29.41 -19.64
C PHE B 62 22.14 -30.08 -18.60
N GLU B 63 22.79 -31.18 -18.99
CA GLU B 63 23.69 -31.92 -18.11
C GLU B 63 24.88 -31.08 -17.62
N ASN B 64 25.15 -29.95 -18.27
CA ASN B 64 26.16 -28.99 -17.82
C ASN B 64 25.71 -28.19 -16.62
N PHE B 65 24.40 -28.05 -16.42
CA PHE B 65 23.88 -27.21 -15.36
C PHE B 65 24.26 -27.75 -14.00
N ASP B 66 24.60 -26.85 -13.09
CA ASP B 66 24.91 -27.23 -11.72
C ASP B 66 24.68 -25.99 -10.91
N ILE B 67 24.17 -26.17 -9.70
CA ILE B 67 23.74 -25.07 -8.84
C ILE B 67 24.43 -25.27 -7.51
N ASN B 68 25.20 -24.27 -7.09
CA ASN B 68 25.98 -24.34 -5.85
C ASN B 68 25.41 -23.33 -4.84
N VAL B 69 25.28 -23.74 -3.59
CA VAL B 69 24.82 -22.78 -2.58
C VAL B 69 26.03 -21.99 -2.09
N LEU B 70 25.83 -20.69 -1.78
CA LEU B 70 26.89 -19.75 -1.46
C LEU B 70 26.66 -19.07 -0.11
N ARG B 71 27.62 -19.20 0.78
CA ARG B 71 27.49 -18.68 2.14
C ARG B 71 27.91 -17.22 2.16
N ARG B 72 27.01 -16.35 2.55
CA ARG B 72 27.42 -15.01 2.94
C ARG B 72 27.01 -14.80 4.39
N GLU B 73 27.60 -13.78 5.02
CA GLU B 73 27.28 -13.52 6.42
C GLU B 73 25.79 -13.33 6.60
N ARG B 74 25.19 -12.53 5.74
CA ARG B 74 23.77 -12.21 5.85
C ARG B 74 22.89 -13.45 5.69
N GLY B 75 23.00 -14.10 4.55
CA GLY B 75 22.16 -15.24 4.23
C GLY B 75 22.78 -16.07 3.12
N VAL B 76 21.92 -16.69 2.32
CA VAL B 76 22.43 -17.54 1.26
C VAL B 76 22.15 -16.87 -0.07
N LYS B 77 22.87 -17.35 -1.11
CA LYS B 77 22.77 -16.95 -2.50
C LYS B 77 22.90 -18.22 -3.32
N LEU B 78 22.25 -18.25 -4.46
CA LEU B 78 22.33 -19.44 -5.31
C LEU B 78 23.19 -19.12 -6.54
N GLU B 79 24.11 -20.02 -6.86
CA GLU B 79 24.99 -19.84 -8.00
C GLU B 79 24.55 -20.77 -9.12
N LEU B 80 24.33 -20.21 -10.30
CA LEU B 80 23.79 -20.95 -11.45
C LEU B 80 24.86 -21.18 -12.51
N ILE B 81 25.35 -22.41 -12.61
CA ILE B 81 26.38 -22.79 -13.57
C ILE B 81 25.77 -23.39 -14.81
N ASN B 82 26.04 -22.74 -15.94
CA ASN B 82 25.42 -23.08 -17.21
C ASN B 82 23.91 -23.25 -17.11
N PRO B 83 23.21 -22.30 -16.52
CA PRO B 83 21.78 -22.40 -16.42
C PRO B 83 21.16 -22.24 -17.79
N PRO B 84 19.87 -22.47 -17.94
CA PRO B 84 19.19 -22.33 -19.24
C PRO B 84 18.94 -20.85 -19.54
N GLU B 85 19.35 -20.41 -20.71
CA GLU B 85 19.43 -18.98 -20.93
C GLU B 85 18.06 -18.33 -21.00
N GLU B 86 17.04 -19.09 -21.37
CA GLU B 86 15.70 -18.54 -21.50
C GLU B 86 15.11 -18.09 -20.15
N ALA B 87 15.74 -18.45 -19.03
CA ALA B 87 15.28 -17.97 -17.74
C ALA B 87 15.77 -16.57 -17.45
N PHE B 88 16.51 -15.96 -18.39
CA PHE B 88 17.11 -14.64 -18.22
C PHE B 88 16.68 -13.70 -19.35
N VAL B 89 16.29 -12.49 -18.99
CA VAL B 89 15.86 -11.48 -19.92
C VAL B 89 16.81 -10.32 -19.79
N ASP B 90 17.78 -10.22 -20.70
CA ASP B 90 18.78 -9.15 -20.73
C ASP B 90 19.75 -9.29 -19.58
N GLY B 91 20.05 -10.52 -19.18
CA GLY B 91 20.92 -10.64 -18.02
C GLY B 91 20.35 -11.04 -16.66
N ARG B 92 19.19 -10.50 -16.33
CA ARG B 92 18.59 -10.75 -15.04
C ARG B 92 17.68 -11.96 -15.15
N ILE B 93 17.60 -12.72 -14.06
CA ILE B 93 16.71 -13.88 -14.02
C ILE B 93 15.27 -13.42 -13.84
N ILE B 94 14.37 -14.00 -14.63
CA ILE B 94 12.95 -13.65 -14.54
C ILE B 94 12.48 -13.78 -13.10
N ARG B 95 11.79 -12.75 -12.58
CA ARG B 95 11.52 -12.74 -11.14
C ARG B 95 10.77 -13.98 -10.71
N ALA B 96 9.70 -14.34 -11.41
CA ALA B 96 8.97 -15.54 -11.02
C ALA B 96 9.89 -16.77 -10.93
N LEU B 97 10.72 -16.98 -11.96
CA LEU B 97 11.57 -18.17 -11.97
C LEU B 97 12.58 -18.12 -10.84
N GLN B 98 13.09 -16.92 -10.55
CA GLN B 98 14.01 -16.75 -9.44
C GLN B 98 13.36 -17.16 -8.12
N ALA B 99 12.07 -16.86 -7.98
CA ALA B 99 11.41 -17.12 -6.72
C ALA B 99 11.07 -18.59 -6.60
N ASN B 100 10.64 -19.17 -7.71
CA ASN B 100 10.47 -20.60 -7.72
C ASN B 100 11.79 -21.27 -7.40
N LEU B 101 12.87 -20.72 -7.93
CA LEU B 101 14.17 -21.31 -7.64
C LEU B 101 14.38 -21.40 -6.11
N PHE B 102 14.11 -20.31 -5.40
CA PHE B 102 14.38 -20.32 -3.98
C PHE B 102 13.31 -21.09 -3.21
N ALA B 103 12.11 -21.16 -3.73
CA ALA B 103 11.16 -22.08 -3.14
C ALA B 103 11.64 -23.53 -3.22
N VAL B 104 12.41 -23.89 -4.26
CA VAL B 104 12.89 -25.26 -4.32
C VAL B 104 13.93 -25.51 -3.25
N LEU B 105 14.86 -24.58 -3.10
CA LEU B 105 15.82 -24.69 -2.00
C LEU B 105 15.11 -24.84 -0.66
N ARG B 106 14.11 -23.99 -0.45
CA ARG B 106 13.34 -24.05 0.78
C ARG B 106 12.76 -25.44 0.98
N ASP B 107 11.92 -25.93 0.05
CA ASP B 107 11.25 -27.20 0.30
C ASP B 107 12.06 -28.45 0.01
N ILE B 108 13.23 -28.34 -0.65
CA ILE B 108 14.14 -29.49 -0.84
C ILE B 108 15.28 -29.48 0.17
N LEU B 109 16.11 -28.45 0.16
CA LEU B 109 17.25 -28.51 1.07
C LEU B 109 16.86 -28.19 2.50
N PHE B 110 16.03 -27.19 2.67
CA PHE B 110 15.67 -26.76 4.01
C PHE B 110 14.75 -27.76 4.69
N VAL B 111 13.62 -28.03 4.04
CA VAL B 111 12.52 -28.85 4.54
C VAL B 111 12.96 -30.30 4.64
N TYR B 112 13.07 -30.94 3.48
CA TYR B 112 13.33 -32.37 3.43
C TYR B 112 14.59 -32.74 4.17
N GLY B 113 15.58 -31.85 4.20
CA GLY B 113 16.73 -32.10 5.04
C GLY B 113 16.38 -32.08 6.51
N GLN B 114 15.76 -31.00 6.96
CA GLN B 114 15.56 -30.80 8.38
C GLN B 114 14.73 -31.90 9.05
N ILE B 115 13.79 -32.53 8.34
CA ILE B 115 12.92 -33.53 8.97
C ILE B 115 13.65 -34.81 9.29
N HIS B 116 14.87 -34.96 8.80
CA HIS B 116 15.73 -36.09 9.17
C HIS B 116 16.85 -35.68 10.13
N ASN B 117 17.14 -34.39 10.25
CA ASN B 117 18.15 -33.87 11.19
C ASN B 117 17.65 -32.61 11.92
N ARG B 120 19.21 -33.24 16.25
CA ARG B 120 18.14 -33.27 15.27
C ARG B 120 16.78 -32.93 15.92
N PHE B 121 15.70 -33.11 15.16
CA PHE B 121 14.33 -32.92 15.66
C PHE B 121 14.01 -33.90 16.77
N PRO B 122 13.85 -33.43 18.01
CA PRO B 122 13.75 -34.36 19.14
C PRO B 122 12.75 -35.49 18.92
N ASN B 123 11.47 -35.16 18.81
CA ASN B 123 10.41 -36.17 18.75
C ASN B 123 9.50 -35.87 17.56
N LEU B 124 10.02 -36.12 16.36
CA LEU B 124 9.21 -36.05 15.17
C LEU B 124 8.89 -37.49 14.79
N ASN B 125 7.77 -37.99 15.30
CA ASN B 125 7.41 -39.39 15.08
C ASN B 125 7.33 -39.71 13.61
N LEU B 126 6.74 -38.83 12.83
CA LEU B 126 6.59 -38.97 11.40
C LEU B 126 5.67 -40.14 11.13
N ASP B 127 5.12 -40.75 12.18
CA ASP B 127 4.10 -41.77 12.09
C ASP B 127 2.84 -41.43 12.88
N ASN B 128 2.96 -40.53 13.87
CA ASN B 128 1.80 -39.96 14.54
C ASN B 128 1.05 -39.08 13.58
N SER B 129 -0.13 -39.51 13.18
CA SER B 129 -0.91 -38.68 12.27
C SER B 129 -1.05 -37.26 12.79
N VAL B 130 -0.90 -37.02 14.10
CA VAL B 130 -0.88 -35.65 14.58
C VAL B 130 0.35 -34.93 14.06
N HIS B 131 1.52 -35.46 14.41
CA HIS B 131 2.74 -34.87 13.90
C HIS B 131 2.60 -34.63 12.42
N ILE B 132 2.20 -35.67 11.66
CA ILE B 132 2.09 -35.54 10.20
C ILE B 132 1.23 -34.34 9.82
N THR B 133 0.12 -34.11 10.51
CA THR B 133 -0.61 -32.95 10.04
C THR B 133 0.04 -31.66 10.48
N ASN B 134 0.54 -31.58 11.71
CA ASN B 134 1.23 -30.36 12.12
C ASN B 134 2.42 -30.04 11.25
N LEU B 135 3.04 -31.05 10.67
CA LEU B 135 4.13 -30.78 9.76
C LEU B 135 3.59 -30.07 8.51
N VAL B 136 2.57 -30.67 7.87
CA VAL B 136 2.01 -30.07 6.67
C VAL B 136 1.59 -28.64 6.92
N PHE B 137 1.14 -28.32 8.14
CA PHE B 137 0.88 -26.93 8.51
C PHE B 137 2.18 -26.15 8.55
N SER B 138 3.15 -26.67 9.28
CA SER B 138 4.42 -25.97 9.35
C SER B 138 4.94 -25.63 7.94
N ILE B 139 4.98 -26.65 7.06
CA ILE B 139 5.50 -26.44 5.71
C ILE B 139 4.74 -25.34 5.02
N LEU B 140 3.43 -25.32 5.17
CA LEU B 140 2.73 -24.29 4.46
C LEU B 140 3.04 -22.94 5.07
N ARG B 141 3.19 -22.91 6.39
CA ARG B 141 3.48 -21.67 7.06
C ARG B 141 4.83 -21.11 6.61
N ASN B 142 5.87 -21.96 6.60
CA ASN B 142 7.18 -21.52 6.14
C ASN B 142 7.15 -20.99 4.71
N ALA B 143 6.27 -21.55 3.86
CA ALA B 143 6.10 -21.11 2.49
C ALA B 143 5.27 -19.84 2.38
N ARG B 144 4.92 -19.24 3.51
CA ARG B 144 4.08 -18.05 3.59
C ARG B 144 2.84 -18.18 2.71
N ALA B 145 2.15 -19.33 2.87
CA ALA B 145 0.95 -19.66 2.13
C ALA B 145 -0.31 -19.58 2.97
N LEU B 146 -0.22 -19.64 4.28
CA LEU B 146 -1.39 -19.52 5.18
C LEU B 146 -1.50 -18.06 5.62
N HIS B 147 -2.25 -17.28 4.85
CA HIS B 147 -2.46 -15.87 5.18
C HIS B 147 -3.45 -15.73 6.35
N VAL B 148 -3.08 -14.99 7.39
CA VAL B 148 -3.99 -14.80 8.51
C VAL B 148 -5.13 -13.86 8.13
N GLY B 149 -6.31 -14.12 8.68
CA GLY B 149 -7.47 -13.28 8.37
C GLY B 149 -7.77 -13.17 6.89
N GLU B 150 -7.57 -14.25 6.15
CA GLU B 150 -7.91 -14.36 4.74
C GLU B 150 -9.30 -14.96 4.63
N ALA B 151 -10.25 -14.22 4.04
CA ALA B 151 -11.55 -14.85 3.76
C ALA B 151 -11.41 -15.97 2.73
N PRO B 152 -12.18 -17.06 2.84
CA PRO B 152 -11.87 -18.24 1.98
C PRO B 152 -12.08 -17.95 0.50
N ASN B 153 -11.02 -18.11 -0.30
CA ASN B 153 -11.17 -17.97 -1.75
C ASN B 153 -10.55 -19.08 -2.58
N MET B 154 -9.96 -20.11 -1.97
CA MET B 154 -9.11 -21.01 -2.75
C MET B 154 -9.86 -22.20 -3.28
N VAL B 155 -9.67 -22.49 -4.56
CA VAL B 155 -10.33 -23.59 -5.25
C VAL B 155 -9.25 -24.54 -5.69
N VAL B 156 -9.02 -25.59 -4.93
CA VAL B 156 -8.07 -26.58 -5.38
C VAL B 156 -8.64 -27.23 -6.62
N CYS B 157 -7.95 -27.10 -7.75
CA CYS B 157 -8.35 -27.76 -9.00
C CYS B 157 -7.52 -29.01 -9.26
N TRP B 158 -8.22 -30.05 -9.66
CA TRP B 158 -7.55 -31.28 -10.03
C TRP B 158 -7.87 -31.63 -11.49
N GLY B 159 -6.86 -32.07 -12.23
CA GLY B 159 -7.06 -32.37 -13.65
C GLY B 159 -5.96 -33.25 -14.19
N GLY B 160 -6.14 -33.72 -15.43
CA GLY B 160 -5.15 -34.57 -16.07
C GLY B 160 -4.10 -33.72 -16.76
N HIS B 161 -2.90 -34.27 -16.90
CA HIS B 161 -1.81 -33.48 -17.49
C HIS B 161 -1.78 -33.58 -19.01
N SER B 162 -2.04 -34.74 -19.58
CA SER B 162 -2.31 -34.82 -21.01
C SER B 162 -3.81 -34.62 -21.17
N ILE B 163 -4.21 -33.52 -21.80
CA ILE B 163 -5.62 -33.30 -22.00
C ILE B 163 -5.84 -32.61 -23.32
N ASN B 164 -7.06 -32.79 -23.84
CA ASN B 164 -7.52 -32.32 -25.12
C ASN B 164 -7.59 -30.81 -25.20
N GLU B 165 -7.42 -30.29 -26.40
CA GLU B 165 -7.53 -28.85 -26.54
C GLU B 165 -8.89 -28.36 -26.10
N ASN B 166 -9.91 -29.21 -26.21
CA ASN B 166 -11.25 -28.85 -25.77
C ASN B 166 -11.37 -28.93 -24.27
N GLU B 167 -10.94 -30.04 -23.69
CA GLU B 167 -10.80 -30.06 -22.25
C GLU B 167 -10.02 -28.87 -21.75
N TYR B 168 -8.92 -28.51 -22.41
CA TYR B 168 -8.17 -27.33 -22.00
C TYR B 168 -9.04 -26.05 -22.12
N LEU B 169 -9.58 -25.78 -23.33
CA LEU B 169 -10.41 -24.59 -23.52
C LEU B 169 -11.57 -24.55 -22.53
N TYR B 170 -12.14 -25.72 -22.21
CA TYR B 170 -13.17 -25.75 -21.17
C TYR B 170 -12.60 -25.38 -19.80
N ALA B 171 -11.44 -25.92 -19.42
CA ALA B 171 -10.92 -25.62 -18.09
C ALA B 171 -10.45 -24.18 -17.99
N ARG B 172 -9.96 -23.62 -19.09
CA ARG B 172 -9.64 -22.21 -19.09
C ARG B 172 -10.89 -21.38 -18.77
N ARG B 173 -12.01 -21.72 -19.41
CA ARG B 173 -13.27 -21.00 -19.18
C ARG B 173 -13.69 -21.12 -17.72
N VAL B 174 -13.63 -22.32 -17.11
CA VAL B 174 -13.91 -22.46 -15.68
C VAL B 174 -12.98 -21.56 -14.87
N GLY B 175 -11.68 -21.58 -15.20
CA GLY B 175 -10.75 -20.68 -14.57
C GLY B 175 -11.25 -19.26 -14.70
N ASN B 176 -11.50 -18.81 -15.94
CA ASN B 176 -11.92 -17.43 -16.14
C ASN B 176 -13.14 -17.06 -15.28
N GLN B 177 -14.09 -18.00 -15.12
CA GLN B 177 -15.26 -17.68 -14.30
C GLN B 177 -14.94 -17.66 -12.82
N LEU B 178 -14.02 -18.51 -12.40
CA LEU B 178 -13.56 -18.44 -11.04
C LEU B 178 -12.95 -17.07 -10.77
N GLY B 179 -12.10 -16.60 -11.69
CA GLY B 179 -11.42 -15.34 -11.49
C GLY B 179 -12.36 -14.17 -11.56
N LEU B 180 -13.40 -14.27 -12.40
CA LEU B 180 -14.44 -13.26 -12.40
C LEU B 180 -15.24 -13.21 -11.09
N ARG B 181 -15.08 -14.21 -10.25
CA ARG B 181 -15.69 -14.21 -8.94
C ARG B 181 -14.63 -14.08 -7.84
N GLU B 182 -13.45 -13.56 -8.17
CA GLU B 182 -12.44 -13.25 -7.15
C GLU B 182 -12.04 -14.47 -6.35
N LEU B 183 -11.76 -15.55 -7.04
CA LEU B 183 -11.29 -16.77 -6.39
C LEU B 183 -9.86 -17.03 -6.83
N ASN B 184 -9.06 -17.75 -6.02
CA ASN B 184 -7.68 -18.12 -6.36
C ASN B 184 -7.58 -19.63 -6.65
N ILE B 185 -6.45 -20.09 -7.20
CA ILE B 185 -6.38 -21.47 -7.66
C ILE B 185 -5.14 -22.20 -7.15
N CYS B 186 -5.31 -23.48 -6.92
CA CYS B 186 -4.22 -24.31 -6.44
C CYS B 186 -4.23 -25.63 -7.19
N THR B 187 -3.22 -25.89 -7.99
CA THR B 187 -3.25 -27.07 -8.83
C THR B 187 -2.00 -27.86 -8.49
N GLY B 188 -1.74 -28.87 -9.31
CA GLY B 188 -0.61 -29.75 -9.15
C GLY B 188 0.72 -29.18 -9.62
N CYS B 189 0.78 -27.91 -9.99
CA CYS B 189 2.03 -27.38 -10.48
C CYS B 189 2.52 -28.21 -11.65
N GLY B 190 1.92 -28.02 -12.80
CA GLY B 190 2.18 -28.89 -13.91
C GLY B 190 1.40 -28.36 -15.07
N PRO B 191 1.28 -29.17 -16.07
CA PRO B 191 0.65 -28.72 -17.32
C PRO B 191 -0.80 -29.15 -17.50
N GLY B 192 -1.34 -28.98 -18.71
CA GLY B 192 -2.69 -29.44 -18.98
C GLY B 192 -3.68 -28.83 -18.01
N ALA B 193 -4.45 -29.67 -17.32
CA ALA B 193 -5.54 -29.14 -16.50
C ALA B 193 -5.06 -28.35 -15.28
N MET B 194 -3.81 -28.55 -14.82
CA MET B 194 -3.27 -27.78 -13.70
C MET B 194 -2.80 -26.40 -14.15
N GLU B 195 -2.59 -26.23 -15.45
CA GLU B 195 -2.21 -24.91 -15.91
C GLU B 195 -3.44 -24.08 -16.32
N ALA B 196 -4.42 -24.72 -16.97
CA ALA B 196 -5.49 -24.02 -17.70
C ALA B 196 -6.48 -23.27 -16.81
N PRO B 197 -6.87 -23.79 -15.64
CA PRO B 197 -7.64 -22.96 -14.71
C PRO B 197 -6.87 -21.73 -14.29
N MET B 198 -5.59 -21.84 -13.94
CA MET B 198 -4.82 -20.63 -13.64
C MET B 198 -4.87 -19.66 -14.81
N LYS B 199 -4.56 -20.16 -16.01
CA LYS B 199 -4.55 -19.28 -17.18
C LYS B 199 -5.88 -18.54 -17.31
N GLY B 200 -6.99 -19.26 -17.22
CA GLY B 200 -8.27 -18.61 -17.36
C GLY B 200 -8.63 -17.71 -16.19
N ALA B 201 -8.26 -18.10 -14.97
CA ALA B 201 -8.60 -17.27 -13.83
C ALA B 201 -7.92 -15.92 -13.92
N ALA B 202 -6.64 -15.93 -14.29
CA ALA B 202 -5.90 -14.69 -14.43
C ALA B 202 -6.67 -13.67 -15.25
N VAL B 203 -7.27 -14.11 -16.34
CA VAL B 203 -7.93 -13.16 -17.22
C VAL B 203 -9.16 -12.57 -16.54
N GLY B 204 -9.86 -13.39 -15.77
CA GLY B 204 -10.96 -12.87 -15.00
C GLY B 204 -10.49 -11.93 -13.92
N HIS B 205 -9.52 -12.36 -13.12
CA HIS B 205 -9.01 -11.46 -12.10
C HIS B 205 -8.82 -10.07 -12.66
N ALA B 206 -8.18 -9.99 -13.82
CA ALA B 206 -7.83 -8.71 -14.41
C ALA B 206 -9.07 -7.88 -14.66
N GLN B 207 -10.04 -8.47 -15.35
CA GLN B 207 -11.28 -7.77 -15.68
C GLN B 207 -11.97 -7.23 -14.45
N GLN B 208 -11.78 -7.85 -13.30
CA GLN B 208 -12.47 -7.40 -12.09
C GLN B 208 -11.55 -6.59 -11.20
N ARG B 209 -10.40 -6.15 -11.71
CA ARG B 209 -9.42 -5.39 -10.95
C ARG B 209 -8.93 -6.11 -9.72
N TYR B 210 -8.90 -7.45 -9.75
CA TYR B 210 -8.35 -8.17 -8.61
C TYR B 210 -6.87 -7.95 -8.59
N LYS B 211 -6.35 -7.54 -7.42
CA LYS B 211 -4.96 -7.14 -7.37
C LYS B 211 -4.03 -8.31 -7.06
N ASP B 212 -4.27 -8.98 -5.95
CA ASP B 212 -3.33 -9.99 -5.49
C ASP B 212 -3.86 -11.35 -5.84
N SER B 213 -3.35 -11.90 -6.93
CA SER B 213 -3.73 -13.24 -7.35
C SER B 213 -2.82 -14.27 -6.68
N ARG B 214 -3.44 -15.31 -6.13
CA ARG B 214 -2.71 -16.47 -5.64
C ARG B 214 -2.91 -17.62 -6.62
N PHE B 215 -1.82 -18.28 -6.98
CA PHE B 215 -1.87 -19.35 -7.95
C PHE B 215 -0.96 -20.49 -7.49
N ILE B 216 -1.28 -21.07 -6.35
CA ILE B 216 -0.41 -22.06 -5.75
C ILE B 216 -0.24 -23.25 -6.66
N GLY B 217 0.96 -23.81 -6.66
CA GLY B 217 1.20 -25.06 -7.33
C GLY B 217 1.71 -26.01 -6.27
N MET B 218 0.98 -27.08 -6.01
CA MET B 218 1.31 -28.09 -4.99
C MET B 218 1.85 -29.35 -5.63
N THR B 219 3.12 -29.65 -5.41
CA THR B 219 3.77 -30.77 -6.10
C THR B 219 4.73 -31.47 -5.13
N GLU B 220 5.52 -32.38 -5.67
CA GLU B 220 6.35 -33.22 -4.84
C GLU B 220 7.67 -33.43 -5.55
N PRO B 221 8.72 -33.82 -4.81
CA PRO B 221 10.05 -33.86 -5.41
C PRO B 221 10.12 -34.76 -6.63
N SER B 222 9.56 -35.96 -6.56
CA SER B 222 9.66 -36.83 -7.71
C SER B 222 8.98 -36.23 -8.94
N ILE B 223 7.81 -35.59 -8.75
CA ILE B 223 7.09 -35.00 -9.88
C ILE B 223 7.86 -33.82 -10.47
N ILE B 224 8.31 -32.90 -9.63
CA ILE B 224 8.86 -31.68 -10.17
C ILE B 224 10.18 -31.91 -10.88
N ALA B 225 10.84 -33.04 -10.65
CA ALA B 225 12.08 -33.31 -11.38
C ALA B 225 11.83 -33.49 -12.88
N ALA B 226 10.74 -34.13 -13.31
CA ALA B 226 10.46 -34.30 -14.73
C ALA B 226 9.31 -33.42 -15.25
N GLU B 227 8.55 -32.76 -14.36
CA GLU B 227 7.45 -31.86 -14.75
C GLU B 227 7.69 -30.44 -14.24
N PRO B 228 8.21 -29.54 -15.06
CA PRO B 228 8.37 -28.18 -14.63
C PRO B 228 7.05 -27.62 -14.18
N PRO B 229 7.09 -26.64 -13.31
CA PRO B 229 5.93 -25.79 -13.10
C PRO B 229 5.45 -25.15 -14.41
N ASN B 230 4.16 -24.91 -14.49
CA ASN B 230 3.67 -24.02 -15.53
C ASN B 230 4.02 -22.59 -15.15
N PRO B 231 4.17 -21.70 -16.16
CA PRO B 231 4.64 -20.33 -15.87
C PRO B 231 3.65 -19.48 -15.09
N LEU B 232 2.41 -19.98 -14.91
CA LEU B 232 1.36 -19.24 -14.18
C LEU B 232 1.53 -19.28 -12.68
N VAL B 233 2.14 -20.34 -12.16
CA VAL B 233 2.23 -20.47 -10.71
C VAL B 233 3.05 -19.33 -10.14
N ASN B 234 2.57 -18.76 -9.03
CA ASN B 234 3.35 -17.76 -8.33
C ASN B 234 3.59 -18.18 -6.90
N GLU B 235 3.09 -19.32 -6.49
CA GLU B 235 3.46 -19.92 -5.21
C GLU B 235 3.73 -21.37 -5.45
N LEU B 236 4.95 -21.80 -5.22
CA LEU B 236 5.36 -23.16 -5.51
C LEU B 236 5.67 -23.89 -4.21
N ILE B 237 4.87 -24.90 -3.85
CA ILE B 237 5.07 -25.68 -2.64
C ILE B 237 5.43 -27.09 -3.05
N ILE B 238 6.57 -27.58 -2.57
CA ILE B 238 7.02 -28.93 -2.86
C ILE B 238 6.82 -29.73 -1.58
N MET B 239 5.63 -30.31 -1.48
CA MET B 239 5.38 -31.22 -0.38
C MET B 239 6.15 -32.52 -0.60
N PRO B 240 6.73 -33.09 0.47
CA PRO B 240 7.67 -34.22 0.31
C PRO B 240 7.08 -35.42 -0.43
N ASP B 241 5.94 -35.94 0.05
CA ASP B 241 5.26 -37.12 -0.50
C ASP B 241 3.88 -36.74 -0.98
N ILE B 242 3.36 -37.54 -1.89
CA ILE B 242 2.03 -37.27 -2.34
C ILE B 242 1.02 -37.46 -1.19
N GLU B 243 1.39 -38.23 -0.13
CA GLU B 243 0.53 -38.40 1.03
C GLU B 243 0.35 -37.09 1.78
N LYS B 244 1.40 -36.29 1.79
CA LYS B 244 1.35 -34.94 2.32
C LYS B 244 0.82 -33.99 1.28
N ARG B 245 1.31 -34.08 0.07
CA ARG B 245 0.83 -33.16 -0.93
C ARG B 245 -0.68 -33.21 -1.01
N LEU B 246 -1.25 -34.40 -0.89
CA LEU B 246 -2.69 -34.57 -1.00
C LEU B 246 -3.40 -34.00 0.21
N GLU B 247 -2.91 -34.33 1.38
CA GLU B 247 -3.44 -33.76 2.59
C GLU B 247 -3.34 -32.24 2.57
N ALA B 248 -2.22 -31.69 2.08
CA ALA B 248 -2.09 -30.24 1.95
C ALA B 248 -3.15 -29.68 1.01
N PHE B 249 -3.37 -30.33 -0.14
CA PHE B 249 -4.44 -29.92 -1.06
C PHE B 249 -5.76 -29.71 -0.34
N VAL B 250 -6.15 -30.70 0.48
CA VAL B 250 -7.42 -30.73 1.20
C VAL B 250 -7.49 -29.66 2.27
N ARG B 251 -6.40 -29.44 3.02
CA ARG B 251 -6.50 -28.57 4.19
C ARG B 251 -6.55 -27.10 3.79
N ILE B 252 -5.82 -26.75 2.74
CA ILE B 252 -5.76 -25.36 2.32
C ILE B 252 -6.98 -25.01 1.51
N ALA B 253 -7.55 -25.97 0.81
CA ALA B 253 -8.64 -25.65 -0.09
C ALA B 253 -9.92 -25.31 0.70
N HIS B 254 -10.77 -24.56 0.05
CA HIS B 254 -12.14 -24.33 0.51
C HIS B 254 -13.14 -24.80 -0.52
N GLY B 255 -12.72 -25.69 -1.41
CA GLY B 255 -13.55 -26.07 -2.53
C GLY B 255 -12.71 -26.75 -3.60
N ILE B 256 -13.20 -27.81 -4.20
CA ILE B 256 -12.40 -28.65 -5.09
C ILE B 256 -13.18 -28.82 -6.36
N ILE B 257 -12.51 -28.78 -7.48
CA ILE B 257 -13.16 -29.00 -8.75
C ILE B 257 -12.32 -30.04 -9.45
N ILE B 258 -12.86 -31.22 -9.65
CA ILE B 258 -12.08 -32.32 -10.22
C ILE B 258 -12.44 -32.45 -11.68
N PHE B 259 -11.51 -32.06 -12.55
CA PHE B 259 -11.69 -32.17 -13.98
C PHE B 259 -11.48 -33.60 -14.48
N PRO B 260 -11.66 -33.79 -15.75
CA PRO B 260 -11.13 -34.97 -16.38
C PRO B 260 -9.64 -35.06 -16.21
N GLY B 261 -9.21 -36.07 -15.46
CA GLY B 261 -7.82 -36.42 -15.34
C GLY B 261 -7.58 -37.91 -15.53
N GLY B 262 -6.33 -38.27 -15.36
CA GLY B 262 -5.88 -39.64 -15.43
C GLY B 262 -5.86 -40.29 -14.07
N VAL B 263 -4.86 -41.16 -13.86
CA VAL B 263 -4.72 -41.91 -12.61
C VAL B 263 -4.35 -41.02 -11.45
N GLY B 264 -3.60 -39.97 -11.71
CA GLY B 264 -3.35 -39.03 -10.66
C GLY B 264 -4.64 -38.40 -10.22
N THR B 265 -5.37 -37.75 -11.15
CA THR B 265 -6.60 -37.04 -10.79
C THR B 265 -7.62 -38.00 -10.18
N ALA B 266 -7.82 -39.14 -10.84
CA ALA B 266 -8.55 -40.23 -10.21
C ALA B 266 -8.05 -40.45 -8.79
N GLU B 267 -6.77 -40.76 -8.63
CA GLU B 267 -6.27 -41.09 -7.29
C GLU B 267 -6.60 -40.02 -6.24
N ALA B 268 -6.55 -38.73 -6.63
CA ALA B 268 -6.89 -37.67 -5.68
C ALA B 268 -8.34 -37.78 -5.25
N LEU B 269 -9.21 -38.14 -6.19
CA LEU B 269 -10.61 -38.23 -5.87
C LEU B 269 -10.86 -39.22 -4.74
N LEU B 270 -10.32 -40.42 -4.84
CA LEU B 270 -10.47 -41.38 -3.76
C LEU B 270 -9.96 -40.84 -2.44
N TYR B 271 -8.84 -40.13 -2.49
CA TYR B 271 -8.35 -39.46 -1.29
C TYR B 271 -9.43 -38.58 -0.70
N LEU B 272 -9.96 -37.64 -1.50
CA LEU B 272 -11.08 -36.83 -1.03
C LEU B 272 -12.14 -37.73 -0.44
N LEU B 273 -12.69 -38.61 -1.28
CA LEU B 273 -13.89 -39.37 -0.92
C LEU B 273 -13.61 -40.23 0.29
N GLY B 274 -12.41 -40.75 0.40
CA GLY B 274 -12.05 -41.37 1.66
C GLY B 274 -12.24 -40.47 2.86
N ILE B 275 -11.82 -39.20 2.77
CA ILE B 275 -11.93 -38.28 3.90
C ILE B 275 -13.36 -37.78 4.08
N LEU B 276 -14.05 -37.51 2.96
CA LEU B 276 -15.38 -36.92 3.01
C LEU B 276 -16.39 -37.92 3.52
N MET B 277 -16.21 -39.20 3.21
CA MET B 277 -17.18 -40.17 3.65
C MET B 277 -17.02 -40.47 5.12
N ASN B 278 -15.84 -40.35 5.64
CA ASN B 278 -15.71 -40.53 7.07
C ASN B 278 -16.88 -39.88 7.82
N PRO B 279 -17.40 -40.55 8.83
CA PRO B 279 -18.49 -39.96 9.60
C PRO B 279 -18.06 -38.75 10.40
N ALA B 280 -16.80 -38.65 10.79
CA ALA B 280 -16.37 -37.52 11.60
C ALA B 280 -16.55 -36.21 10.83
N ASN B 281 -16.46 -36.28 9.51
CA ASN B 281 -16.53 -35.12 8.65
C ASN B 281 -17.92 -34.94 8.06
N LYS B 282 -18.96 -35.35 8.78
CA LYS B 282 -20.30 -35.19 8.24
C LYS B 282 -20.72 -33.73 8.28
N ASP B 283 -20.15 -32.94 9.19
CA ASP B 283 -20.50 -31.55 9.31
C ASP B 283 -19.49 -30.61 8.65
N GLN B 284 -18.40 -31.15 8.08
CA GLN B 284 -17.41 -30.32 7.39
C GLN B 284 -17.96 -29.86 6.05
N VAL B 285 -17.45 -28.69 5.60
CA VAL B 285 -17.92 -28.00 4.39
C VAL B 285 -16.75 -27.84 3.40
N LEU B 286 -16.83 -28.63 2.32
CA LEU B 286 -15.80 -28.67 1.28
C LEU B 286 -16.54 -29.09 0.02
N PRO B 287 -16.91 -28.16 -0.83
CA PRO B 287 -17.65 -28.54 -2.05
C PRO B 287 -16.77 -29.22 -3.09
N LEU B 288 -17.20 -30.37 -3.59
CA LEU B 288 -16.55 -31.06 -4.70
C LEU B 288 -17.45 -31.08 -5.93
N ILE B 289 -16.89 -30.69 -7.08
CA ILE B 289 -17.68 -30.52 -8.30
C ILE B 289 -16.84 -31.09 -9.40
N LEU B 290 -17.23 -32.25 -9.90
CA LEU B 290 -16.56 -32.77 -11.07
C LEU B 290 -17.20 -32.13 -12.29
N THR B 291 -16.42 -31.50 -13.13
CA THR B 291 -16.94 -30.90 -14.34
C THR B 291 -16.08 -31.23 -15.55
N GLY B 292 -16.65 -31.02 -16.73
CA GLY B 292 -15.94 -31.26 -17.96
C GLY B 292 -16.73 -30.69 -19.10
N PRO B 293 -16.16 -30.63 -20.32
CA PRO B 293 -16.93 -30.18 -21.49
C PRO B 293 -17.99 -31.20 -21.91
N LYS B 294 -18.76 -30.88 -22.97
CA LYS B 294 -19.86 -31.76 -23.39
C LYS B 294 -19.39 -33.17 -23.71
N GLU B 295 -18.19 -33.32 -24.26
CA GLU B 295 -17.67 -34.64 -24.61
C GLU B 295 -17.27 -35.45 -23.39
N SER B 296 -16.89 -34.79 -22.32
CA SER B 296 -16.45 -35.53 -21.15
C SER B 296 -17.58 -36.33 -20.52
N ALA B 297 -18.83 -36.07 -20.90
CA ALA B 297 -19.96 -36.74 -20.24
C ALA B 297 -19.75 -38.27 -20.16
N ASP B 298 -19.37 -38.90 -21.28
CA ASP B 298 -19.05 -40.33 -21.23
C ASP B 298 -17.98 -40.63 -20.20
N TYR B 299 -16.93 -39.81 -20.15
CA TYR B 299 -15.84 -40.07 -19.22
C TYR B 299 -16.34 -40.09 -17.79
N PHE B 300 -17.20 -39.13 -17.48
CA PHE B 300 -17.73 -39.02 -16.12
C PHE B 300 -18.69 -40.15 -15.83
N ARG B 301 -19.50 -40.53 -16.81
CA ARG B 301 -20.39 -41.69 -16.65
C ARG B 301 -19.62 -42.80 -15.99
N VAL B 302 -18.62 -43.34 -16.71
CA VAL B 302 -17.79 -44.44 -16.23
C VAL B 302 -17.22 -44.13 -14.87
N LEU B 303 -16.51 -43.02 -14.77
CA LEU B 303 -15.98 -42.61 -13.49
C LEU B 303 -17.06 -42.77 -12.42
N ASP B 304 -18.22 -42.13 -12.64
CA ASP B 304 -19.21 -42.10 -11.59
C ASP B 304 -19.66 -43.51 -11.24
N GLU B 305 -20.01 -44.29 -12.26
CA GLU B 305 -20.44 -45.65 -12.01
C GLU B 305 -19.38 -46.38 -11.21
N PHE B 306 -18.11 -46.21 -11.59
CA PHE B 306 -17.00 -46.84 -10.88
C PHE B 306 -17.01 -46.44 -9.41
N VAL B 307 -17.29 -45.16 -9.10
CA VAL B 307 -17.35 -44.75 -7.71
C VAL B 307 -18.56 -45.37 -7.03
N VAL B 308 -19.73 -45.24 -7.64
CA VAL B 308 -20.93 -45.82 -7.06
C VAL B 308 -20.67 -47.26 -6.67
N HIS B 309 -20.06 -48.03 -7.57
CA HIS B 309 -19.88 -49.45 -7.33
C HIS B 309 -18.83 -49.75 -6.27
N THR B 310 -17.80 -48.93 -6.18
CA THR B 310 -16.74 -49.19 -5.20
C THR B 310 -17.11 -48.71 -3.80
N LEU B 311 -17.83 -47.61 -3.73
CA LEU B 311 -18.06 -46.91 -2.47
C LEU B 311 -19.53 -46.83 -2.06
N GLY B 312 -20.43 -46.76 -3.04
CA GLY B 312 -21.86 -46.73 -2.81
C GLY B 312 -22.52 -45.53 -3.44
N GLU B 313 -23.84 -45.61 -3.45
CA GLU B 313 -24.55 -44.43 -3.83
C GLU B 313 -24.38 -43.37 -2.77
N ASN B 314 -23.91 -43.74 -1.59
CA ASN B 314 -23.64 -42.78 -0.53
C ASN B 314 -22.45 -41.88 -0.84
N ALA B 315 -21.62 -42.19 -1.85
CA ALA B 315 -20.56 -41.28 -2.25
C ALA B 315 -21.09 -40.16 -3.12
N ARG B 316 -22.16 -40.41 -3.86
CA ARG B 316 -22.70 -39.33 -4.70
C ARG B 316 -23.20 -38.15 -3.88
N ARG B 317 -23.28 -38.29 -2.56
CA ARG B 317 -23.77 -37.18 -1.76
C ARG B 317 -22.71 -36.11 -1.55
N HIS B 318 -21.43 -36.48 -1.70
CA HIS B 318 -20.30 -35.59 -1.50
C HIS B 318 -19.81 -34.91 -2.78
N TYR B 319 -20.30 -35.28 -3.96
CA TYR B 319 -19.78 -34.72 -5.18
C TYR B 319 -20.93 -34.48 -6.13
N ARG B 320 -20.71 -33.59 -7.07
CA ARG B 320 -21.71 -33.07 -8.00
C ARG B 320 -21.06 -32.98 -9.37
N ILE B 321 -21.78 -33.37 -10.42
CA ILE B 321 -21.24 -33.35 -11.77
C ILE B 321 -21.97 -32.32 -12.60
N ILE B 322 -21.22 -31.36 -13.13
CA ILE B 322 -21.74 -30.35 -14.02
C ILE B 322 -21.04 -30.47 -15.35
N ILE B 323 -21.82 -30.56 -16.42
CA ILE B 323 -21.29 -30.75 -17.77
C ILE B 323 -21.59 -29.50 -18.59
N ASP B 324 -20.55 -28.89 -19.13
CA ASP B 324 -20.67 -27.82 -20.09
C ASP B 324 -21.46 -26.64 -19.53
N ASP B 325 -21.25 -26.28 -18.26
CA ASP B 325 -21.73 -25.02 -17.64
C ASP B 325 -20.64 -24.50 -16.71
N ALA B 326 -19.66 -23.80 -17.28
CA ALA B 326 -18.57 -23.23 -16.48
C ALA B 326 -19.05 -22.09 -15.57
N ALA B 327 -19.90 -21.21 -16.09
CA ALA B 327 -20.43 -20.15 -15.25
C ALA B 327 -21.03 -20.71 -13.96
N GLU B 328 -22.01 -21.59 -14.07
CA GLU B 328 -22.58 -22.18 -12.87
C GLU B 328 -21.51 -22.84 -12.00
N VAL B 329 -20.60 -23.60 -12.60
CA VAL B 329 -19.55 -24.25 -11.79
C VAL B 329 -18.87 -23.22 -10.88
N ALA B 330 -18.36 -22.14 -11.47
CA ALA B 330 -17.79 -21.07 -10.65
C ALA B 330 -18.83 -20.49 -9.69
N ARG B 331 -20.00 -20.13 -10.22
CA ARG B 331 -21.04 -19.55 -9.39
C ARG B 331 -21.24 -20.35 -8.14
N GLN B 332 -21.29 -21.68 -8.28
CA GLN B 332 -21.56 -22.54 -7.15
C GLN B 332 -20.50 -22.36 -6.08
N MET B 333 -19.21 -22.40 -6.48
CA MET B 333 -18.12 -22.24 -5.51
C MET B 333 -18.16 -20.85 -4.87
N LYS B 334 -18.43 -19.80 -5.66
CA LYS B 334 -18.45 -18.46 -5.09
C LYS B 334 -19.58 -18.33 -4.08
N LYS B 335 -20.65 -19.08 -4.28
CA LYS B 335 -21.69 -19.17 -3.27
C LYS B 335 -21.21 -19.98 -2.07
N SER B 336 -20.51 -21.09 -2.29
CA SER B 336 -20.09 -21.90 -1.16
C SER B 336 -19.16 -21.13 -0.22
N MET B 337 -18.40 -20.18 -0.75
CA MET B 337 -17.34 -19.61 0.08
C MET B 337 -17.91 -19.05 1.37
N PRO B 338 -19.05 -18.38 1.36
CA PRO B 338 -19.62 -17.88 2.63
C PRO B 338 -19.98 -18.99 3.61
N LEU B 339 -20.11 -20.23 3.12
CA LEU B 339 -20.44 -21.37 3.97
C LEU B 339 -19.21 -22.04 4.54
N VAL B 340 -18.10 -22.02 3.78
CA VAL B 340 -16.85 -22.45 4.34
C VAL B 340 -16.39 -21.45 5.41
N LYS B 341 -16.66 -20.15 5.21
CA LYS B 341 -16.30 -19.17 6.24
C LYS B 341 -17.07 -19.43 7.53
N GLU B 342 -18.38 -19.54 7.44
CA GLU B 342 -19.14 -19.77 8.64
C GLU B 342 -18.79 -21.12 9.26
N ASN B 343 -18.58 -22.14 8.44
CA ASN B 343 -18.29 -23.47 8.99
C ASN B 343 -17.04 -23.42 9.86
N ARG B 344 -15.99 -22.70 9.42
CA ARG B 344 -14.76 -22.57 10.22
C ARG B 344 -14.97 -21.67 11.44
N ARG B 345 -15.86 -20.67 11.31
CA ARG B 345 -16.14 -19.74 12.41
C ARG B 345 -16.81 -20.45 13.58
N ASP B 346 -17.77 -21.34 13.29
CA ASP B 346 -18.45 -22.12 14.33
C ASP B 346 -17.47 -23.05 15.04
N THR B 347 -16.70 -23.78 14.27
CA THR B 347 -15.78 -24.71 14.87
C THR B 347 -14.61 -24.01 15.52
N GLY B 348 -14.45 -22.70 15.28
CA GLY B 348 -13.26 -22.00 15.72
C GLY B 348 -12.01 -22.44 15.00
N ASP B 349 -12.15 -22.84 13.73
CA ASP B 349 -11.13 -23.39 12.85
C ASP B 349 -10.42 -22.28 12.14
N ALA B 350 -9.35 -22.61 11.43
CA ALA B 350 -8.61 -21.61 10.67
C ALA B 350 -9.12 -21.53 9.25
N TYR B 351 -9.22 -20.32 8.70
CA TYR B 351 -9.62 -20.17 7.30
C TYR B 351 -8.56 -20.77 6.41
N SER B 352 -7.29 -20.43 6.70
CA SER B 352 -6.14 -20.95 6.00
C SER B 352 -6.18 -22.49 5.95
N PHE B 353 -6.29 -23.12 7.10
CA PHE B 353 -5.97 -24.52 7.31
C PHE B 353 -7.13 -25.25 7.91
N ASN B 354 -7.67 -26.22 7.16
CA ASN B 354 -8.83 -26.98 7.67
C ASN B 354 -8.48 -27.92 8.79
N TRP B 355 -8.08 -27.37 9.94
CA TRP B 355 -7.56 -28.22 10.98
C TRP B 355 -8.53 -29.34 11.32
N SER B 356 -9.85 -29.04 11.28
CA SER B 356 -10.84 -29.92 11.90
C SER B 356 -11.10 -31.18 11.09
N MET B 357 -10.97 -31.11 9.78
CA MET B 357 -11.07 -32.28 8.90
C MET B 357 -10.33 -33.47 9.49
N ARG B 358 -10.96 -34.64 9.44
CA ARG B 358 -10.34 -35.84 10.00
C ARG B 358 -9.85 -36.68 8.82
N ILE B 359 -8.52 -36.66 8.62
CA ILE B 359 -7.86 -37.53 7.67
C ILE B 359 -7.34 -38.74 8.43
N ALA B 360 -7.54 -39.92 7.84
CA ALA B 360 -7.31 -41.23 8.48
C ALA B 360 -5.85 -41.64 8.36
N PRO B 361 -5.22 -42.14 9.43
CA PRO B 361 -3.83 -42.62 9.29
C PRO B 361 -3.63 -43.54 8.12
N ASP B 362 -4.62 -44.37 7.82
CA ASP B 362 -4.54 -45.17 6.62
C ASP B 362 -4.45 -44.30 5.38
N LEU B 363 -4.86 -43.05 5.45
CA LEU B 363 -4.76 -42.15 4.29
C LEU B 363 -3.54 -41.26 4.33
N GLN B 364 -2.91 -41.10 5.48
CA GLN B 364 -1.73 -40.28 5.53
C GLN B 364 -0.47 -41.10 5.39
N MET B 365 -0.54 -42.36 5.78
CA MET B 365 0.64 -43.19 5.89
C MET B 365 1.33 -43.19 4.53
N PRO B 366 2.58 -42.70 4.42
CA PRO B 366 3.34 -42.92 3.19
C PRO B 366 3.16 -44.33 2.67
N PHE B 367 3.01 -44.45 1.36
CA PHE B 367 2.85 -45.73 0.68
C PHE B 367 3.95 -45.88 -0.35
N GLU B 368 4.78 -46.92 -0.18
CA GLU B 368 5.85 -47.25 -1.14
C GLU B 368 5.29 -48.17 -2.24
N PRO B 369 5.21 -47.75 -3.54
CA PRO B 369 4.46 -48.51 -4.56
C PRO B 369 5.23 -49.71 -5.12
N SER B 370 5.52 -50.69 -4.27
CA SER B 370 6.21 -51.90 -4.67
C SER B 370 5.25 -52.93 -5.27
N HIS B 371 5.73 -53.67 -6.27
CA HIS B 371 4.87 -54.64 -6.94
C HIS B 371 4.20 -55.55 -5.93
N GLU B 372 4.95 -55.96 -4.90
CA GLU B 372 4.35 -56.73 -3.80
C GLU B 372 3.21 -55.97 -3.16
N ASN B 373 3.48 -54.75 -2.72
CA ASN B 373 2.45 -53.98 -2.03
C ASN B 373 1.21 -53.81 -2.91
N MET B 374 1.39 -53.63 -4.23
CA MET B 374 0.24 -53.45 -5.12
C MET B 374 -0.61 -54.71 -5.27
N ALA B 375 -0.01 -55.88 -5.22
CA ALA B 375 -0.80 -57.09 -5.33
C ALA B 375 -1.32 -57.60 -3.97
N ASN B 376 -0.98 -56.96 -2.86
CA ASN B 376 -1.64 -57.23 -1.57
C ASN B 376 -2.62 -56.16 -1.18
N LEU B 377 -3.01 -55.29 -2.11
CA LEU B 377 -3.97 -54.26 -1.78
C LEU B 377 -5.32 -54.88 -1.48
N LYS B 378 -5.95 -54.41 -0.39
CA LYS B 378 -7.27 -54.89 0.05
C LYS B 378 -8.36 -54.27 -0.85
N LEU B 379 -8.37 -54.70 -2.09
CA LEU B 379 -9.31 -54.21 -3.10
C LEU B 379 -10.55 -55.12 -3.21
N TYR B 380 -11.18 -55.40 -2.06
CA TYR B 380 -12.28 -56.35 -1.95
C TYR B 380 -13.48 -55.66 -1.32
N PRO B 381 -14.67 -56.01 -1.77
CA PRO B 381 -15.88 -55.35 -1.28
C PRO B 381 -16.25 -55.75 0.13
N ASP B 382 -15.62 -56.81 0.65
CA ASP B 382 -15.81 -57.27 2.02
C ASP B 382 -15.08 -56.37 3.03
N GLN B 383 -14.82 -55.12 2.67
CA GLN B 383 -13.98 -54.21 3.46
C GLN B 383 -14.75 -52.90 3.69
N PRO B 384 -14.49 -52.18 4.80
CA PRO B 384 -15.14 -50.86 4.99
C PRO B 384 -14.80 -49.92 3.84
N VAL B 385 -15.73 -49.02 3.53
CA VAL B 385 -15.50 -48.08 2.43
C VAL B 385 -14.19 -47.35 2.64
N GLU B 386 -13.93 -46.93 3.87
CA GLU B 386 -12.68 -46.23 4.16
C GLU B 386 -11.48 -47.02 3.67
N VAL B 387 -11.40 -48.28 4.09
CA VAL B 387 -10.25 -49.07 3.71
C VAL B 387 -10.25 -49.30 2.21
N LEU B 388 -11.42 -49.40 1.61
CA LEU B 388 -11.49 -49.64 0.18
C LEU B 388 -10.93 -48.45 -0.60
N ALA B 389 -11.50 -47.25 -0.39
CA ALA B 389 -11.00 -46.07 -1.08
C ALA B 389 -9.57 -45.76 -0.69
N ALA B 390 -9.19 -46.03 0.56
CA ALA B 390 -7.81 -45.83 0.97
C ALA B 390 -6.86 -46.68 0.12
N ASP B 391 -7.14 -47.99 0.03
CA ASP B 391 -6.28 -48.90 -0.70
C ASP B 391 -6.47 -48.83 -2.20
N LEU B 392 -7.66 -48.47 -2.65
CA LEU B 392 -7.80 -48.02 -4.02
C LEU B 392 -6.79 -46.92 -4.33
N ARG B 393 -6.84 -45.84 -3.58
CA ARG B 393 -5.90 -44.76 -3.84
C ARG B 393 -4.47 -45.31 -3.89
N ARG B 394 -4.11 -46.10 -2.89
CA ARG B 394 -2.78 -46.72 -2.86
C ARG B 394 -2.43 -47.31 -4.21
N ALA B 395 -3.37 -48.01 -4.83
CA ALA B 395 -3.10 -48.58 -6.13
C ALA B 395 -3.07 -47.54 -7.23
N PHE B 396 -3.88 -46.47 -7.13
CA PHE B 396 -3.81 -45.46 -8.18
C PHE B 396 -2.47 -44.70 -8.14
N SER B 397 -1.80 -44.65 -6.98
CA SER B 397 -0.51 -43.97 -6.87
C SER B 397 0.63 -44.76 -7.50
N GLY B 398 0.60 -46.08 -7.38
CA GLY B 398 1.62 -46.86 -8.06
C GLY B 398 1.57 -46.68 -9.57
N ILE B 399 0.36 -46.64 -10.13
CA ILE B 399 0.21 -46.45 -11.58
C ILE B 399 0.73 -45.08 -12.00
N VAL B 400 0.43 -44.04 -11.22
CA VAL B 400 1.09 -42.75 -11.46
C VAL B 400 2.59 -42.96 -11.38
N ALA B 401 3.04 -43.87 -10.52
CA ALA B 401 4.45 -44.16 -10.42
C ALA B 401 5.01 -44.66 -11.74
N GLY B 402 4.43 -45.71 -12.28
CA GLY B 402 4.94 -46.23 -13.52
C GLY B 402 4.76 -45.35 -14.74
N ASN B 403 4.16 -44.17 -14.61
CA ASN B 403 3.98 -43.28 -15.75
C ASN B 403 4.95 -42.11 -15.78
N VAL B 404 5.15 -41.41 -14.66
CA VAL B 404 5.95 -40.20 -14.62
C VAL B 404 7.14 -40.32 -13.67
N LYS B 405 6.88 -40.76 -12.43
CA LYS B 405 7.95 -40.83 -11.44
C LYS B 405 9.10 -41.67 -11.96
N GLU B 406 10.33 -41.21 -11.70
CA GLU B 406 11.47 -41.91 -12.30
C GLU B 406 11.54 -43.36 -11.80
N VAL B 407 11.36 -43.57 -10.49
CA VAL B 407 11.48 -44.92 -9.93
C VAL B 407 10.52 -45.88 -10.62
N GLY B 408 9.32 -45.42 -10.91
CA GLY B 408 8.31 -46.29 -11.49
C GLY B 408 8.53 -46.60 -12.95
N ILE B 409 8.83 -45.57 -13.75
CA ILE B 409 8.96 -45.79 -15.19
C ILE B 409 10.08 -46.77 -15.47
N ARG B 410 11.10 -46.78 -14.62
CA ARG B 410 12.16 -47.78 -14.72
C ARG B 410 11.70 -49.12 -14.14
N ALA B 411 11.17 -49.10 -12.92
CA ALA B 411 10.81 -50.34 -12.25
C ALA B 411 9.84 -51.19 -13.05
N ILE B 412 8.92 -50.58 -13.80
CA ILE B 412 8.02 -51.42 -14.58
C ILE B 412 8.77 -52.06 -15.73
N GLU B 413 9.75 -51.35 -16.31
CA GLU B 413 10.49 -51.85 -17.46
C GLU B 413 11.62 -52.78 -17.07
N GLU B 414 11.74 -53.12 -15.82
CA GLU B 414 12.79 -54.00 -15.34
C GLU B 414 12.29 -55.09 -14.41
N PHE B 415 11.23 -54.82 -13.62
CA PHE B 415 10.54 -55.82 -12.85
C PHE B 415 9.24 -56.27 -13.51
N GLY B 416 8.83 -55.63 -14.61
CA GLY B 416 7.62 -56.00 -15.31
C GLY B 416 6.42 -55.30 -14.73
N PRO B 417 5.38 -55.16 -15.52
CA PRO B 417 4.23 -54.35 -15.09
C PRO B 417 3.74 -54.65 -13.68
N TYR B 418 2.99 -53.72 -13.12
CA TYR B 418 2.32 -53.99 -11.88
C TYR B 418 1.20 -54.98 -12.11
N LYS B 419 1.09 -55.93 -11.20
CA LYS B 419 0.00 -56.88 -11.20
C LYS B 419 -0.87 -56.51 -10.03
N ILE B 420 -2.16 -56.70 -10.19
CA ILE B 420 -3.06 -56.28 -9.13
C ILE B 420 -3.97 -57.43 -8.77
N ASN B 421 -4.26 -57.53 -7.49
CA ASN B 421 -5.25 -58.44 -6.94
C ASN B 421 -6.55 -57.69 -6.67
N GLY B 422 -7.57 -58.44 -6.27
CA GLY B 422 -8.92 -57.94 -6.06
C GLY B 422 -9.91 -58.95 -6.59
N ASP B 423 -11.17 -58.55 -6.71
CA ASP B 423 -12.11 -59.40 -7.39
C ASP B 423 -12.50 -58.77 -8.70
N LYS B 424 -13.29 -59.49 -9.47
CA LYS B 424 -13.76 -58.93 -10.72
C LYS B 424 -14.94 -58.01 -10.46
N GLU B 425 -15.46 -57.44 -11.54
CA GLU B 425 -16.40 -56.35 -11.38
C GLU B 425 -15.69 -55.19 -10.68
N ILE B 426 -14.88 -55.49 -9.66
CA ILE B 426 -14.01 -54.50 -9.07
C ILE B 426 -12.84 -54.36 -10.03
N MET B 427 -11.95 -55.34 -10.05
CA MET B 427 -10.84 -55.20 -10.97
C MET B 427 -11.34 -55.07 -12.40
N ARG B 428 -12.47 -55.72 -12.74
CA ARG B 428 -13.01 -55.60 -14.08
C ARG B 428 -13.31 -54.15 -14.42
N ARG B 429 -14.12 -53.50 -13.60
CA ARG B 429 -14.51 -52.14 -13.94
C ARG B 429 -13.31 -51.22 -14.02
N MET B 430 -12.38 -51.34 -13.07
CA MET B 430 -11.22 -50.47 -13.09
C MET B 430 -10.46 -50.56 -14.39
N ASP B 431 -10.14 -51.78 -14.81
CA ASP B 431 -9.44 -51.95 -16.07
C ASP B 431 -10.17 -51.19 -17.18
N ASP B 432 -11.51 -51.18 -17.14
CA ASP B 432 -12.28 -50.41 -18.11
C ASP B 432 -12.02 -48.92 -17.95
N LEU B 433 -11.81 -48.48 -16.71
CA LEU B 433 -11.28 -47.14 -16.48
C LEU B 433 -9.91 -47.01 -17.12
N LEU B 434 -8.96 -47.84 -16.66
CA LEU B 434 -7.58 -47.71 -17.09
C LEU B 434 -7.44 -47.71 -18.60
N GLN B 435 -7.98 -48.74 -19.26
CA GLN B 435 -7.90 -48.73 -20.70
C GLN B 435 -8.62 -47.52 -21.27
N GLY B 436 -9.75 -47.15 -20.66
CA GLY B 436 -10.44 -45.96 -21.11
C GLY B 436 -9.59 -44.72 -20.99
N PHE B 437 -8.83 -44.59 -19.91
CA PHE B 437 -7.90 -43.49 -19.76
C PHE B 437 -6.90 -43.46 -20.89
N VAL B 438 -6.37 -44.63 -21.24
CA VAL B 438 -5.36 -44.66 -22.29
C VAL B 438 -5.95 -44.18 -23.60
N ALA B 439 -7.11 -44.73 -23.98
CA ALA B 439 -7.80 -44.30 -25.20
C ALA B 439 -8.01 -42.80 -25.26
N GLN B 440 -8.02 -42.12 -24.12
CA GLN B 440 -8.07 -40.67 -24.06
C GLN B 440 -6.66 -40.05 -23.98
N HIS B 441 -5.63 -40.89 -23.84
CA HIS B 441 -4.24 -40.48 -23.80
C HIS B 441 -3.92 -39.61 -22.60
N ARG B 442 -4.66 -39.76 -21.50
CA ARG B 442 -4.34 -39.00 -20.29
C ARG B 442 -3.36 -39.77 -19.40
N MET B 443 -2.89 -40.91 -19.88
CA MET B 443 -1.90 -41.70 -19.15
C MET B 443 -0.50 -41.17 -19.42
N LYS B 444 -0.28 -40.71 -20.64
CA LYS B 444 1.05 -40.29 -21.07
C LYS B 444 0.92 -39.08 -21.97
N LEU B 445 1.93 -38.24 -21.89
CA LEU B 445 2.05 -37.05 -22.72
C LEU B 445 1.92 -37.49 -24.18
N PRO B 446 1.42 -36.63 -25.07
CA PRO B 446 1.33 -37.01 -26.49
C PRO B 446 2.63 -37.54 -27.09
N GLY B 447 3.74 -37.45 -26.37
CA GLY B 447 5.01 -37.92 -26.87
C GLY B 447 5.05 -39.43 -26.99
N SER B 448 5.31 -39.92 -28.20
CA SER B 448 5.38 -41.38 -28.44
C SER B 448 4.03 -42.03 -28.14
N ALA B 449 4.03 -43.30 -27.69
CA ALA B 449 2.82 -44.00 -27.25
C ALA B 449 2.95 -44.32 -25.74
N TYR B 450 2.10 -45.25 -25.23
CA TYR B 450 2.08 -45.62 -23.81
C TYR B 450 2.15 -47.13 -23.62
N ILE B 451 2.92 -47.55 -22.60
CA ILE B 451 3.10 -48.94 -22.21
C ILE B 451 2.43 -49.13 -20.86
N PRO B 452 1.36 -49.88 -20.77
CA PRO B 452 0.76 -50.13 -19.46
C PRO B 452 1.79 -50.66 -18.46
N CYS B 453 1.95 -49.99 -17.32
CA CYS B 453 2.75 -50.51 -16.22
C CYS B 453 1.91 -51.39 -15.31
N TYR B 454 0.72 -51.80 -15.75
CA TYR B 454 -0.26 -52.51 -14.96
C TYR B 454 -0.77 -53.68 -15.76
N GLU B 455 -1.17 -54.73 -15.04
CA GLU B 455 -1.74 -55.93 -15.66
C GLU B 455 -2.83 -56.39 -14.69
N ILE B 456 -4.09 -56.25 -15.10
CA ILE B 456 -5.26 -56.45 -14.25
C ILE B 456 -5.89 -57.78 -14.66
N CYS B 457 -5.59 -58.84 -13.93
CA CYS B 457 -6.15 -60.16 -14.24
C CYS B 457 -6.13 -60.47 -15.75
N MET C 5 20.92 34.49 -0.69
CA MET C 5 20.96 33.06 -0.32
C MET C 5 19.69 32.34 -0.73
N ILE C 6 19.75 31.60 -1.82
CA ILE C 6 18.55 31.08 -2.48
C ILE C 6 18.52 29.56 -2.43
N THR C 7 17.30 29.02 -2.36
CA THR C 7 17.05 27.58 -2.39
C THR C 7 15.83 27.33 -3.25
N HIS C 8 15.82 26.15 -3.89
CA HIS C 8 14.82 25.79 -4.90
C HIS C 8 13.93 24.65 -4.39
N ILE C 9 12.63 24.94 -4.19
CA ILE C 9 11.67 23.99 -3.64
C ILE C 9 10.87 23.41 -4.78
N SER C 10 10.91 22.01 -4.94
CA SER C 10 10.00 21.41 -5.91
C SER C 10 8.64 21.12 -5.27
N PRO C 11 7.60 20.91 -6.06
CA PRO C 11 6.25 20.82 -5.49
C PRO C 11 6.04 19.53 -4.71
N LEU C 12 5.38 19.69 -3.56
CA LEU C 12 5.01 18.61 -2.65
C LEU C 12 3.58 18.78 -2.24
N GLY C 13 2.72 17.88 -2.71
CA GLY C 13 1.38 17.80 -2.15
C GLY C 13 0.38 18.43 -3.08
N SER C 14 0.76 19.54 -3.70
CA SER C 14 -0.12 20.27 -4.59
C SER C 14 0.71 20.90 -5.69
N MET C 15 0.05 21.26 -6.78
CA MET C 15 0.73 21.93 -7.86
C MET C 15 1.88 21.05 -8.37
N ASP C 16 1.67 19.73 -8.27
CA ASP C 16 2.58 18.72 -8.80
C ASP C 16 2.44 18.60 -10.31
N MET C 17 1.25 18.29 -10.81
CA MET C 17 0.97 18.30 -12.25
C MET C 17 0.41 19.64 -12.69
N LEU C 18 1.13 20.33 -13.55
CA LEU C 18 0.70 21.65 -13.90
C LEU C 18 0.93 21.82 -15.38
N SER C 19 -0.03 22.44 -16.08
CA SER C 19 0.09 22.70 -17.51
C SER C 19 0.88 23.98 -17.73
N GLN C 20 1.70 24.01 -18.81
CA GLN C 20 2.66 25.10 -19.01
C GLN C 20 1.99 26.44 -18.89
N LEU C 21 0.72 26.54 -19.32
CA LEU C 21 -0.02 27.79 -19.26
C LEU C 21 -0.36 28.15 -17.82
N GLU C 22 -0.70 27.13 -17.04
CA GLU C 22 -0.97 27.36 -15.64
C GLU C 22 0.25 27.95 -14.99
N VAL C 23 1.40 27.27 -15.15
CA VAL C 23 2.67 27.79 -14.66
C VAL C 23 2.87 29.23 -15.11
N ASP C 24 2.62 29.49 -16.40
CA ASP C 24 2.66 30.86 -16.92
C ASP C 24 1.73 31.77 -16.14
N MET C 25 0.51 31.30 -15.87
CA MET C 25 -0.43 32.08 -15.09
C MET C 25 0.12 32.39 -13.70
N LEU C 26 0.64 31.39 -13.01
CA LEU C 26 1.15 31.63 -11.67
C LEU C 26 2.27 32.65 -11.69
N LYS C 27 3.12 32.62 -12.73
CA LYS C 27 4.22 33.58 -12.82
C LYS C 27 3.71 35.01 -12.86
N ARG C 28 2.72 35.27 -13.70
CA ARG C 28 2.16 36.61 -13.76
C ARG C 28 1.44 36.93 -12.46
N THR C 29 0.60 36.01 -11.98
CA THR C 29 -0.09 36.25 -10.72
C THR C 29 0.87 36.60 -9.61
N ALA C 30 2.09 36.05 -9.63
CA ALA C 30 3.07 36.38 -8.60
C ALA C 30 3.64 37.79 -8.77
N SER C 31 3.72 38.30 -10.00
CA SER C 31 4.20 39.64 -10.26
C SER C 31 3.18 40.73 -9.91
N SER C 32 1.91 40.35 -9.73
CA SER C 32 0.83 41.27 -9.40
C SER C 32 0.99 41.79 -7.97
N ASP C 33 0.08 42.69 -7.56
CA ASP C 33 0.10 43.16 -6.18
C ASP C 33 -0.23 42.07 -5.16
N LEU C 34 -0.73 40.90 -5.63
CA LEU C 34 -0.91 39.76 -4.75
C LEU C 34 0.41 39.29 -4.15
N TYR C 35 1.54 39.74 -4.72
CA TYR C 35 2.83 39.23 -4.28
C TYR C 35 2.96 39.34 -2.77
N GLN C 36 2.60 40.50 -2.24
CA GLN C 36 2.73 40.69 -0.81
C GLN C 36 1.94 39.60 -0.07
N LEU C 37 0.66 39.44 -0.39
CA LEU C 37 -0.09 38.38 0.27
C LEU C 37 0.58 37.03 0.08
N PHE C 38 0.93 36.69 -1.17
CA PHE C 38 1.52 35.38 -1.46
C PHE C 38 2.85 35.19 -0.75
N ARG C 39 3.62 36.26 -0.62
CA ARG C 39 4.88 36.17 0.09
C ARG C 39 4.65 36.17 1.60
N ASN C 40 3.61 36.90 2.06
CA ASN C 40 3.29 36.94 3.49
C ASN C 40 2.77 35.61 3.97
N CYS C 41 1.81 35.06 3.25
CA CYS C 41 1.34 33.73 3.57
C CYS C 41 2.49 32.71 3.51
N SER C 42 3.41 32.84 2.53
CA SER C 42 4.58 31.96 2.42
C SER C 42 5.51 32.08 3.62
N LEU C 43 5.59 33.25 4.24
CA LEU C 43 6.57 33.45 5.29
C LEU C 43 6.10 32.82 6.59
N ALA C 44 4.80 32.95 6.88
CA ALA C 44 4.22 32.32 8.08
C ALA C 44 4.39 30.81 8.01
N VAL C 45 3.96 30.22 6.91
CA VAL C 45 4.13 28.80 6.67
C VAL C 45 5.51 28.33 7.05
N LEU C 46 6.55 29.04 6.58
CA LEU C 46 7.96 28.75 6.85
C LEU C 46 8.39 29.02 8.26
N ASN C 47 7.56 29.67 9.05
CA ASN C 47 7.89 29.85 10.45
C ASN C 47 7.18 28.85 11.35
N SER C 48 5.95 28.44 10.97
CA SER C 48 5.07 27.57 11.75
C SER C 48 5.32 27.82 13.24
N GLY C 49 5.72 26.79 13.97
CA GLY C 49 5.97 26.94 15.40
C GLY C 49 7.30 27.58 15.72
N SER C 50 8.37 26.77 15.75
CA SER C 50 9.74 27.23 15.98
C SER C 50 9.88 28.05 17.28
N LEU C 51 9.05 27.75 18.28
CA LEU C 51 9.18 28.34 19.61
C LEU C 51 9.11 29.88 19.58
N THR C 52 8.24 30.42 18.72
CA THR C 52 8.01 31.87 18.61
C THR C 52 6.61 32.14 18.05
N ASP C 53 5.77 32.82 18.83
CA ASP C 53 4.36 33.09 18.50
C ASP C 53 4.04 34.54 18.26
N ASN C 54 5.03 35.41 18.41
CA ASN C 54 4.86 36.84 18.21
C ASN C 54 4.09 37.10 16.92
N SER C 55 2.83 37.56 17.04
CA SER C 55 2.02 37.98 15.90
C SER C 55 2.73 39.11 15.14
N LYS C 56 3.27 38.83 13.95
CA LYS C 56 3.88 39.85 13.09
C LYS C 56 5.26 40.28 13.57
N GLU C 57 5.47 40.32 14.89
CA GLU C 57 6.77 40.72 15.42
C GLU C 57 7.85 39.74 14.96
N LEU C 58 7.64 38.45 15.23
CA LEU C 58 8.56 37.44 14.72
C LEU C 58 8.81 37.66 13.23
N LEU C 59 7.77 37.98 12.46
CA LEU C 59 7.91 38.11 11.03
C LEU C 59 8.69 39.35 10.63
N SER C 60 8.69 40.37 11.49
CA SER C 60 9.50 41.53 11.18
C SER C 60 10.98 41.20 11.08
N ARG C 61 11.45 40.12 11.72
CA ARG C 61 12.86 39.76 11.62
C ARG C 61 13.27 39.31 10.23
N PHE C 62 12.30 38.85 9.43
CA PHE C 62 12.57 38.35 8.09
C PHE C 62 12.06 39.34 7.08
N GLU C 63 12.63 40.55 7.08
CA GLU C 63 12.30 41.52 6.07
C GLU C 63 13.01 41.27 4.75
N ASN C 64 14.14 40.59 4.78
CA ASN C 64 14.87 40.27 3.56
C ASN C 64 14.28 39.11 2.75
N PHE C 65 13.31 38.40 3.32
CA PHE C 65 12.77 37.21 2.64
C PHE C 65 12.06 37.61 1.35
N ASP C 66 12.06 36.68 0.41
CA ASP C 66 11.32 36.89 -0.83
C ASP C 66 11.28 35.56 -1.58
N ILE C 67 10.14 35.30 -2.22
CA ILE C 67 9.82 34.01 -2.83
C ILE C 67 9.39 34.31 -4.25
N ASN C 68 10.17 33.87 -5.22
CA ASN C 68 9.80 34.04 -6.61
C ASN C 68 9.40 32.70 -7.20
N VAL C 69 8.36 32.71 -8.04
CA VAL C 69 7.90 31.49 -8.68
C VAL C 69 8.76 31.24 -9.91
N LEU C 70 9.30 30.04 -10.05
CA LEU C 70 10.08 29.67 -11.22
C LEU C 70 9.24 28.86 -12.22
N ARG C 71 9.62 28.91 -13.50
CA ARG C 71 8.88 28.22 -14.56
C ARG C 71 9.82 27.17 -15.14
N ARG C 72 9.49 25.88 -15.01
CA ARG C 72 10.18 24.83 -15.74
C ARG C 72 9.22 24.24 -16.75
N GLU C 73 9.75 23.43 -17.67
CA GLU C 73 8.87 22.87 -18.68
C GLU C 73 7.89 21.89 -18.04
N ARG C 74 8.38 21.07 -17.11
CA ARG C 74 7.52 20.09 -16.46
C ARG C 74 6.46 20.76 -15.58
N GLY C 75 6.85 21.74 -14.79
CA GLY C 75 5.85 22.40 -13.98
C GLY C 75 6.24 23.74 -13.40
N VAL C 76 6.24 23.84 -12.06
CA VAL C 76 6.58 25.06 -11.34
C VAL C 76 7.53 24.63 -10.21
N LYS C 77 8.37 25.59 -9.76
CA LYS C 77 9.20 25.41 -8.60
C LYS C 77 9.09 26.69 -7.77
N LEU C 78 9.71 26.72 -6.62
CA LEU C 78 9.61 27.92 -5.78
C LEU C 78 11.00 28.32 -5.32
N GLU C 79 11.33 29.60 -5.50
CA GLU C 79 12.61 30.15 -5.11
C GLU C 79 12.51 30.87 -3.78
N LEU C 80 13.30 30.43 -2.80
CA LEU C 80 13.27 31.00 -1.46
C LEU C 80 14.53 31.82 -1.26
N ILE C 81 14.36 33.13 -1.20
CA ILE C 81 15.45 34.07 -1.02
C ILE C 81 15.49 34.50 0.41
N ASN C 82 16.60 34.19 1.08
CA ASN C 82 16.78 34.46 2.50
C ASN C 82 15.62 33.89 3.32
N PRO C 83 15.40 32.59 3.26
CA PRO C 83 14.32 31.96 4.03
C PRO C 83 14.73 31.73 5.48
N PRO C 84 13.76 31.70 6.41
CA PRO C 84 14.08 31.50 7.82
C PRO C 84 14.85 30.21 7.97
N GLU C 85 15.96 30.25 8.70
CA GLU C 85 16.86 29.10 8.66
C GLU C 85 16.25 27.88 9.37
N GLU C 86 15.29 28.10 10.26
CA GLU C 86 14.71 27.02 11.04
C GLU C 86 13.78 26.13 10.23
N ALA C 87 13.51 26.43 8.95
CA ALA C 87 12.62 25.62 8.13
C ALA C 87 13.35 24.56 7.30
N PHE C 88 14.59 24.27 7.67
CA PHE C 88 15.48 23.44 6.88
C PHE C 88 16.18 22.47 7.81
N VAL C 89 16.27 21.23 7.39
CA VAL C 89 17.02 20.25 8.16
C VAL C 89 18.24 19.91 7.37
N ASP C 90 19.40 20.35 7.86
CA ASP C 90 20.64 20.07 7.14
C ASP C 90 20.47 20.43 5.67
N GLY C 91 19.84 21.58 5.42
CA GLY C 91 19.60 22.10 4.08
C GLY C 91 18.26 21.75 3.47
N ARG C 92 17.66 20.62 3.84
CA ARG C 92 16.43 20.18 3.21
C ARG C 92 15.26 20.86 3.92
N ILE C 93 14.42 21.54 3.15
CA ILE C 93 13.20 22.09 3.70
C ILE C 93 12.40 20.95 4.32
N ILE C 94 11.93 21.18 5.55
CA ILE C 94 11.14 20.19 6.21
C ILE C 94 9.90 19.92 5.40
N ARG C 95 9.54 18.65 5.30
CA ARG C 95 8.56 18.30 4.27
C ARG C 95 7.21 18.88 4.61
N ALA C 96 6.88 18.99 5.89
CA ALA C 96 5.58 19.54 6.25
C ALA C 96 5.48 20.99 5.80
N LEU C 97 6.49 21.81 6.13
CA LEU C 97 6.53 23.19 5.66
C LEU C 97 6.53 23.26 4.14
N GLN C 98 7.29 22.41 3.50
CA GLN C 98 7.28 22.43 2.05
C GLN C 98 5.88 22.20 1.49
N ALA C 99 5.15 21.27 2.08
CA ALA C 99 3.81 21.03 1.60
C ALA C 99 2.91 22.21 1.88
N ASN C 100 3.02 22.78 3.11
CA ASN C 100 2.25 23.97 3.50
C ASN C 100 2.67 25.17 2.66
N LEU C 101 3.94 25.25 2.31
CA LEU C 101 4.37 26.30 1.41
C LEU C 101 3.64 26.19 0.08
N PHE C 102 3.66 24.99 -0.49
CA PHE C 102 3.05 24.79 -1.79
C PHE C 102 1.54 24.94 -1.77
N ALA C 103 0.91 24.74 -0.60
CA ALA C 103 -0.52 24.95 -0.46
C ALA C 103 -0.89 26.42 -0.62
N VAL C 104 0.05 27.33 -0.29
CA VAL C 104 -0.19 28.75 -0.44
C VAL C 104 -0.11 29.15 -1.90
N LEU C 105 0.79 28.48 -2.66
CA LEU C 105 0.82 28.67 -4.11
C LEU C 105 -0.48 28.21 -4.74
N ARG C 106 -1.02 27.10 -4.25
CA ARG C 106 -2.29 26.63 -4.77
C ARG C 106 -3.42 27.58 -4.37
N ASP C 107 -3.54 27.87 -3.09
CA ASP C 107 -4.72 28.59 -2.63
C ASP C 107 -4.58 30.12 -2.58
N ILE C 108 -3.40 30.71 -2.69
CA ILE C 108 -3.29 32.16 -2.88
C ILE C 108 -3.16 32.54 -4.35
N LEU C 109 -2.25 31.89 -5.08
CA LEU C 109 -1.94 32.25 -6.44
C LEU C 109 -2.86 31.57 -7.42
N PHE C 110 -3.22 30.32 -7.18
CA PHE C 110 -4.11 29.64 -8.10
C PHE C 110 -5.57 29.98 -7.79
N VAL C 111 -6.00 29.74 -6.56
CA VAL C 111 -7.37 30.03 -6.14
C VAL C 111 -7.65 31.52 -6.12
N TYR C 112 -7.13 32.19 -5.08
CA TYR C 112 -7.38 33.61 -4.81
C TYR C 112 -7.14 34.48 -6.05
N GLY C 113 -6.09 34.19 -6.82
CA GLY C 113 -5.83 34.97 -8.02
C GLY C 113 -7.00 34.94 -8.98
N GLN C 114 -7.48 33.74 -9.32
CA GLN C 114 -8.51 33.55 -10.33
C GLN C 114 -9.88 34.09 -9.96
N ILE C 115 -10.07 34.56 -8.73
CA ILE C 115 -11.33 35.16 -8.31
C ILE C 115 -11.30 36.70 -8.42
N LEU C 124 -18.36 32.74 -13.26
CA LEU C 124 -18.98 32.39 -11.98
C LEU C 124 -19.40 33.56 -11.12
N ASN C 125 -20.70 33.70 -10.90
CA ASN C 125 -21.21 34.78 -10.08
C ASN C 125 -21.04 34.46 -8.63
N LEU C 126 -20.34 35.31 -7.89
CA LEU C 126 -20.01 35.01 -6.51
C LEU C 126 -21.06 35.54 -5.51
N ASP C 127 -22.25 35.93 -5.98
CA ASP C 127 -23.36 36.30 -5.09
C ASP C 127 -24.45 35.27 -5.08
N ASN C 128 -24.44 34.41 -6.08
CA ASN C 128 -25.30 33.25 -6.07
C ASN C 128 -24.80 32.28 -5.02
N SER C 129 -25.50 32.24 -3.90
CA SER C 129 -25.23 31.26 -2.87
C SER C 129 -24.92 29.87 -3.39
N VAL C 130 -25.53 29.45 -4.50
CA VAL C 130 -25.17 28.16 -5.07
C VAL C 130 -23.73 28.16 -5.57
N HIS C 131 -23.37 29.16 -6.37
CA HIS C 131 -22.02 29.20 -6.89
C HIS C 131 -21.03 29.27 -5.75
N ILE C 132 -21.33 30.09 -4.74
CA ILE C 132 -20.46 30.18 -3.57
C ILE C 132 -20.14 28.78 -3.03
N THR C 133 -21.20 28.06 -2.64
CA THR C 133 -20.97 26.75 -2.05
C THR C 133 -20.17 25.87 -3.00
N ASN C 134 -20.58 25.81 -4.27
CA ASN C 134 -19.81 24.96 -5.16
C ASN C 134 -18.41 25.49 -5.36
N LEU C 135 -18.18 26.79 -5.16
CA LEU C 135 -16.81 27.21 -5.10
C LEU C 135 -16.10 26.59 -3.92
N VAL C 136 -16.78 26.53 -2.76
CA VAL C 136 -16.10 26.03 -1.57
C VAL C 136 -15.79 24.54 -1.75
N PHE C 137 -16.67 23.81 -2.41
CA PHE C 137 -16.36 22.42 -2.74
C PHE C 137 -15.19 22.32 -3.69
N SER C 138 -15.11 23.24 -4.62
CA SER C 138 -14.06 23.08 -5.60
C SER C 138 -12.69 23.38 -4.98
N ILE C 139 -12.63 24.32 -4.01
CA ILE C 139 -11.40 24.60 -3.27
C ILE C 139 -10.97 23.38 -2.47
N LEU C 140 -11.91 22.75 -1.78
CA LEU C 140 -11.55 21.58 -1.00
C LEU C 140 -11.13 20.42 -1.90
N ARG C 141 -11.93 20.13 -2.93
CA ARG C 141 -11.56 19.07 -3.87
C ARG C 141 -10.18 19.31 -4.46
N ASN C 142 -9.82 20.57 -4.71
CA ASN C 142 -8.49 20.87 -5.24
C ASN C 142 -7.40 20.44 -4.27
N ALA C 143 -7.59 20.71 -2.97
CA ALA C 143 -6.63 20.32 -1.94
C ALA C 143 -6.75 18.87 -1.55
N ARG C 144 -7.40 18.07 -2.41
CA ARG C 144 -7.64 16.64 -2.19
C ARG C 144 -8.16 16.34 -0.79
N ALA C 145 -8.94 17.27 -0.21
CA ALA C 145 -9.51 17.16 1.14
C ALA C 145 -10.83 16.41 1.21
N LEU C 146 -11.65 16.45 0.17
CA LEU C 146 -12.81 15.56 0.03
C LEU C 146 -12.33 14.24 -0.54
N HIS C 147 -12.03 13.31 0.35
CA HIS C 147 -11.71 11.97 -0.06
C HIS C 147 -12.98 11.22 -0.38
N VAL C 148 -12.86 10.23 -1.25
CA VAL C 148 -14.00 9.47 -1.74
C VAL C 148 -14.12 8.21 -0.89
N GLY C 149 -15.36 7.81 -0.61
CA GLY C 149 -15.68 6.56 0.11
C GLY C 149 -15.02 6.41 1.48
N GLU C 150 -15.14 7.45 2.29
CA GLU C 150 -14.53 7.51 3.61
C GLU C 150 -15.64 7.62 4.66
N ALA C 151 -15.78 6.61 5.51
CA ALA C 151 -16.72 6.77 6.63
C ALA C 151 -16.42 8.07 7.38
N PRO C 152 -17.43 8.74 7.95
CA PRO C 152 -17.16 10.00 8.65
C PRO C 152 -16.22 9.79 9.83
N ASN C 153 -15.12 10.58 9.89
CA ASN C 153 -14.37 10.66 11.16
C ASN C 153 -13.94 12.06 11.57
N MET C 154 -14.34 13.14 10.87
CA MET C 154 -13.78 14.47 11.10
C MET C 154 -14.56 15.28 12.15
N VAL C 155 -13.86 15.67 13.20
CA VAL C 155 -14.43 16.45 14.29
C VAL C 155 -13.80 17.81 14.21
N VAL C 156 -14.48 18.78 13.61
CA VAL C 156 -13.96 20.13 13.62
C VAL C 156 -13.97 20.69 15.04
N CYS C 157 -12.87 21.32 15.45
CA CYS C 157 -12.73 21.90 16.78
C CYS C 157 -12.50 23.38 16.68
N TRP C 158 -13.25 24.13 17.47
CA TRP C 158 -13.08 25.55 17.53
C TRP C 158 -12.72 25.91 18.97
N GLY C 159 -12.01 27.00 19.10
CA GLY C 159 -11.51 27.44 20.39
C GLY C 159 -10.96 28.84 20.37
N GLY C 160 -9.94 29.12 21.16
CA GLY C 160 -9.39 30.46 21.26
C GLY C 160 -7.96 30.48 20.78
N HIS C 161 -7.62 31.52 20.02
CA HIS C 161 -6.21 31.66 19.68
C HIS C 161 -5.38 31.84 20.94
N SER C 162 -5.96 32.48 21.96
CA SER C 162 -5.32 32.62 23.26
C SER C 162 -6.16 31.89 24.29
N ILE C 163 -5.50 31.11 25.13
CA ILE C 163 -6.16 30.32 26.17
C ILE C 163 -5.10 29.99 27.21
N ASN C 164 -5.50 30.02 28.49
CA ASN C 164 -4.54 29.64 29.52
C ASN C 164 -4.11 28.20 29.31
N GLU C 165 -3.07 27.81 30.02
CA GLU C 165 -2.58 26.44 29.95
C GLU C 165 -3.62 25.45 30.42
N ASN C 166 -4.58 25.87 31.26
CA ASN C 166 -5.68 25.00 31.69
C ASN C 166 -6.44 24.41 30.51
N GLU C 167 -7.01 25.30 29.71
CA GLU C 167 -7.78 24.85 28.56
C GLU C 167 -6.90 24.06 27.58
N TYR C 168 -5.60 24.44 27.42
CA TYR C 168 -4.74 23.69 26.51
C TYR C 168 -4.66 22.23 26.92
N LEU C 169 -4.38 22.00 28.20
CA LEU C 169 -4.28 20.62 28.68
C LEU C 169 -5.56 19.86 28.36
N TYR C 170 -6.70 20.42 28.74
CA TYR C 170 -7.94 19.75 28.51
C TYR C 170 -8.10 19.37 27.03
N ALA C 171 -7.93 20.33 26.15
CA ALA C 171 -8.12 20.05 24.73
C ALA C 171 -7.11 19.05 24.15
N ARG C 172 -5.92 18.93 24.73
CA ARG C 172 -5.07 17.80 24.35
C ARG C 172 -5.74 16.50 24.71
N ARG C 173 -6.37 16.46 25.91
CA ARG C 173 -6.97 15.21 26.39
C ARG C 173 -8.23 14.90 25.61
N VAL C 174 -9.08 15.89 25.40
CA VAL C 174 -10.16 15.72 24.43
C VAL C 174 -9.60 15.18 23.11
N GLY C 175 -8.51 15.79 22.63
CA GLY C 175 -7.90 15.33 21.38
C GLY C 175 -7.34 13.92 21.47
N ASN C 176 -6.67 13.62 22.58
CA ASN C 176 -6.24 12.27 22.88
C ASN C 176 -7.37 11.23 22.86
N GLN C 177 -8.47 11.52 23.57
CA GLN C 177 -9.66 10.68 23.48
C GLN C 177 -10.15 10.60 22.05
N LEU C 178 -10.41 11.75 21.45
CA LEU C 178 -10.87 11.76 20.09
C LEU C 178 -10.00 10.88 19.21
N GLY C 179 -8.68 11.05 19.32
CA GLY C 179 -7.80 10.23 18.50
C GLY C 179 -7.91 8.76 18.84
N LEU C 180 -8.03 8.45 20.13
CA LEU C 180 -8.10 7.08 20.61
C LEU C 180 -9.37 6.37 20.11
N ARG C 181 -10.23 7.12 19.43
CA ARG C 181 -11.38 6.50 18.80
C ARG C 181 -11.31 6.67 17.28
N GLU C 182 -10.09 6.61 16.71
CA GLU C 182 -9.81 6.71 15.27
C GLU C 182 -10.62 7.80 14.62
N LEU C 183 -10.59 8.97 15.25
CA LEU C 183 -11.23 10.19 14.76
C LEU C 183 -10.17 11.21 14.35
N ASN C 184 -10.33 11.85 13.19
CA ASN C 184 -9.42 12.92 12.80
C ASN C 184 -9.98 14.26 13.22
N ILE C 185 -9.12 15.26 13.29
CA ILE C 185 -9.45 16.58 13.81
C ILE C 185 -9.20 17.63 12.75
N CYS C 186 -9.89 18.75 12.88
CA CYS C 186 -9.80 19.83 11.93
C CYS C 186 -9.98 21.15 12.65
N THR C 187 -9.07 22.09 12.48
CA THR C 187 -9.14 23.32 13.25
C THR C 187 -8.93 24.51 12.32
N GLY C 188 -8.48 25.61 12.89
CA GLY C 188 -8.32 26.81 12.10
C GLY C 188 -6.86 27.16 11.90
N CYS C 189 -5.97 26.18 12.10
CA CYS C 189 -4.57 26.35 11.71
C CYS C 189 -3.92 27.49 12.48
N GLY C 190 -4.06 27.41 13.77
CA GLY C 190 -3.53 28.45 14.59
C GLY C 190 -3.01 27.80 15.83
N PRO C 191 -2.87 28.59 16.86
CA PRO C 191 -2.27 28.08 18.09
C PRO C 191 -3.32 27.84 19.15
N GLY C 192 -2.89 27.43 20.36
CA GLY C 192 -3.84 27.28 21.44
C GLY C 192 -4.85 26.19 21.06
N ALA C 193 -6.12 26.58 21.02
CA ALA C 193 -7.21 25.64 20.75
C ALA C 193 -7.12 25.02 19.38
N MET C 194 -6.48 25.68 18.43
CA MET C 194 -6.43 25.17 17.07
C MET C 194 -5.25 24.22 16.84
N GLU C 195 -4.51 23.96 17.88
CA GLU C 195 -3.36 23.09 17.86
C GLU C 195 -3.46 22.00 18.92
N ALA C 196 -3.97 22.32 20.09
CA ALA C 196 -3.97 21.33 21.18
C ALA C 196 -4.67 20.05 20.79
N PRO C 197 -5.93 20.07 20.41
CA PRO C 197 -6.58 18.81 20.05
C PRO C 197 -5.77 17.98 19.05
N MET C 198 -5.22 18.57 18.00
CA MET C 198 -4.35 17.81 17.13
C MET C 198 -3.19 17.24 17.90
N LYS C 199 -2.53 18.04 18.73
CA LYS C 199 -1.38 17.53 19.45
C LYS C 199 -1.67 16.21 20.18
N GLY C 200 -2.89 16.06 20.69
CA GLY C 200 -3.25 14.87 21.45
C GLY C 200 -3.86 13.78 20.58
N ALA C 201 -4.85 14.14 19.76
CA ALA C 201 -5.42 13.23 18.77
C ALA C 201 -4.34 12.39 18.11
N ALA C 202 -3.19 13.00 17.84
CA ALA C 202 -2.06 12.30 17.24
C ALA C 202 -1.56 11.22 18.18
N VAL C 203 -1.34 11.60 19.43
CA VAL C 203 -0.99 10.58 20.41
C VAL C 203 -1.99 9.45 20.32
N GLY C 204 -3.27 9.80 20.54
CA GLY C 204 -4.31 8.80 20.52
C GLY C 204 -4.28 7.96 19.26
N HIS C 205 -3.97 8.58 18.10
CA HIS C 205 -3.90 7.79 16.89
C HIS C 205 -2.80 6.75 17.00
N ALA C 206 -1.69 7.11 17.62
CA ALA C 206 -0.64 6.14 17.83
C ALA C 206 -1.16 4.90 18.57
N GLN C 207 -1.59 5.07 19.83
CA GLN C 207 -1.99 3.92 20.65
C GLN C 207 -2.93 2.99 19.87
N GLN C 208 -3.88 3.55 19.11
CA GLN C 208 -4.79 2.68 18.40
C GLN C 208 -4.32 2.38 17.00
N ARG C 209 -3.05 2.73 16.68
CA ARG C 209 -2.40 2.35 15.43
C ARG C 209 -3.08 2.93 14.19
N TYR C 210 -3.75 4.08 14.33
CA TYR C 210 -4.44 4.72 13.21
C TYR C 210 -3.41 5.42 12.37
N LYS C 211 -3.15 4.91 11.17
CA LYS C 211 -1.96 5.40 10.48
C LYS C 211 -2.21 6.74 9.79
N ASP C 212 -3.35 6.87 9.13
CA ASP C 212 -3.53 8.00 8.23
C ASP C 212 -4.22 9.16 8.95
N SER C 213 -3.46 9.72 9.88
CA SER C 213 -3.90 10.91 10.59
C SER C 213 -4.21 11.99 9.57
N ARG C 214 -5.25 12.77 9.82
CA ARG C 214 -5.56 13.91 8.98
C ARG C 214 -5.85 15.12 9.88
N PHE C 215 -4.89 16.01 10.01
CA PHE C 215 -5.06 17.15 10.88
C PHE C 215 -5.18 18.38 9.99
N ILE C 216 -6.41 18.73 9.61
CA ILE C 216 -6.69 19.83 8.68
C ILE C 216 -6.71 21.17 9.41
N GLY C 217 -5.96 22.12 8.89
CA GLY C 217 -5.92 23.46 9.38
C GLY C 217 -6.56 24.31 8.33
N MET C 218 -7.71 24.88 8.63
CA MET C 218 -8.37 25.71 7.63
C MET C 218 -8.32 27.15 8.13
N THR C 219 -7.96 28.04 7.21
CA THR C 219 -7.60 29.40 7.54
C THR C 219 -7.88 30.22 6.30
N GLU C 220 -7.78 31.54 6.45
CA GLU C 220 -7.92 32.57 5.45
C GLU C 220 -6.62 33.36 5.28
N PRO C 221 -6.45 34.10 4.17
CA PRO C 221 -5.19 34.82 3.98
C PRO C 221 -4.97 35.90 5.00
N SER C 222 -6.05 36.46 5.55
CA SER C 222 -5.98 37.47 6.59
C SER C 222 -5.38 36.90 7.88
N ILE C 223 -5.80 35.69 8.28
CA ILE C 223 -5.31 35.12 9.53
C ILE C 223 -3.93 34.48 9.34
N ILE C 224 -3.71 33.76 8.23
CA ILE C 224 -2.45 33.01 8.07
C ILE C 224 -1.26 33.93 8.06
N ALA C 225 -1.39 35.08 7.42
CA ALA C 225 -0.24 35.98 7.34
C ALA C 225 0.28 36.40 8.73
N ALA C 226 -0.57 36.43 9.77
CA ALA C 226 -0.09 36.80 11.10
C ALA C 226 -0.02 35.64 12.08
N GLU C 227 -0.91 34.63 11.96
CA GLU C 227 -0.90 33.42 12.80
C GLU C 227 -0.36 32.26 11.97
N PRO C 228 0.91 31.89 12.09
CA PRO C 228 1.41 30.81 11.26
C PRO C 228 0.72 29.54 11.57
N PRO C 229 0.65 28.59 10.63
CA PRO C 229 0.26 27.23 10.95
C PRO C 229 0.96 26.74 12.20
N ASN C 230 0.19 26.20 13.13
CA ASN C 230 0.80 25.31 14.08
C ASN C 230 1.44 24.14 13.33
N PRO C 231 2.50 23.56 13.88
CA PRO C 231 3.20 22.50 13.16
C PRO C 231 2.45 21.18 13.10
N LEU C 232 1.33 21.03 13.82
CA LEU C 232 0.60 19.77 13.74
C LEU C 232 -0.14 19.61 12.43
N VAL C 233 -0.45 20.70 11.75
CA VAL C 233 -1.30 20.62 10.57
C VAL C 233 -0.56 19.88 9.46
N ASN C 234 -1.28 18.93 8.80
CA ASN C 234 -0.71 18.22 7.66
C ASN C 234 -1.57 18.41 6.44
N GLU C 235 -2.74 18.98 6.60
CA GLU C 235 -3.52 19.43 5.46
C GLU C 235 -3.86 20.88 5.76
N LEU C 236 -3.29 21.77 4.95
CA LEU C 236 -3.49 23.19 5.09
C LEU C 236 -4.41 23.63 3.96
N ILE C 237 -5.48 24.35 4.29
CA ILE C 237 -6.36 24.97 3.29
C ILE C 237 -6.56 26.43 3.69
N ILE C 238 -6.26 27.32 2.74
CA ILE C 238 -6.42 28.75 2.91
C ILE C 238 -7.62 29.13 2.07
N MET C 239 -8.82 29.10 2.67
CA MET C 239 -10.00 29.58 1.97
C MET C 239 -9.93 31.10 1.90
N PRO C 240 -10.59 31.70 0.88
CA PRO C 240 -10.53 33.16 0.71
C PRO C 240 -11.14 34.03 1.82
N ASP C 241 -12.45 33.93 2.09
CA ASP C 241 -13.09 34.70 3.16
C ASP C 241 -13.16 33.89 4.44
N ILE C 242 -13.18 34.57 5.57
CA ILE C 242 -13.73 33.85 6.72
C ILE C 242 -15.13 33.32 6.40
N GLU C 243 -15.89 34.02 5.55
CA GLU C 243 -17.23 33.55 5.17
C GLU C 243 -17.18 32.24 4.41
N LYS C 244 -16.17 32.08 3.57
CA LYS C 244 -16.03 30.81 2.89
C LYS C 244 -15.28 29.81 3.74
N ARG C 245 -14.31 30.24 4.55
CA ARG C 245 -13.67 29.31 5.47
C ARG C 245 -14.73 28.74 6.41
N LEU C 246 -15.61 29.58 6.95
CA LEU C 246 -16.64 29.03 7.81
C LEU C 246 -17.50 28.05 7.06
N GLU C 247 -18.06 28.49 5.93
CA GLU C 247 -18.91 27.57 5.18
C GLU C 247 -18.23 26.23 5.00
N ALA C 248 -16.92 26.23 4.78
CA ALA C 248 -16.21 24.98 4.65
C ALA C 248 -16.26 24.21 5.96
N PHE C 249 -15.78 24.82 7.03
CA PHE C 249 -15.80 24.19 8.35
C PHE C 249 -17.07 23.41 8.58
N VAL C 250 -18.21 24.02 8.28
CA VAL C 250 -19.48 23.37 8.56
C VAL C 250 -19.68 22.18 7.63
N ARG C 251 -19.43 22.36 6.33
CA ARG C 251 -19.77 21.28 5.42
C ARG C 251 -18.91 20.05 5.66
N ILE C 252 -17.64 20.24 5.95
CA ILE C 252 -16.81 19.05 6.07
C ILE C 252 -16.94 18.40 7.47
N ALA C 253 -17.16 19.20 8.50
CA ALA C 253 -17.26 18.63 9.84
C ALA C 253 -18.48 17.71 9.97
N HIS C 254 -18.25 16.49 10.52
CA HIS C 254 -19.32 15.60 10.90
C HIS C 254 -19.65 15.72 12.37
N GLY C 255 -18.80 16.40 13.14
CA GLY C 255 -19.09 16.78 14.49
C GLY C 255 -18.27 18.03 14.75
N ILE C 256 -18.68 18.78 15.77
CA ILE C 256 -18.03 20.04 16.13
C ILE C 256 -17.91 20.22 17.64
N ILE C 257 -16.70 20.46 18.10
CA ILE C 257 -16.45 20.63 19.51
C ILE C 257 -16.00 22.05 19.68
N ILE C 258 -16.77 22.86 20.38
CA ILE C 258 -16.35 24.21 20.67
C ILE C 258 -15.79 24.27 22.09
N PHE C 259 -14.56 24.69 22.19
CA PHE C 259 -13.84 24.98 23.41
C PHE C 259 -14.08 26.42 23.81
N PRO C 260 -13.50 26.84 24.91
CA PRO C 260 -13.51 28.26 25.24
C PRO C 260 -12.65 29.03 24.25
N GLY C 261 -13.11 30.22 23.89
CA GLY C 261 -12.32 31.14 23.08
C GLY C 261 -12.57 32.62 23.33
N GLY C 262 -12.20 33.41 22.33
CA GLY C 262 -12.41 34.83 22.31
C GLY C 262 -13.58 35.18 21.42
N VAL C 263 -13.41 36.24 20.64
CA VAL C 263 -14.48 36.67 19.74
C VAL C 263 -14.53 35.88 18.46
N GLY C 264 -13.44 35.18 18.09
CA GLY C 264 -13.46 34.40 16.85
C GLY C 264 -14.25 33.12 17.01
N THR C 265 -13.90 32.32 18.03
CA THR C 265 -14.70 31.16 18.40
C THR C 265 -16.17 31.58 18.55
N ALA C 266 -16.40 32.70 19.24
CA ALA C 266 -17.76 33.23 19.37
C ALA C 266 -18.43 33.45 18.00
N GLU C 267 -17.68 33.98 17.04
CA GLU C 267 -18.25 34.23 15.74
C GLU C 267 -18.82 32.96 15.14
N ALA C 268 -18.11 31.84 15.32
CA ALA C 268 -18.58 30.60 14.74
C ALA C 268 -19.85 30.16 15.42
N LEU C 269 -19.84 30.15 16.76
CA LEU C 269 -20.95 29.54 17.47
C LEU C 269 -22.28 30.17 17.09
N LEU C 270 -22.29 31.45 16.70
CA LEU C 270 -23.54 31.97 16.16
C LEU C 270 -23.73 31.57 14.71
N TYR C 271 -22.68 31.68 13.91
CA TYR C 271 -22.79 31.14 12.56
C TYR C 271 -23.47 29.76 12.62
N LEU C 272 -22.84 28.81 13.31
CA LEU C 272 -23.38 27.46 13.32
C LEU C 272 -24.84 27.50 13.74
N LEU C 273 -25.11 28.03 14.95
CA LEU C 273 -26.46 27.99 15.52
C LEU C 273 -27.48 28.60 14.56
N GLY C 274 -27.09 29.65 13.85
CA GLY C 274 -27.98 30.15 12.83
C GLY C 274 -28.39 29.08 11.85
N ILE C 275 -27.42 28.34 11.32
CA ILE C 275 -27.74 27.34 10.31
C ILE C 275 -28.56 26.19 10.88
N LEU C 276 -28.31 25.80 12.12
CA LEU C 276 -28.97 24.64 12.69
C LEU C 276 -30.43 24.94 13.00
N MET C 277 -30.69 26.16 13.47
CA MET C 277 -32.02 26.57 13.82
C MET C 277 -32.88 26.87 12.60
N ASN C 278 -32.27 27.04 11.44
CA ASN C 278 -33.07 27.16 10.24
C ASN C 278 -33.97 25.93 10.09
N PRO C 279 -35.19 26.14 9.67
CA PRO C 279 -36.09 24.99 9.54
C PRO C 279 -35.62 23.94 8.57
N ALA C 280 -35.13 24.31 7.39
CA ALA C 280 -34.83 23.28 6.40
C ALA C 280 -33.82 22.26 6.93
N ASN C 281 -32.99 22.66 7.90
CA ASN C 281 -31.93 21.83 8.43
C ASN C 281 -32.30 21.25 9.79
N LYS C 282 -33.59 20.95 9.99
CA LYS C 282 -34.01 20.36 11.24
C LYS C 282 -33.72 18.87 11.24
N ASP C 283 -33.74 18.24 10.07
CA ASP C 283 -33.46 16.82 10.05
C ASP C 283 -31.98 16.50 9.90
N GLN C 284 -31.15 17.50 9.73
CA GLN C 284 -29.73 17.24 9.54
C GLN C 284 -29.09 16.77 10.85
N VAL C 285 -27.96 16.07 10.73
CA VAL C 285 -27.27 15.38 11.85
C VAL C 285 -25.86 15.97 11.97
N LEU C 286 -25.65 16.94 12.86
CA LEU C 286 -24.32 17.50 13.13
C LEU C 286 -24.17 17.75 14.63
N PRO C 287 -23.50 16.85 15.35
CA PRO C 287 -23.39 16.98 16.80
C PRO C 287 -22.45 18.10 17.23
N LEU C 288 -22.98 19.06 18.01
CA LEU C 288 -22.24 20.23 18.51
C LEU C 288 -22.07 20.08 19.99
N ILE C 289 -20.83 19.96 20.46
CA ILE C 289 -20.56 19.84 21.89
C ILE C 289 -19.62 20.95 22.33
N LEU C 290 -19.94 21.58 23.46
CA LEU C 290 -19.09 22.60 24.02
C LEU C 290 -18.42 22.04 25.25
N THR C 291 -17.10 22.11 25.31
CA THR C 291 -16.43 21.50 26.44
C THR C 291 -15.36 22.43 26.96
N GLY C 292 -15.20 22.41 28.28
CA GLY C 292 -14.24 23.23 28.98
C GLY C 292 -13.70 22.51 30.19
N PRO C 293 -12.62 22.97 30.73
CA PRO C 293 -11.95 22.19 31.79
C PRO C 293 -12.38 22.60 33.19
N LYS C 294 -13.60 22.25 33.57
CA LYS C 294 -14.05 22.52 34.93
C LYS C 294 -14.13 24.03 35.22
N GLU C 295 -12.99 24.73 35.15
CA GLU C 295 -13.00 26.16 35.40
C GLU C 295 -13.80 26.91 34.36
N SER C 296 -14.03 26.31 33.21
CA SER C 296 -14.86 26.98 32.22
C SER C 296 -16.31 27.10 32.63
N ALA C 297 -16.71 26.51 33.76
CA ALA C 297 -18.08 26.56 34.24
C ALA C 297 -18.75 27.89 33.90
N ASP C 298 -18.22 28.99 34.45
CA ASP C 298 -18.83 30.31 34.26
C ASP C 298 -18.80 30.74 32.79
N TYR C 299 -17.66 30.54 32.12
CA TYR C 299 -17.55 30.95 30.72
C TYR C 299 -18.63 30.30 29.88
N PHE C 300 -18.90 29.03 30.15
CA PHE C 300 -19.94 28.34 29.40
C PHE C 300 -21.31 28.67 29.98
N ARG C 301 -21.38 28.97 31.27
CA ARG C 301 -22.65 29.45 31.80
C ARG C 301 -23.02 30.80 31.17
N VAL C 302 -22.07 31.74 31.12
CA VAL C 302 -22.38 33.08 30.59
C VAL C 302 -22.62 33.02 29.09
N LEU C 303 -21.98 32.08 28.42
CA LEU C 303 -22.22 31.88 27.00
C LEU C 303 -23.63 31.35 26.76
N ASP C 304 -24.02 30.32 27.54
CA ASP C 304 -25.37 29.78 27.44
C ASP C 304 -26.40 30.80 27.87
N GLU C 305 -26.16 31.44 29.00
CA GLU C 305 -27.03 32.53 29.42
C GLU C 305 -27.18 33.57 28.32
N PHE C 306 -26.09 33.84 27.58
CA PHE C 306 -26.17 34.77 26.45
C PHE C 306 -27.07 34.22 25.35
N VAL C 307 -26.75 33.03 24.86
CA VAL C 307 -27.46 32.49 23.70
C VAL C 307 -28.94 32.33 24.01
N VAL C 308 -29.27 31.81 25.19
CA VAL C 308 -30.66 31.44 25.46
C VAL C 308 -31.61 32.58 25.11
N HIS C 309 -31.30 33.80 25.56
CA HIS C 309 -32.23 34.92 25.39
C HIS C 309 -31.81 35.94 24.35
N THR C 310 -30.58 35.89 23.85
CA THR C 310 -30.30 36.62 22.62
C THR C 310 -30.91 35.92 21.42
N LEU C 311 -30.46 34.69 21.15
CA LEU C 311 -31.11 33.87 20.13
C LEU C 311 -32.31 33.15 20.74
N GLY C 312 -32.79 32.09 20.10
CA GLY C 312 -33.96 31.40 20.62
C GLY C 312 -33.71 30.72 21.96
N GLU C 313 -34.79 30.52 22.71
CA GLU C 313 -34.71 29.70 23.91
C GLU C 313 -34.49 28.25 23.52
N ASN C 314 -35.03 27.85 22.39
CA ASN C 314 -34.95 26.48 21.92
C ASN C 314 -33.57 26.14 21.38
N ALA C 315 -32.63 27.08 21.40
CA ALA C 315 -31.35 26.78 20.78
C ALA C 315 -30.51 25.81 21.60
N ARG C 316 -30.89 25.51 22.84
CA ARG C 316 -30.13 24.50 23.59
C ARG C 316 -30.42 23.08 23.09
N ARG C 317 -31.26 22.94 22.06
CA ARG C 317 -31.45 21.66 21.40
C ARG C 317 -30.26 21.29 20.55
N HIS C 318 -29.56 22.29 20.00
CA HIS C 318 -28.46 22.10 19.07
C HIS C 318 -27.06 22.13 19.72
N TYR C 319 -26.94 22.20 21.05
CA TYR C 319 -25.62 22.09 21.66
C TYR C 319 -25.77 21.39 22.99
N ARG C 320 -24.74 20.66 23.35
CA ARG C 320 -24.64 19.97 24.61
C ARG C 320 -23.41 20.49 25.31
N ILE C 321 -23.54 20.91 26.55
CA ILE C 321 -22.37 21.40 27.28
C ILE C 321 -21.90 20.33 28.23
N ILE C 322 -20.58 20.10 28.22
CA ILE C 322 -19.92 19.08 29.01
C ILE C 322 -18.67 19.74 29.57
N ILE C 323 -18.49 19.64 30.87
CA ILE C 323 -17.33 20.24 31.54
C ILE C 323 -16.57 19.16 32.28
N ASP C 324 -15.28 19.07 31.97
CA ASP C 324 -14.37 18.14 32.63
C ASP C 324 -14.84 16.69 32.55
N ASP C 325 -15.19 16.26 31.34
CA ASP C 325 -15.37 14.84 30.97
C ASP C 325 -14.84 14.67 29.55
N ALA C 326 -13.51 14.67 29.41
CA ALA C 326 -12.94 14.60 28.06
C ALA C 326 -13.27 13.27 27.43
N ALA C 327 -13.15 12.20 28.19
CA ALA C 327 -13.70 10.91 27.79
C ALA C 327 -15.06 11.03 27.10
N GLU C 328 -16.12 11.32 27.88
CA GLU C 328 -17.48 11.35 27.36
C GLU C 328 -17.60 12.18 26.07
N VAL C 329 -16.92 13.33 26.03
CA VAL C 329 -17.06 14.22 24.87
C VAL C 329 -16.67 13.49 23.60
N ALA C 330 -15.52 12.81 23.64
CA ALA C 330 -15.06 12.04 22.48
C ALA C 330 -15.93 10.83 22.26
N ARG C 331 -16.40 10.19 23.34
CA ARG C 331 -17.34 9.09 23.20
C ARG C 331 -18.58 9.53 22.43
N GLN C 332 -19.18 10.64 22.85
CA GLN C 332 -20.38 11.09 22.18
C GLN C 332 -20.10 11.31 20.71
N MET C 333 -18.98 11.95 20.41
CA MET C 333 -18.68 12.18 19.00
C MET C 333 -18.52 10.87 18.24
N LYS C 334 -17.75 9.93 18.82
CA LYS C 334 -17.52 8.62 18.20
C LYS C 334 -18.82 7.82 18.03
N LYS C 335 -19.82 8.05 18.89
CA LYS C 335 -21.14 7.46 18.63
C LYS C 335 -21.86 8.21 17.50
N SER C 336 -21.70 9.53 17.45
CA SER C 336 -22.47 10.30 16.50
C SER C 336 -22.13 9.94 15.05
N MET C 337 -20.94 9.41 14.81
CA MET C 337 -20.43 9.21 13.46
C MET C 337 -21.43 8.38 12.66
N PRO C 338 -21.79 7.18 13.11
CA PRO C 338 -22.70 6.33 12.32
C PRO C 338 -24.02 6.99 12.03
N LEU C 339 -24.47 7.86 12.93
CA LEU C 339 -25.71 8.58 12.67
C LEU C 339 -25.53 9.53 11.50
N VAL C 340 -24.36 10.18 11.43
CA VAL C 340 -24.09 11.11 10.35
C VAL C 340 -23.97 10.33 9.05
N LYS C 341 -23.36 9.15 9.11
CA LYS C 341 -23.30 8.30 7.94
C LYS C 341 -24.68 7.86 7.52
N GLU C 342 -25.52 7.52 8.48
CA GLU C 342 -26.85 7.18 8.05
C GLU C 342 -27.52 8.41 7.50
N ASN C 343 -27.35 9.56 8.16
CA ASN C 343 -28.01 10.77 7.68
C ASN C 343 -27.61 11.11 6.26
N ARG C 344 -26.43 10.68 5.83
CA ARG C 344 -26.03 10.98 4.48
C ARG C 344 -26.64 9.98 3.49
N ARG C 345 -26.69 8.70 3.86
CA ARG C 345 -27.33 7.75 2.96
C ARG C 345 -28.78 8.12 2.71
N ASP C 346 -29.55 8.37 3.80
CA ASP C 346 -30.97 8.70 3.69
C ASP C 346 -31.22 9.83 2.72
N THR C 347 -30.39 10.88 2.79
CA THR C 347 -30.43 12.02 1.89
C THR C 347 -29.73 11.75 0.55
N GLY C 348 -29.03 10.62 0.43
CA GLY C 348 -28.17 10.38 -0.72
C GLY C 348 -27.07 11.40 -0.88
N ASP C 349 -26.59 11.97 0.24
CA ASP C 349 -25.54 12.99 0.28
C ASP C 349 -24.17 12.35 0.33
N ALA C 350 -23.14 13.17 0.34
CA ALA C 350 -21.78 12.64 0.44
C ALA C 350 -21.28 12.78 1.85
N TYR C 351 -20.36 11.87 2.23
CA TYR C 351 -19.77 11.90 3.57
C TYR C 351 -18.81 13.07 3.73
N SER C 352 -17.95 13.27 2.70
CA SER C 352 -16.95 14.34 2.66
C SER C 352 -17.57 15.74 2.70
N PHE C 353 -18.60 15.98 1.90
CA PHE C 353 -19.27 17.28 1.83
C PHE C 353 -20.77 17.18 2.15
N ASN C 354 -21.21 17.92 3.17
CA ASN C 354 -22.62 17.99 3.52
C ASN C 354 -23.37 18.96 2.63
N TRP C 355 -23.67 18.52 1.41
CA TRP C 355 -24.28 19.43 0.46
C TRP C 355 -25.63 19.96 0.95
N SER C 356 -26.39 19.12 1.67
CA SER C 356 -27.81 19.40 1.94
C SER C 356 -28.02 20.54 2.93
N MET C 357 -27.09 20.72 3.86
CA MET C 357 -27.15 21.84 4.77
C MET C 357 -27.52 23.11 4.03
N ARG C 358 -28.63 23.73 4.41
CA ARG C 358 -29.00 25.01 3.85
C ARG C 358 -28.24 26.06 4.67
N ILE C 359 -27.20 26.64 4.10
CA ILE C 359 -26.54 27.81 4.68
C ILE C 359 -27.14 29.05 4.01
N ALA C 360 -27.57 30.01 4.84
CA ALA C 360 -28.31 31.17 4.35
C ALA C 360 -27.40 32.09 3.55
N PRO C 361 -27.90 32.75 2.49
CA PRO C 361 -27.06 33.73 1.80
C PRO C 361 -26.65 34.83 2.71
N ASP C 362 -27.45 35.13 3.76
CA ASP C 362 -27.04 36.09 4.77
C ASP C 362 -25.87 35.60 5.60
N LEU C 363 -25.58 34.30 5.56
CA LEU C 363 -24.42 33.73 6.22
C LEU C 363 -23.31 33.42 5.22
N GLN C 364 -23.58 33.61 3.92
CA GLN C 364 -22.56 33.48 2.88
C GLN C 364 -22.02 34.82 2.44
N MET C 365 -22.75 35.89 2.72
CA MET C 365 -22.40 37.15 2.15
C MET C 365 -21.29 37.76 3.02
N PRO C 366 -20.08 37.97 2.47
CA PRO C 366 -19.01 38.64 3.22
C PRO C 366 -19.48 39.92 3.91
N PHE C 367 -18.75 40.36 4.93
CA PHE C 367 -19.10 41.52 5.75
C PHE C 367 -17.86 42.40 5.90
N GLU C 368 -18.00 43.69 5.55
CA GLU C 368 -16.94 44.68 5.65
C GLU C 368 -17.21 45.60 6.84
N PRO C 369 -16.38 45.59 7.89
CA PRO C 369 -16.73 46.29 9.14
C PRO C 369 -17.11 47.77 9.00
N SER C 370 -16.15 48.60 8.57
CA SER C 370 -16.32 50.04 8.59
C SER C 370 -16.92 50.52 9.87
N HIS C 371 -17.75 51.47 9.76
CA HIS C 371 -18.38 51.88 10.99
C HIS C 371 -19.88 51.98 10.81
N GLU C 372 -20.34 52.56 9.70
CA GLU C 372 -21.75 52.52 9.35
C GLU C 372 -22.25 51.10 9.44
N ASN C 373 -21.46 50.16 8.93
CA ASN C 373 -21.92 48.78 8.91
C ASN C 373 -22.18 48.28 10.32
N MET C 374 -21.35 48.69 11.29
CA MET C 374 -21.67 48.36 12.68
C MET C 374 -22.90 49.10 13.19
N ALA C 375 -23.20 50.27 12.64
CA ALA C 375 -24.44 50.95 13.02
C ALA C 375 -25.66 50.25 12.46
N ASN C 376 -25.57 49.80 11.21
CA ASN C 376 -26.62 49.05 10.54
C ASN C 376 -26.57 47.57 10.93
N LEU C 377 -26.61 47.25 12.23
CA LEU C 377 -26.64 45.88 12.70
C LEU C 377 -27.97 45.62 13.40
N LYS C 378 -28.82 44.84 12.74
CA LYS C 378 -30.15 44.56 13.26
C LYS C 378 -30.08 43.64 14.46
N LEU C 379 -29.64 44.15 15.61
CA LEU C 379 -29.55 43.34 16.82
C LEU C 379 -30.79 43.61 17.66
N TYR C 380 -31.90 43.00 17.27
CA TYR C 380 -33.13 43.20 18.03
C TYR C 380 -33.81 41.88 18.30
N PRO C 381 -34.45 41.73 19.44
CA PRO C 381 -35.12 40.45 19.74
C PRO C 381 -36.34 40.19 18.89
N ASP C 382 -36.98 41.25 18.39
CA ASP C 382 -38.10 41.03 17.47
C ASP C 382 -37.63 40.29 16.23
N GLN C 383 -36.41 40.57 15.79
CA GLN C 383 -35.89 39.95 14.58
C GLN C 383 -35.93 38.44 14.68
N PRO C 384 -36.19 37.72 13.58
CA PRO C 384 -36.12 36.26 13.61
C PRO C 384 -34.88 35.77 14.31
N VAL C 385 -34.89 34.54 14.83
CA VAL C 385 -33.66 33.99 15.37
C VAL C 385 -32.56 34.06 14.31
N GLU C 386 -32.92 33.75 13.06
CA GLU C 386 -31.94 33.72 11.98
C GLU C 386 -31.33 35.10 11.74
N VAL C 387 -32.17 36.09 11.41
CA VAL C 387 -31.66 37.43 11.12
C VAL C 387 -30.81 37.96 12.26
N LEU C 388 -31.20 37.64 13.49
CA LEU C 388 -30.45 38.07 14.65
C LEU C 388 -29.02 37.52 14.64
N ALA C 389 -28.88 36.21 14.38
CA ALA C 389 -27.56 35.58 14.43
C ALA C 389 -26.68 35.98 13.25
N ALA C 390 -27.29 36.21 12.08
CA ALA C 390 -26.52 36.66 10.91
C ALA C 390 -25.78 37.94 11.21
N ASP C 391 -26.50 38.94 11.68
CA ASP C 391 -25.87 40.19 12.08
C ASP C 391 -25.13 40.08 13.39
N LEU C 392 -25.49 39.11 14.25
CA LEU C 392 -24.73 38.85 15.46
C LEU C 392 -23.37 38.25 15.12
N ARG C 393 -23.33 37.32 14.17
CA ARG C 393 -22.07 36.87 13.62
C ARG C 393 -21.25 38.04 13.10
N ARG C 394 -21.88 38.91 12.30
CA ARG C 394 -21.18 40.05 11.71
C ARG C 394 -20.54 40.92 12.79
N ALA C 395 -21.30 41.25 13.83
CA ALA C 395 -20.78 42.09 14.90
C ALA C 395 -19.48 41.53 15.44
N PHE C 396 -19.43 40.23 15.65
CA PHE C 396 -18.22 39.63 16.18
C PHE C 396 -17.08 39.70 15.18
N SER C 397 -17.39 39.74 13.89
CA SER C 397 -16.30 39.77 12.93
C SER C 397 -15.69 41.17 12.87
N GLY C 398 -16.51 42.20 13.00
CA GLY C 398 -15.98 43.50 13.31
C GLY C 398 -14.94 43.38 14.39
N ILE C 399 -15.30 42.92 15.60
CA ILE C 399 -14.33 42.80 16.68
C ILE C 399 -13.19 41.88 16.33
N VAL C 400 -13.38 40.96 15.38
CA VAL C 400 -12.25 40.14 14.95
C VAL C 400 -11.45 40.85 13.87
N ALA C 401 -12.07 41.71 13.07
CA ALA C 401 -11.34 42.52 12.10
C ALA C 401 -10.37 43.46 12.79
N GLY C 402 -10.88 44.45 13.52
CA GLY C 402 -10.01 45.42 14.20
C GLY C 402 -9.20 44.84 15.35
N ASN C 403 -9.45 43.58 15.69
CA ASN C 403 -8.65 42.89 16.70
C ASN C 403 -7.26 42.57 16.15
N VAL C 404 -7.22 41.87 15.02
CA VAL C 404 -5.98 41.41 14.41
C VAL C 404 -5.94 41.72 12.93
N LYS C 405 -7.09 41.65 12.26
CA LYS C 405 -7.13 41.83 10.81
C LYS C 405 -6.64 43.23 10.45
N GLU C 406 -5.57 43.31 9.62
CA GLU C 406 -4.86 44.59 9.42
C GLU C 406 -5.81 45.68 8.95
N VAL C 407 -6.67 45.36 7.98
CA VAL C 407 -7.62 46.35 7.50
C VAL C 407 -8.41 46.96 8.66
N GLY C 408 -8.78 46.13 9.63
CA GLY C 408 -9.57 46.62 10.75
C GLY C 408 -8.74 47.32 11.80
N ILE C 409 -7.48 46.92 11.96
CA ILE C 409 -6.62 47.61 12.91
C ILE C 409 -6.44 49.06 12.48
N ARG C 410 -6.10 49.26 11.20
CA ARG C 410 -5.99 50.61 10.67
C ARG C 410 -7.32 51.33 10.79
N ALA C 411 -8.43 50.59 10.62
CA ALA C 411 -9.75 51.23 10.67
C ALA C 411 -10.11 51.66 12.08
N ILE C 412 -9.65 50.95 13.12
CA ILE C 412 -9.84 51.47 14.47
C ILE C 412 -8.77 52.47 14.86
N GLU C 413 -7.73 52.65 14.04
CA GLU C 413 -6.81 53.77 14.26
C GLU C 413 -7.44 55.08 13.81
N GLU C 414 -7.84 55.16 12.55
CA GLU C 414 -8.47 56.36 12.03
C GLU C 414 -9.76 56.65 12.77
N PHE C 415 -10.81 55.92 12.39
CA PHE C 415 -12.15 56.20 12.90
C PHE C 415 -12.40 55.61 14.29
N GLY C 416 -11.45 54.90 14.89
CA GLY C 416 -11.55 54.46 16.27
C GLY C 416 -12.32 53.17 16.46
N PRO C 417 -12.75 52.90 17.70
CA PRO C 417 -13.49 51.67 17.97
C PRO C 417 -14.79 51.66 17.20
N TYR C 418 -15.16 50.48 16.69
CA TYR C 418 -16.42 50.38 15.99
C TYR C 418 -17.55 50.66 16.96
N LYS C 419 -18.55 51.38 16.47
CA LYS C 419 -19.71 51.73 17.26
C LYS C 419 -20.76 50.65 17.02
N ILE C 420 -20.88 49.75 17.99
CA ILE C 420 -21.83 48.65 17.93
C ILE C 420 -23.21 49.16 18.30
N ASN C 421 -24.14 49.14 17.33
CA ASN C 421 -25.47 49.71 17.52
C ASN C 421 -26.41 48.76 18.24
N GLY C 422 -27.23 48.05 17.47
CA GLY C 422 -28.20 47.13 18.00
C GLY C 422 -29.14 47.81 18.97
N ASP C 423 -29.55 47.03 19.97
CA ASP C 423 -30.46 47.52 21.00
C ASP C 423 -30.80 46.44 22.03
N LYS C 424 -31.62 46.79 23.03
CA LYS C 424 -32.08 45.87 24.05
C LYS C 424 -30.94 45.60 25.03
N GLU C 425 -31.27 44.88 26.09
CA GLU C 425 -30.24 44.35 26.95
C GLU C 425 -29.29 43.45 26.20
N ILE C 426 -29.65 43.05 24.98
CA ILE C 426 -28.76 42.39 24.04
C ILE C 426 -27.42 43.08 24.17
N MET C 427 -27.41 44.42 24.07
CA MET C 427 -26.15 45.15 24.10
C MET C 427 -25.42 44.95 25.42
N ARG C 428 -26.14 45.09 26.53
CA ARG C 428 -25.49 44.90 27.82
C ARG C 428 -24.92 43.50 27.96
N ARG C 429 -25.60 42.51 27.40
CA ARG C 429 -25.15 41.13 27.54
C ARG C 429 -23.93 40.84 26.65
N MET C 430 -23.88 41.45 25.46
CA MET C 430 -22.63 41.43 24.68
C MET C 430 -21.50 42.07 25.48
N ASP C 431 -21.80 43.17 26.15
CA ASP C 431 -20.75 43.88 26.84
C ASP C 431 -20.14 43.02 27.92
N ASP C 432 -20.97 42.35 28.74
CA ASP C 432 -20.43 41.53 29.81
C ASP C 432 -19.81 40.24 29.29
N LEU C 433 -20.17 39.80 28.09
CA LEU C 433 -19.34 38.81 27.40
C LEU C 433 -18.02 39.41 26.98
N LEU C 434 -18.09 40.47 26.18
CA LEU C 434 -16.88 41.08 25.66
C LEU C 434 -15.94 41.46 26.80
N GLN C 435 -16.48 42.08 27.85
CA GLN C 435 -15.69 42.40 29.03
C GLN C 435 -14.98 41.16 29.58
N GLY C 436 -15.60 40.00 29.48
CA GLY C 436 -15.00 38.79 30.02
C GLY C 436 -13.85 38.25 29.20
N PHE C 437 -14.06 38.28 27.88
CA PHE C 437 -13.02 37.88 26.95
C PHE C 437 -11.72 38.58 27.28
N VAL C 438 -11.78 39.89 27.47
CA VAL C 438 -10.58 40.68 27.76
C VAL C 438 -10.12 40.44 29.18
N ALA C 439 -11.06 40.33 30.11
CA ALA C 439 -10.71 40.08 31.50
C ALA C 439 -10.17 38.68 31.73
N GLN C 440 -10.50 37.73 30.86
CA GLN C 440 -9.96 36.39 30.94
C GLN C 440 -8.69 36.20 30.12
N HIS C 441 -8.27 37.22 29.38
CA HIS C 441 -7.04 37.16 28.59
C HIS C 441 -7.19 36.13 27.47
N ARG C 442 -8.27 36.25 26.71
CA ARG C 442 -8.50 35.45 25.51
C ARG C 442 -8.64 36.29 24.26
N MET C 443 -8.46 37.60 24.37
CA MET C 443 -8.59 38.48 23.23
C MET C 443 -7.26 38.86 22.61
N LYS C 444 -6.16 38.76 23.36
CA LYS C 444 -4.79 39.06 22.90
C LYS C 444 -3.83 38.08 23.58
N LEU C 445 -2.93 37.49 22.80
CA LEU C 445 -1.86 36.68 23.37
C LEU C 445 -1.03 37.55 24.33
N PRO C 446 -0.60 37.04 25.48
CA PRO C 446 0.06 37.90 26.48
C PRO C 446 1.27 38.63 25.91
N GLY C 447 1.26 39.95 26.01
CA GLY C 447 2.36 40.75 25.53
C GLY C 447 2.24 42.26 25.65
N SER C 448 1.01 42.74 25.59
CA SER C 448 0.65 44.13 25.81
C SER C 448 -0.81 44.12 26.25
N ALA C 449 -1.36 45.27 26.55
CA ALA C 449 -2.77 45.32 26.90
C ALA C 449 -3.66 45.43 25.63
N TYR C 450 -4.97 45.28 25.82
CA TYR C 450 -5.92 45.22 24.71
C TYR C 450 -6.71 46.50 24.49
N ILE C 451 -6.87 46.89 23.23
CA ILE C 451 -7.59 48.11 22.84
C ILE C 451 -8.93 47.78 22.18
N PRO C 452 -10.08 47.82 22.95
CA PRO C 452 -11.38 47.44 22.36
C PRO C 452 -11.71 48.20 21.10
N CYS C 453 -11.74 47.51 19.99
CA CYS C 453 -12.33 48.14 18.84
C CYS C 453 -13.86 48.13 18.86
N TYR C 454 -14.48 47.83 19.99
CA TYR C 454 -15.93 47.84 20.10
C TYR C 454 -16.36 48.89 21.09
N GLU C 455 -17.41 49.59 20.71
CA GLU C 455 -18.09 50.54 21.56
C GLU C 455 -19.56 50.12 21.64
N ILE C 456 -19.90 49.35 22.67
CA ILE C 456 -21.28 48.90 22.85
C ILE C 456 -22.09 50.04 23.45
N CYS C 457 -23.35 50.19 23.01
CA CYS C 457 -24.23 51.26 23.52
C CYS C 457 -23.53 52.62 23.53
N PRO D 1 -42.82 0.55 -18.47
CA PRO D 1 -43.84 -0.32 -17.83
C PRO D 1 -43.68 -1.80 -18.18
N ALA D 2 -43.12 -2.05 -19.36
CA ALA D 2 -42.78 -3.40 -19.82
C ALA D 2 -41.59 -3.95 -19.04
N LEU D 3 -41.30 -5.22 -19.27
CA LEU D 3 -40.19 -5.88 -18.57
C LEU D 3 -38.87 -5.24 -18.93
N ARG D 4 -38.12 -4.78 -17.92
CA ARG D 4 -36.86 -4.07 -18.14
C ARG D 4 -35.83 -4.58 -17.14
N MET D 5 -34.55 -4.47 -17.51
CA MET D 5 -33.43 -4.88 -16.67
C MET D 5 -32.74 -3.64 -16.18
N ILE D 6 -32.87 -3.35 -14.91
CA ILE D 6 -32.31 -2.13 -14.37
C ILE D 6 -31.13 -2.48 -13.48
N THR D 7 -30.10 -1.64 -13.54
CA THR D 7 -29.01 -1.63 -12.60
C THR D 7 -28.49 -0.22 -12.46
N HIS D 8 -27.91 0.06 -11.30
CA HIS D 8 -27.30 1.36 -11.04
C HIS D 8 -25.86 1.12 -10.69
N ILE D 9 -24.98 1.76 -11.44
CA ILE D 9 -23.54 1.65 -11.27
C ILE D 9 -23.07 2.94 -10.63
N SER D 10 -22.32 2.85 -9.61
CA SER D 10 -21.66 3.89 -8.84
C SER D 10 -20.29 4.22 -9.46
N PRO D 11 -19.84 5.47 -9.39
CA PRO D 11 -18.62 5.87 -10.10
C PRO D 11 -17.41 5.10 -9.61
N LEU D 12 -16.70 4.46 -10.54
CA LEU D 12 -15.41 3.84 -10.26
C LEU D 12 -14.38 4.38 -11.26
N GLY D 13 -13.25 4.87 -10.74
CA GLY D 13 -12.18 5.30 -11.63
C GLY D 13 -12.19 6.75 -12.11
N SER D 14 -13.36 7.28 -12.37
CA SER D 14 -13.50 8.66 -12.80
C SER D 14 -14.75 9.25 -12.16
N MET D 15 -14.90 10.55 -12.23
CA MET D 15 -16.16 11.18 -11.85
C MET D 15 -16.59 10.81 -10.44
N ASP D 16 -15.64 10.39 -9.59
CA ASP D 16 -15.96 10.02 -8.22
C ASP D 16 -16.33 11.23 -7.35
N MET D 17 -15.51 12.28 -7.38
CA MET D 17 -15.85 13.54 -6.72
C MET D 17 -16.46 14.48 -7.72
N LEU D 18 -17.70 14.89 -7.49
CA LEU D 18 -18.40 15.75 -8.44
C LEU D 18 -19.15 16.84 -7.68
N SER D 19 -18.85 18.09 -8.01
CA SER D 19 -19.60 19.19 -7.45
C SER D 19 -21.01 19.11 -7.97
N GLN D 20 -21.94 19.80 -7.32
CA GLN D 20 -23.31 19.68 -7.74
C GLN D 20 -23.55 20.38 -9.09
N LEU D 21 -22.95 21.55 -9.31
CA LEU D 21 -23.17 22.23 -10.58
C LEU D 21 -22.59 21.42 -11.74
N GLU D 22 -21.49 20.71 -11.50
CA GLU D 22 -20.97 19.85 -12.54
C GLU D 22 -21.98 18.79 -12.89
N VAL D 23 -22.58 18.17 -11.85
CA VAL D 23 -23.59 17.13 -12.02
C VAL D 23 -24.70 17.66 -12.91
N ASP D 24 -25.02 18.95 -12.78
CA ASP D 24 -26.03 19.51 -13.66
C ASP D 24 -25.51 19.62 -15.08
N MET D 25 -24.24 20.00 -15.27
CA MET D 25 -23.68 19.97 -16.62
C MET D 25 -23.90 18.64 -17.31
N LEU D 26 -23.61 17.56 -16.62
CA LEU D 26 -23.58 16.29 -17.31
C LEU D 26 -24.98 15.88 -17.74
N LYS D 27 -25.95 16.08 -16.85
CA LYS D 27 -27.34 15.70 -17.11
C LYS D 27 -27.88 16.47 -18.32
N ARG D 28 -27.69 17.78 -18.32
CA ARG D 28 -28.08 18.55 -19.49
C ARG D 28 -27.43 18.01 -20.76
N THR D 29 -26.10 17.84 -20.77
CA THR D 29 -25.42 17.36 -21.98
C THR D 29 -25.91 15.98 -22.40
N ALA D 30 -26.48 15.24 -21.50
CA ALA D 30 -26.98 13.91 -21.84
C ALA D 30 -28.40 13.92 -22.43
N SER D 31 -29.17 15.00 -22.22
CA SER D 31 -30.37 15.26 -22.99
C SER D 31 -30.06 15.86 -24.35
N SER D 32 -28.91 16.53 -24.51
CA SER D 32 -28.51 17.12 -25.79
C SER D 32 -28.43 16.07 -26.85
N ASP D 33 -28.36 16.53 -28.09
CA ASP D 33 -28.23 15.63 -29.20
C ASP D 33 -27.14 14.60 -28.95
N LEU D 34 -26.21 14.90 -28.04
CA LEU D 34 -25.14 13.97 -27.72
C LEU D 34 -25.61 12.66 -27.10
N TYR D 35 -26.90 12.56 -26.77
CA TYR D 35 -27.33 11.32 -26.17
C TYR D 35 -26.90 10.16 -27.05
N GLN D 36 -27.43 10.10 -28.27
CA GLN D 36 -27.22 8.92 -29.13
C GLN D 36 -25.76 8.48 -29.10
N LEU D 37 -24.84 9.41 -29.32
CA LEU D 37 -23.42 9.08 -29.17
C LEU D 37 -23.12 8.49 -27.80
N PHE D 38 -23.49 9.21 -26.75
CA PHE D 38 -23.19 8.72 -25.42
C PHE D 38 -23.68 7.30 -25.24
N ARG D 39 -24.91 7.07 -25.69
CA ARG D 39 -25.54 5.77 -25.52
C ARG D 39 -24.71 4.69 -26.20
N ASN D 40 -24.28 4.93 -27.46
CA ASN D 40 -23.64 3.89 -28.26
C ASN D 40 -22.21 3.63 -27.82
N CYS D 41 -21.58 4.66 -27.23
CA CYS D 41 -20.26 4.51 -26.65
C CYS D 41 -20.34 3.64 -25.40
N SER D 42 -21.24 3.97 -24.51
CA SER D 42 -21.49 3.12 -23.36
C SER D 42 -21.95 1.72 -23.78
N LEU D 43 -22.71 1.61 -24.87
CA LEU D 43 -23.00 0.28 -25.38
C LEU D 43 -21.75 -0.43 -25.86
N ALA D 44 -20.87 0.27 -26.58
CA ALA D 44 -19.69 -0.40 -27.09
C ALA D 44 -18.83 -0.89 -25.95
N VAL D 45 -18.75 -0.10 -24.89
CA VAL D 45 -17.93 -0.45 -23.74
C VAL D 45 -18.40 -1.74 -23.10
N LEU D 46 -19.70 -1.85 -22.90
CA LEU D 46 -20.30 -3.05 -22.35
C LEU D 46 -19.99 -4.25 -23.23
N ASN D 47 -19.92 -4.04 -24.54
CA ASN D 47 -19.70 -5.10 -25.51
C ASN D 47 -18.23 -5.38 -25.78
N SER D 48 -17.34 -4.89 -24.94
CA SER D 48 -15.95 -5.32 -24.98
C SER D 48 -15.82 -6.81 -24.72
N GLY D 49 -15.22 -7.52 -25.66
CA GLY D 49 -14.98 -8.93 -25.51
C GLY D 49 -15.98 -9.84 -26.18
N SER D 50 -16.83 -9.30 -27.07
CA SER D 50 -17.80 -10.12 -27.78
C SER D 50 -17.84 -9.71 -29.27
N SER D 55 -17.92 -3.21 -36.24
CA SER D 55 -19.08 -4.00 -36.64
C SER D 55 -20.33 -3.63 -35.83
N LYS D 56 -21.39 -3.20 -36.53
CA LYS D 56 -22.63 -2.78 -35.87
C LYS D 56 -23.55 -3.95 -35.55
N GLU D 57 -23.17 -5.18 -35.92
CA GLU D 57 -24.05 -6.32 -35.70
C GLU D 57 -24.38 -6.46 -34.22
N LEU D 58 -23.37 -6.39 -33.36
CA LEU D 58 -23.62 -6.49 -31.92
C LEU D 58 -24.48 -5.34 -31.42
N LEU D 59 -24.37 -4.19 -32.06
CA LEU D 59 -25.12 -3.03 -31.61
C LEU D 59 -26.57 -3.05 -32.09
N SER D 60 -26.90 -3.83 -33.11
CA SER D 60 -28.29 -4.03 -33.48
C SER D 60 -28.90 -5.23 -32.79
N ARG D 61 -28.24 -5.79 -31.79
CA ARG D 61 -28.87 -6.72 -30.86
C ARG D 61 -29.21 -6.09 -29.53
N PHE D 62 -28.63 -4.93 -29.26
CA PHE D 62 -28.90 -4.27 -28.00
C PHE D 62 -29.58 -2.95 -28.26
N GLU D 63 -30.62 -2.98 -29.09
CA GLU D 63 -31.39 -1.78 -29.38
C GLU D 63 -32.33 -1.40 -28.25
N ASN D 64 -32.57 -2.33 -27.33
CA ASN D 64 -33.35 -2.12 -26.12
C ASN D 64 -32.57 -1.37 -25.06
N PHE D 65 -31.24 -1.36 -25.18
CA PHE D 65 -30.38 -0.73 -24.20
C PHE D 65 -30.60 0.76 -24.19
N ASP D 66 -30.43 1.34 -23.00
CA ASP D 66 -30.42 2.78 -22.88
C ASP D 66 -29.77 3.11 -21.55
N ILE D 67 -28.95 4.15 -21.58
CA ILE D 67 -28.16 4.52 -20.42
C ILE D 67 -28.66 5.87 -19.98
N ASN D 68 -29.13 5.95 -18.74
CA ASN D 68 -29.65 7.18 -18.18
C ASN D 68 -28.81 7.61 -16.99
N VAL D 69 -28.42 8.88 -16.99
CA VAL D 69 -27.64 9.50 -15.92
C VAL D 69 -28.56 9.81 -14.74
N LEU D 70 -28.13 9.44 -13.55
CA LEU D 70 -28.89 9.72 -12.35
C LEU D 70 -28.20 10.79 -11.52
N ARG D 71 -28.96 11.77 -11.05
CA ARG D 71 -28.45 12.73 -10.07
C ARG D 71 -28.64 12.22 -8.65
N ARG D 72 -27.63 12.43 -7.81
CA ARG D 72 -27.77 12.37 -6.36
C ARG D 72 -27.01 13.55 -5.76
N GLU D 73 -27.36 13.92 -4.53
CA GLU D 73 -26.74 15.09 -3.94
C GLU D 73 -25.22 14.99 -3.88
N ARG D 74 -24.69 13.79 -3.67
CA ARG D 74 -23.25 13.61 -3.54
C ARG D 74 -22.53 13.71 -4.87
N GLY D 75 -23.14 13.20 -5.92
CA GLY D 75 -22.45 13.10 -7.19
C GLY D 75 -23.43 12.42 -8.10
N VAL D 76 -23.02 11.44 -8.89
CA VAL D 76 -23.82 10.87 -9.97
C VAL D 76 -23.86 9.35 -9.84
N LYS D 77 -24.79 8.74 -10.57
CA LYS D 77 -24.81 7.31 -10.80
C LYS D 77 -25.37 7.05 -12.19
N LEU D 78 -25.09 5.89 -12.77
CA LEU D 78 -25.44 5.61 -14.16
C LEU D 78 -26.45 4.50 -14.18
N GLU D 79 -27.57 4.75 -14.86
CA GLU D 79 -28.67 3.80 -14.98
C GLU D 79 -28.58 3.02 -16.29
N LEU D 80 -28.56 1.70 -16.18
CA LEU D 80 -28.41 0.78 -17.31
C LEU D 80 -29.71 0.06 -17.51
N ILE D 81 -30.37 0.33 -18.61
CA ILE D 81 -31.61 -0.30 -18.97
C ILE D 81 -31.33 -1.25 -20.10
N ASN D 82 -31.72 -2.47 -19.92
CA ASN D 82 -31.39 -3.58 -20.77
C ASN D 82 -29.95 -3.54 -21.21
N PRO D 83 -29.03 -3.44 -20.27
CA PRO D 83 -27.63 -3.54 -20.60
C PRO D 83 -27.32 -4.92 -21.14
N PRO D 84 -26.25 -5.09 -21.93
CA PRO D 84 -25.84 -6.44 -22.31
C PRO D 84 -25.57 -7.25 -21.07
N GLU D 85 -26.11 -8.45 -21.00
CA GLU D 85 -25.95 -9.18 -19.75
C GLU D 85 -24.54 -9.75 -19.63
N GLU D 86 -23.87 -9.96 -20.75
CA GLU D 86 -22.52 -10.51 -20.76
C GLU D 86 -21.48 -9.58 -20.13
N ALA D 87 -21.90 -8.40 -19.67
CA ALA D 87 -20.99 -7.48 -19.00
C ALA D 87 -21.09 -7.53 -17.47
N PHE D 88 -21.90 -8.44 -16.94
CA PHE D 88 -22.15 -8.56 -15.53
C PHE D 88 -21.72 -9.95 -15.09
N VAL D 89 -21.36 -10.08 -13.83
CA VAL D 89 -21.01 -11.36 -13.23
C VAL D 89 -21.94 -11.51 -12.06
N ASP D 90 -22.82 -12.54 -12.10
CA ASP D 90 -23.76 -12.74 -11.01
C ASP D 90 -24.58 -11.46 -10.75
N GLY D 91 -24.87 -10.68 -11.79
CA GLY D 91 -25.58 -9.42 -11.62
C GLY D 91 -24.70 -8.21 -11.34
N ARG D 92 -23.42 -8.39 -11.04
CA ARG D 92 -22.52 -7.30 -10.71
C ARG D 92 -21.72 -6.96 -11.96
N ILE D 93 -21.71 -5.69 -12.33
CA ILE D 93 -20.93 -5.24 -13.46
C ILE D 93 -19.48 -5.54 -13.25
N ILE D 94 -18.83 -6.08 -14.29
CA ILE D 94 -17.40 -6.31 -14.19
C ILE D 94 -16.71 -4.99 -13.88
N ARG D 95 -15.77 -5.03 -12.92
CA ARG D 95 -15.20 -3.77 -12.46
C ARG D 95 -14.56 -3.00 -13.61
N ALA D 96 -13.85 -3.70 -14.50
CA ALA D 96 -13.18 -3.02 -15.60
C ALA D 96 -14.17 -2.28 -16.47
N LEU D 97 -15.23 -2.96 -16.92
CA LEU D 97 -16.27 -2.30 -17.71
C LEU D 97 -16.90 -1.16 -16.95
N GLN D 98 -17.04 -1.32 -15.63
CA GLN D 98 -17.58 -0.23 -14.80
C GLN D 98 -16.74 1.05 -14.91
N ALA D 99 -15.41 0.93 -14.89
CA ALA D 99 -14.53 2.10 -14.99
C ALA D 99 -14.52 2.66 -16.41
N ASN D 100 -14.48 1.78 -17.40
CA ASN D 100 -14.55 2.23 -18.78
C ASN D 100 -15.87 2.93 -19.07
N LEU D 101 -16.91 2.53 -18.36
CA LEU D 101 -18.18 3.20 -18.59
C LEU D 101 -18.11 4.64 -18.10
N PHE D 102 -17.59 4.83 -16.87
CA PHE D 102 -17.37 6.14 -16.30
C PHE D 102 -16.21 6.90 -16.95
N ALA D 103 -15.32 6.22 -17.68
CA ALA D 103 -14.46 6.94 -18.60
C ALA D 103 -15.29 7.59 -19.72
N VAL D 104 -16.17 6.80 -20.35
CA VAL D 104 -17.01 7.35 -21.41
C VAL D 104 -17.77 8.55 -20.89
N LEU D 105 -18.28 8.48 -19.68
CA LEU D 105 -18.97 9.62 -19.10
C LEU D 105 -18.08 10.84 -19.00
N ARG D 106 -16.86 10.63 -18.53
CA ARG D 106 -15.90 11.72 -18.45
C ARG D 106 -15.60 12.27 -19.86
N ASP D 107 -15.03 11.43 -20.72
CA ASP D 107 -14.52 11.98 -21.96
C ASP D 107 -15.57 12.31 -23.02
N ILE D 108 -16.78 11.78 -22.95
CA ILE D 108 -17.83 12.12 -23.93
C ILE D 108 -18.67 13.30 -23.44
N LEU D 109 -19.26 13.19 -22.24
CA LEU D 109 -20.23 14.18 -21.76
C LEU D 109 -19.59 15.35 -21.02
N PHE D 110 -18.45 15.11 -20.37
CA PHE D 110 -17.69 16.19 -19.73
C PHE D 110 -16.73 16.85 -20.71
N VAL D 111 -15.69 16.11 -21.09
CA VAL D 111 -14.75 16.47 -22.17
C VAL D 111 -15.44 16.94 -23.45
N TYR D 112 -15.78 15.98 -24.31
CA TYR D 112 -16.35 16.31 -25.61
C TYR D 112 -17.66 17.09 -25.47
N GLY D 113 -18.32 17.02 -24.32
CA GLY D 113 -19.58 17.73 -24.19
C GLY D 113 -19.39 19.21 -24.00
N GLN D 114 -18.44 19.59 -23.17
CA GLN D 114 -18.13 21.00 -23.01
C GLN D 114 -17.58 21.61 -24.29
N ILE D 115 -16.90 20.80 -25.11
CA ILE D 115 -16.37 21.26 -26.39
C ILE D 115 -17.49 21.44 -27.38
N HIS D 116 -18.28 20.40 -27.58
CA HIS D 116 -19.37 20.52 -28.52
C HIS D 116 -20.18 21.76 -28.19
N ASN D 117 -20.29 22.11 -26.91
CA ASN D 117 -21.03 23.28 -26.48
C ASN D 117 -20.19 24.54 -26.40
N THR D 118 -19.21 24.77 -27.28
CA THR D 118 -18.52 26.05 -27.31
C THR D 118 -18.67 26.69 -28.69
N VAL D 119 -18.57 28.03 -28.72
CA VAL D 119 -18.69 28.80 -29.94
C VAL D 119 -17.54 28.50 -30.86
N ARG D 120 -17.84 28.36 -32.14
CA ARG D 120 -16.81 28.17 -33.16
C ARG D 120 -16.93 29.29 -34.18
N PHE D 121 -16.59 30.53 -33.78
CA PHE D 121 -16.50 31.63 -34.74
C PHE D 121 -15.41 31.30 -35.76
N PRO D 122 -15.74 30.93 -37.00
CA PRO D 122 -14.67 30.61 -37.96
C PRO D 122 -13.91 31.86 -38.43
N ASN D 123 -14.37 33.06 -38.04
CA ASN D 123 -13.63 34.27 -38.35
C ASN D 123 -12.42 34.42 -37.42
N LEU D 124 -12.58 34.07 -36.15
CA LEU D 124 -11.51 34.26 -35.17
C LEU D 124 -11.34 33.03 -34.27
N ASN D 125 -11.06 31.88 -34.88
CA ASN D 125 -10.92 30.64 -34.11
C ASN D 125 -9.52 30.55 -33.46
N LEU D 126 -9.45 29.86 -32.33
CA LEU D 126 -8.21 29.68 -31.57
C LEU D 126 -7.33 28.55 -32.10
N ASP D 127 -6.89 28.72 -33.35
CA ASP D 127 -6.07 27.72 -34.02
C ASP D 127 -4.80 27.51 -33.23
N ASN D 128 -4.71 28.10 -32.04
CA ASN D 128 -3.45 28.09 -31.32
C ASN D 128 -2.95 26.69 -30.99
N SER D 129 -1.86 26.29 -31.62
CA SER D 129 -1.18 25.06 -31.29
C SER D 129 -0.91 24.95 -29.81
N VAL D 130 -0.91 26.06 -29.07
CA VAL D 130 -0.73 25.96 -27.61
C VAL D 130 -1.99 25.48 -26.98
N HIS D 131 -3.13 25.98 -27.43
CA HIS D 131 -4.34 25.43 -26.87
C HIS D 131 -4.41 23.94 -27.11
N ILE D 132 -4.30 23.52 -28.37
CA ILE D 132 -4.41 22.10 -28.63
C ILE D 132 -3.42 21.32 -27.80
N THR D 133 -2.25 21.88 -27.55
CA THR D 133 -1.34 21.06 -26.76
C THR D 133 -1.57 21.17 -25.28
N ASN D 134 -2.00 22.32 -24.77
CA ASN D 134 -2.36 22.31 -23.36
C ASN D 134 -3.68 21.58 -23.13
N LEU D 135 -4.58 21.64 -24.11
CA LEU D 135 -5.81 20.87 -23.98
C LEU D 135 -5.51 19.39 -23.91
N VAL D 136 -4.71 18.87 -24.86
CA VAL D 136 -4.40 17.44 -24.85
C VAL D 136 -3.85 17.05 -23.48
N PHE D 137 -3.04 17.91 -22.87
CA PHE D 137 -2.55 17.67 -21.51
C PHE D 137 -3.70 17.64 -20.54
N SER D 138 -4.55 18.65 -20.61
CA SER D 138 -5.66 18.72 -19.68
C SER D 138 -6.54 17.48 -19.75
N ILE D 139 -6.76 16.93 -20.94
CA ILE D 139 -7.52 15.68 -21.07
C ILE D 139 -6.85 14.52 -20.36
N LEU D 140 -5.53 14.39 -20.50
CA LEU D 140 -4.86 13.26 -19.89
C LEU D 140 -4.85 13.39 -18.37
N ARG D 141 -4.56 14.58 -17.88
CA ARG D 141 -4.58 14.78 -16.44
C ARG D 141 -5.95 14.44 -15.85
N ASN D 142 -7.06 14.81 -16.52
CA ASN D 142 -8.39 14.49 -15.99
C ASN D 142 -8.63 12.99 -15.96
N ALA D 143 -8.04 12.28 -16.89
CA ALA D 143 -8.15 10.83 -16.88
C ALA D 143 -7.02 10.17 -16.10
N ARG D 144 -6.24 10.95 -15.32
CA ARG D 144 -5.28 10.41 -14.35
C ARG D 144 -4.26 9.49 -15.02
N ALA D 145 -3.89 9.84 -16.24
CA ALA D 145 -2.93 9.05 -16.99
C ALA D 145 -1.53 9.60 -16.84
N LEU D 146 -1.42 10.83 -16.33
CA LEU D 146 -0.15 11.54 -16.15
C LEU D 146 0.26 11.41 -14.72
N HIS D 147 1.15 10.49 -14.46
CA HIS D 147 1.57 10.20 -13.11
C HIS D 147 2.85 11.01 -12.83
N VAL D 148 2.86 11.71 -11.69
CA VAL D 148 4.00 12.54 -11.34
C VAL D 148 5.23 11.67 -11.05
N GLY D 149 6.34 12.01 -11.71
CA GLY D 149 7.63 11.39 -11.45
C GLY D 149 7.79 9.97 -11.92
N GLU D 150 6.74 9.34 -12.48
CA GLU D 150 6.81 7.97 -12.97
C GLU D 150 7.78 7.92 -14.17
N ALA D 151 8.81 7.08 -14.07
CA ALA D 151 9.89 7.12 -15.04
C ALA D 151 9.43 6.46 -16.34
N PRO D 152 10.03 6.82 -17.49
CA PRO D 152 9.42 6.46 -18.80
C PRO D 152 9.36 4.97 -19.11
N ASN D 153 8.16 4.37 -19.11
CA ASN D 153 7.99 2.98 -19.54
C ASN D 153 6.96 2.81 -20.64
N MET D 154 6.24 3.88 -21.03
CA MET D 154 5.14 3.72 -21.97
C MET D 154 5.66 3.66 -23.41
N VAL D 155 5.18 2.68 -24.16
CA VAL D 155 5.61 2.34 -25.51
C VAL D 155 4.39 2.30 -26.40
N VAL D 156 4.26 3.23 -27.33
CA VAL D 156 3.01 3.38 -28.07
C VAL D 156 3.04 2.50 -29.32
N CYS D 157 2.12 1.54 -29.39
CA CYS D 157 2.09 0.53 -30.44
C CYS D 157 0.96 0.79 -31.42
N TRP D 158 1.29 0.72 -32.71
CA TRP D 158 0.34 1.00 -33.78
C TRP D 158 0.30 -0.19 -34.75
N GLY D 159 -0.85 -0.39 -35.37
CA GLY D 159 -1.06 -1.58 -36.17
C GLY D 159 -2.49 -1.59 -36.67
N GLY D 160 -2.78 -2.57 -37.53
CA GLY D 160 -4.10 -2.63 -38.13
C GLY D 160 -5.11 -3.30 -37.22
N HIS D 161 -6.37 -2.88 -37.38
CA HIS D 161 -7.41 -3.58 -36.65
C HIS D 161 -7.57 -4.98 -37.21
N SER D 162 -7.63 -5.11 -38.54
CA SER D 162 -7.65 -6.41 -39.21
C SER D 162 -6.23 -6.80 -39.63
N ILE D 163 -5.69 -7.81 -38.97
CA ILE D 163 -4.39 -8.39 -39.28
C ILE D 163 -4.53 -9.90 -39.21
N ASN D 164 -3.53 -10.59 -39.76
CA ASN D 164 -3.60 -12.04 -39.85
C ASN D 164 -2.95 -12.64 -38.62
N GLU D 165 -3.30 -13.90 -38.35
CA GLU D 165 -2.86 -14.55 -37.12
C GLU D 165 -1.36 -14.48 -36.97
N ASN D 166 -0.63 -14.60 -38.08
CA ASN D 166 0.82 -14.55 -38.01
C ASN D 166 1.28 -13.20 -37.45
N GLU D 167 0.71 -12.11 -37.97
CA GLU D 167 0.93 -10.80 -37.38
C GLU D 167 0.46 -10.78 -35.92
N TYR D 168 -0.78 -11.19 -35.66
CA TYR D 168 -1.31 -11.11 -34.30
C TYR D 168 -0.36 -11.76 -33.30
N LEU D 169 0.00 -13.02 -33.52
CA LEU D 169 0.92 -13.66 -32.60
C LEU D 169 2.22 -12.88 -32.47
N TYR D 170 2.74 -12.34 -33.59
CA TYR D 170 3.98 -11.57 -33.51
C TYR D 170 3.81 -10.33 -32.63
N ALA D 171 2.77 -9.55 -32.88
CA ALA D 171 2.49 -8.45 -31.99
C ALA D 171 2.34 -8.95 -30.56
N ARG D 172 1.72 -10.11 -30.40
CA ARG D 172 1.66 -10.70 -29.07
C ARG D 172 3.06 -10.97 -28.52
N ARG D 173 3.91 -11.58 -29.33
CA ARG D 173 5.26 -11.91 -28.88
C ARG D 173 6.06 -10.66 -28.57
N VAL D 174 6.07 -9.72 -29.50
CA VAL D 174 6.64 -8.42 -29.20
C VAL D 174 6.09 -7.93 -27.87
N GLY D 175 4.78 -8.08 -27.66
CA GLY D 175 4.22 -7.63 -26.40
C GLY D 175 4.87 -8.32 -25.22
N ASN D 176 5.00 -9.64 -25.31
CA ASN D 176 5.62 -10.39 -24.23
C ASN D 176 7.00 -9.83 -23.90
N GLN D 177 7.88 -9.70 -24.91
CA GLN D 177 9.21 -9.16 -24.66
C GLN D 177 9.12 -7.76 -24.09
N LEU D 178 8.16 -7.00 -24.56
CA LEU D 178 8.04 -5.65 -24.06
C LEU D 178 7.74 -5.66 -22.59
N GLY D 179 6.78 -6.46 -22.18
CA GLY D 179 6.46 -6.51 -20.77
C GLY D 179 7.48 -7.25 -19.94
N LEU D 180 8.10 -8.29 -20.49
CA LEU D 180 9.15 -8.99 -19.76
C LEU D 180 10.25 -8.01 -19.34
N ARG D 181 10.28 -6.83 -19.94
CA ARG D 181 11.22 -5.77 -19.59
C ARG D 181 10.52 -4.65 -18.82
N GLU D 182 9.38 -4.94 -18.19
CA GLU D 182 8.65 -3.99 -17.37
C GLU D 182 8.38 -2.70 -18.12
N LEU D 183 7.73 -2.86 -19.26
CA LEU D 183 7.34 -1.77 -20.15
C LEU D 183 5.83 -1.82 -20.38
N ASN D 184 5.16 -0.65 -20.36
CA ASN D 184 3.71 -0.58 -20.49
C ASN D 184 3.28 -0.33 -21.98
N ILE D 185 2.03 -0.57 -22.29
CA ILE D 185 1.59 -0.54 -23.68
C ILE D 185 0.52 0.54 -23.83
N CYS D 186 0.55 1.26 -24.94
CA CYS D 186 -0.53 2.17 -25.30
C CYS D 186 -0.93 1.88 -26.73
N THR D 187 -2.22 1.80 -27.02
CA THR D 187 -2.65 1.40 -28.35
C THR D 187 -3.91 2.16 -28.68
N GLY D 188 -4.54 1.78 -29.79
CA GLY D 188 -5.69 2.46 -30.31
C GLY D 188 -7.00 2.03 -29.72
N CYS D 189 -6.97 1.19 -28.66
CA CYS D 189 -8.18 0.75 -27.97
C CYS D 189 -9.13 -0.02 -28.90
N GLY D 190 -8.62 -1.14 -29.37
CA GLY D 190 -9.28 -1.85 -30.44
C GLY D 190 -8.70 -3.22 -30.64
N PRO D 191 -9.14 -3.87 -31.68
CA PRO D 191 -8.75 -5.28 -31.87
C PRO D 191 -7.51 -5.46 -32.73
N GLY D 192 -7.11 -6.71 -32.96
CA GLY D 192 -5.99 -6.94 -33.84
C GLY D 192 -4.70 -6.46 -33.19
N ALA D 193 -3.95 -5.68 -33.94
CA ALA D 193 -2.67 -5.22 -33.44
C ALA D 193 -2.82 -4.29 -32.25
N MET D 194 -4.01 -3.76 -31.98
CA MET D 194 -4.20 -2.87 -30.83
C MET D 194 -4.48 -3.61 -29.53
N GLU D 195 -4.82 -4.91 -29.57
CA GLU D 195 -4.91 -5.68 -28.32
C GLU D 195 -3.80 -6.71 -28.18
N ALA D 196 -3.29 -7.25 -29.29
CA ALA D 196 -2.31 -8.34 -29.19
C ALA D 196 -1.01 -7.93 -28.51
N PRO D 197 -0.48 -6.71 -28.65
CA PRO D 197 0.68 -6.32 -27.81
C PRO D 197 0.33 -6.32 -26.33
N MET D 198 -0.84 -5.81 -25.94
CA MET D 198 -1.23 -5.87 -24.53
C MET D 198 -1.35 -7.30 -24.05
N LYS D 199 -1.91 -8.17 -24.88
CA LYS D 199 -2.12 -9.54 -24.45
C LYS D 199 -0.80 -10.16 -24.05
N GLY D 200 0.22 -10.00 -24.89
CA GLY D 200 1.52 -10.57 -24.60
C GLY D 200 2.26 -9.82 -23.51
N ALA D 201 2.20 -8.49 -23.55
CA ALA D 201 2.86 -7.71 -22.49
C ALA D 201 2.37 -8.12 -21.12
N ALA D 202 1.07 -8.42 -21.00
CA ALA D 202 0.49 -8.88 -19.75
C ALA D 202 1.27 -10.06 -19.16
N VAL D 203 1.57 -11.05 -20.01
CA VAL D 203 2.22 -12.27 -19.56
C VAL D 203 3.64 -11.99 -19.13
N GLY D 204 4.27 -11.04 -19.79
CA GLY D 204 5.59 -10.66 -19.34
C GLY D 204 5.53 -10.01 -17.99
N HIS D 205 4.60 -9.08 -17.81
CA HIS D 205 4.48 -8.44 -16.51
C HIS D 205 4.38 -9.47 -15.39
N ALA D 206 3.53 -10.49 -15.56
CA ALA D 206 3.34 -11.48 -14.52
C ALA D 206 4.66 -12.16 -14.21
N GLN D 207 5.28 -12.74 -15.21
CA GLN D 207 6.46 -13.53 -14.97
C GLN D 207 7.50 -12.77 -14.16
N GLN D 208 7.49 -11.44 -14.27
CA GLN D 208 8.41 -10.59 -13.56
C GLN D 208 7.77 -9.95 -12.32
N ARG D 209 6.59 -10.39 -11.94
CA ARG D 209 5.94 -9.86 -10.76
C ARG D 209 5.86 -8.34 -10.86
N TYR D 210 5.63 -7.87 -12.09
CA TYR D 210 5.42 -6.44 -12.37
C TYR D 210 4.01 -6.09 -11.97
N LYS D 211 3.87 -5.39 -10.84
CA LYS D 211 2.60 -4.84 -10.40
C LYS D 211 2.29 -3.51 -11.10
N ASP D 212 1.00 -3.26 -11.34
CA ASP D 212 0.49 -2.02 -11.94
C ASP D 212 0.86 -1.85 -13.40
N SER D 213 0.43 -2.82 -14.19
CA SER D 213 0.53 -2.73 -15.64
C SER D 213 -0.39 -1.63 -16.14
N ARG D 214 0.11 -0.80 -17.00
CA ARG D 214 -0.68 0.26 -17.55
C ARG D 214 -0.89 -0.14 -19.00
N PHE D 215 -2.14 -0.39 -19.38
CA PHE D 215 -2.48 -0.70 -20.77
C PHE D 215 -3.47 0.34 -21.28
N ILE D 216 -2.96 1.53 -21.55
CA ILE D 216 -3.75 2.68 -21.96
C ILE D 216 -4.30 2.45 -23.35
N GLY D 217 -5.54 2.90 -23.58
CA GLY D 217 -6.17 2.80 -24.88
C GLY D 217 -6.70 4.14 -25.37
N MET D 218 -5.97 4.76 -26.29
CA MET D 218 -6.31 6.07 -26.83
C MET D 218 -7.22 5.90 -28.05
N THR D 219 -8.49 6.27 -27.91
CA THR D 219 -9.41 6.20 -29.03
C THR D 219 -10.13 7.56 -29.12
N GLU D 220 -11.24 7.52 -29.83
CA GLU D 220 -11.93 8.71 -30.31
C GLU D 220 -13.38 8.33 -30.52
N PRO D 221 -14.32 9.24 -30.31
CA PRO D 221 -15.74 8.84 -30.31
C PRO D 221 -16.14 7.97 -31.51
N SER D 222 -15.88 8.43 -32.73
CA SER D 222 -16.26 7.65 -33.90
C SER D 222 -15.76 6.23 -33.80
N ILE D 223 -14.47 6.06 -33.62
CA ILE D 223 -13.92 4.72 -33.62
C ILE D 223 -14.63 3.85 -32.58
N ILE D 224 -14.85 4.39 -31.37
CA ILE D 224 -15.30 3.57 -30.25
C ILE D 224 -16.78 3.31 -30.31
N ALA D 225 -17.59 4.22 -30.85
CA ALA D 225 -18.99 3.91 -31.05
C ALA D 225 -19.14 2.60 -31.83
N ALA D 226 -18.40 2.46 -32.94
CA ALA D 226 -18.54 1.26 -33.77
C ALA D 226 -17.63 0.13 -33.28
N GLU D 227 -16.39 0.46 -32.87
CA GLU D 227 -15.42 -0.53 -32.39
C GLU D 227 -15.34 -0.51 -30.86
N PRO D 228 -16.03 -1.39 -30.13
CA PRO D 228 -15.83 -1.47 -28.69
C PRO D 228 -14.35 -1.53 -28.34
N PRO D 229 -14.02 -1.30 -27.11
CA PRO D 229 -12.64 -1.48 -26.68
C PRO D 229 -12.24 -2.93 -26.63
N ASN D 230 -10.95 -3.14 -26.80
CA ASN D 230 -10.44 -4.47 -26.59
C ASN D 230 -10.33 -4.72 -25.10
N PRO D 231 -10.46 -5.98 -24.71
CA PRO D 231 -10.59 -6.28 -23.28
C PRO D 231 -9.37 -6.00 -22.45
N LEU D 232 -8.16 -6.00 -23.04
CA LEU D 232 -6.94 -5.85 -22.24
C LEU D 232 -6.73 -4.47 -21.67
N VAL D 233 -7.50 -3.47 -22.12
CA VAL D 233 -7.25 -2.08 -21.74
C VAL D 233 -7.75 -1.83 -20.31
N ASN D 234 -6.95 -1.12 -19.50
CA ASN D 234 -7.41 -0.66 -18.18
C ASN D 234 -7.63 0.85 -18.08
N GLU D 235 -6.78 1.67 -18.68
CA GLU D 235 -7.07 3.09 -18.75
C GLU D 235 -7.61 3.36 -20.16
N LEU D 236 -8.90 3.67 -20.24
CA LEU D 236 -9.48 4.04 -21.53
C LEU D 236 -9.56 5.56 -21.58
N ILE D 237 -9.13 6.16 -22.72
CA ILE D 237 -9.14 7.60 -22.95
C ILE D 237 -9.79 7.88 -24.29
N ILE D 238 -10.71 8.82 -24.35
CA ILE D 238 -11.50 9.07 -25.54
C ILE D 238 -11.19 10.52 -25.89
N MET D 239 -10.14 10.71 -26.66
CA MET D 239 -9.76 12.05 -27.09
C MET D 239 -10.64 12.56 -28.24
N PRO D 240 -10.93 13.86 -28.26
CA PRO D 240 -12.00 14.33 -29.15
C PRO D 240 -11.71 14.11 -30.62
N ASP D 241 -10.55 14.57 -31.12
CA ASP D 241 -10.15 14.51 -32.51
C ASP D 241 -9.15 13.39 -32.75
N ILE D 242 -9.20 12.74 -33.91
CA ILE D 242 -8.00 11.99 -34.30
C ILE D 242 -6.79 12.92 -34.28
N GLU D 243 -6.99 14.21 -34.55
CA GLU D 243 -5.87 15.17 -34.47
C GLU D 243 -5.32 15.30 -33.07
N LYS D 244 -6.22 15.34 -32.06
CA LYS D 244 -5.79 15.44 -30.67
C LYS D 244 -5.45 14.08 -30.10
N ARG D 245 -6.19 13.05 -30.48
CA ARG D 245 -5.80 11.70 -30.07
C ARG D 245 -4.41 11.37 -30.62
N LEU D 246 -4.15 11.66 -31.89
CA LEU D 246 -2.79 11.45 -32.37
C LEU D 246 -1.80 12.17 -31.48
N GLU D 247 -1.93 13.49 -31.40
CA GLU D 247 -0.94 14.26 -30.65
C GLU D 247 -0.75 13.68 -29.25
N ALA D 248 -1.85 13.30 -28.59
CA ALA D 248 -1.73 12.64 -27.31
C ALA D 248 -0.81 11.44 -27.38
N PHE D 249 -1.07 10.53 -28.34
CA PHE D 249 -0.19 9.39 -28.54
C PHE D 249 1.26 9.78 -28.46
N VAL D 250 1.62 10.84 -29.20
CA VAL D 250 3.02 11.23 -29.36
C VAL D 250 3.60 11.76 -28.05
N ARG D 251 2.86 12.56 -27.32
CA ARG D 251 3.45 13.22 -26.16
C ARG D 251 3.65 12.24 -25.02
N ILE D 252 2.63 11.43 -24.74
CA ILE D 252 2.73 10.49 -23.65
C ILE D 252 3.72 9.41 -23.93
N ALA D 253 3.96 9.09 -25.19
CA ALA D 253 4.84 7.98 -25.47
C ALA D 253 6.29 8.29 -25.11
N HIS D 254 7.00 7.21 -24.79
CA HIS D 254 8.44 7.19 -24.62
C HIS D 254 9.09 6.24 -25.59
N GLY D 255 8.33 5.77 -26.55
CA GLY D 255 8.81 4.90 -27.61
C GLY D 255 7.64 4.54 -28.49
N ILE D 256 7.82 4.30 -29.80
CA ILE D 256 6.71 3.96 -30.70
C ILE D 256 7.12 2.76 -31.52
N ILE D 257 6.19 1.85 -31.74
CA ILE D 257 6.45 0.66 -32.52
C ILE D 257 5.30 0.56 -33.47
N ILE D 258 5.58 0.63 -34.75
CA ILE D 258 4.53 0.53 -35.73
C ILE D 258 4.59 -0.85 -36.36
N PHE D 259 3.51 -1.60 -36.15
CA PHE D 259 3.34 -2.92 -36.75
C PHE D 259 2.74 -2.77 -38.13
N PRO D 260 2.46 -3.89 -38.78
CA PRO D 260 1.80 -3.86 -40.07
C PRO D 260 0.35 -3.45 -39.91
N GLY D 261 -0.01 -2.35 -40.56
CA GLY D 261 -1.36 -1.83 -40.44
C GLY D 261 -1.88 -1.38 -41.79
N GLY D 262 -3.15 -0.99 -41.80
CA GLY D 262 -3.77 -0.42 -42.96
C GLY D 262 -3.72 1.10 -42.97
N VAL D 263 -4.80 1.76 -43.39
CA VAL D 263 -4.75 3.21 -43.60
C VAL D 263 -4.44 3.95 -42.32
N GLY D 264 -5.18 3.63 -41.27
CA GLY D 264 -5.02 4.33 -40.01
C GLY D 264 -3.57 4.29 -39.57
N THR D 265 -3.02 3.07 -39.45
CA THR D 265 -1.65 2.89 -38.98
C THR D 265 -0.68 3.62 -39.89
N ALA D 266 -0.90 3.53 -41.21
CA ALA D 266 -0.12 4.33 -42.14
C ALA D 266 -0.25 5.81 -41.82
N GLU D 267 -1.48 6.29 -41.69
CA GLU D 267 -1.64 7.73 -41.53
C GLU D 267 -0.91 8.24 -40.28
N ALA D 268 -0.98 7.48 -39.19
CA ALA D 268 -0.29 7.88 -37.97
C ALA D 268 1.22 8.01 -38.22
N LEU D 269 1.78 7.06 -38.96
CA LEU D 269 3.21 7.11 -39.27
C LEU D 269 3.58 8.43 -39.94
N LEU D 270 2.89 8.79 -41.01
CA LEU D 270 3.20 10.07 -41.63
C LEU D 270 3.07 11.19 -40.63
N TYR D 271 2.05 11.12 -39.78
CA TYR D 271 1.89 12.14 -38.76
C TYR D 271 3.11 12.17 -37.87
N LEU D 272 3.55 11.00 -37.40
CA LEU D 272 4.77 10.90 -36.60
C LEU D 272 5.98 11.40 -37.39
N LEU D 273 6.24 10.78 -38.56
CA LEU D 273 7.44 11.11 -39.30
C LEU D 273 7.51 12.61 -39.50
N GLY D 274 6.36 13.25 -39.69
CA GLY D 274 6.37 14.69 -39.87
C GLY D 274 6.88 15.45 -38.65
N ILE D 275 6.50 15.02 -37.46
CA ILE D 275 7.04 15.71 -36.28
C ILE D 275 8.53 15.39 -36.08
N LEU D 276 8.99 14.20 -36.52
CA LEU D 276 10.39 13.83 -36.34
C LEU D 276 11.32 14.60 -37.26
N MET D 277 10.89 14.86 -38.49
CA MET D 277 11.71 15.62 -39.44
C MET D 277 11.80 17.10 -39.13
N ASN D 278 10.84 17.63 -38.40
CA ASN D 278 10.89 19.04 -38.07
C ASN D 278 12.25 19.36 -37.42
N PRO D 279 12.94 20.37 -37.89
CA PRO D 279 14.23 20.71 -37.29
C PRO D 279 14.23 20.92 -35.77
N ALA D 280 13.24 21.58 -35.17
CA ALA D 280 13.39 21.82 -33.73
C ALA D 280 13.45 20.51 -32.95
N ASN D 281 13.11 19.40 -33.60
CA ASN D 281 13.06 18.09 -32.99
C ASN D 281 14.25 17.21 -33.38
N LYS D 282 15.37 17.81 -33.73
CA LYS D 282 16.57 17.03 -34.06
C LYS D 282 17.33 16.59 -32.82
N ASP D 283 17.00 17.19 -31.69
CA ASP D 283 17.60 16.87 -30.41
C ASP D 283 16.63 16.18 -29.48
N GLN D 284 15.45 15.78 -29.98
CA GLN D 284 14.43 15.09 -29.20
C GLN D 284 14.55 13.60 -29.45
N VAL D 285 14.49 12.81 -28.38
CA VAL D 285 14.67 11.36 -28.48
C VAL D 285 13.32 10.68 -28.35
N LEU D 286 12.93 9.99 -29.40
CA LEU D 286 11.75 9.18 -29.30
C LEU D 286 11.96 8.04 -30.30
N PRO D 287 12.17 6.82 -29.80
CA PRO D 287 12.60 5.74 -30.68
C PRO D 287 11.45 5.20 -31.51
N LEU D 288 11.53 5.34 -32.82
CA LEU D 288 10.54 4.74 -33.72
C LEU D 288 11.15 3.53 -34.41
N ILE D 289 10.42 2.43 -34.40
CA ILE D 289 10.90 1.14 -34.85
C ILE D 289 9.78 0.33 -35.45
N LEU D 290 9.74 0.18 -36.78
CA LEU D 290 8.71 -0.65 -37.39
C LEU D 290 9.12 -2.10 -37.24
N THR D 291 8.17 -2.95 -36.91
CA THR D 291 8.43 -4.37 -36.84
C THR D 291 7.23 -5.15 -37.35
N GLY D 292 7.48 -6.43 -37.53
CA GLY D 292 6.53 -7.34 -38.08
C GLY D 292 7.17 -8.71 -38.20
N PRO D 293 6.38 -9.73 -38.45
CA PRO D 293 6.95 -11.07 -38.60
C PRO D 293 7.60 -11.18 -39.97
N LYS D 294 8.08 -12.37 -40.27
CA LYS D 294 8.78 -12.60 -41.53
C LYS D 294 7.94 -12.18 -42.73
N GLU D 295 6.67 -12.58 -42.76
CA GLU D 295 5.84 -12.34 -43.94
C GLU D 295 5.63 -10.88 -44.23
N SER D 296 5.84 -10.03 -43.23
CA SER D 296 5.67 -8.60 -43.42
C SER D 296 6.88 -7.94 -44.08
N ALA D 297 7.94 -8.71 -44.34
CA ALA D 297 9.10 -8.18 -45.03
C ALA D 297 8.65 -7.35 -46.24
N ASP D 298 7.89 -7.99 -47.12
CA ASP D 298 7.46 -7.32 -48.31
C ASP D 298 6.69 -6.05 -47.96
N TYR D 299 5.63 -6.18 -47.16
CA TYR D 299 4.81 -5.03 -46.82
C TYR D 299 5.65 -3.83 -46.47
N PHE D 300 6.63 -4.05 -45.60
CA PHE D 300 7.41 -2.92 -45.13
C PHE D 300 8.30 -2.39 -46.23
N ARG D 301 8.87 -3.27 -47.03
CA ARG D 301 9.71 -2.82 -48.14
C ARG D 301 8.94 -1.82 -49.01
N VAL D 302 7.71 -2.18 -49.37
CA VAL D 302 6.85 -1.25 -50.08
C VAL D 302 6.66 0.00 -49.25
N LEU D 303 6.25 -0.21 -48.01
CA LEU D 303 6.06 0.91 -47.12
C LEU D 303 7.23 1.86 -47.19
N ASP D 304 8.43 1.34 -47.02
CA ASP D 304 9.60 2.20 -47.03
C ASP D 304 9.65 3.01 -48.32
N GLU D 305 9.56 2.32 -49.46
CA GLU D 305 9.68 2.98 -50.76
C GLU D 305 8.69 4.14 -50.86
N PHE D 306 7.47 3.96 -50.36
CA PHE D 306 6.53 5.08 -50.34
C PHE D 306 7.08 6.24 -49.51
N VAL D 307 7.65 5.94 -48.34
CA VAL D 307 8.08 7.01 -47.44
C VAL D 307 9.27 7.75 -48.04
N VAL D 308 10.29 7.00 -48.47
CA VAL D 308 11.47 7.64 -49.03
C VAL D 308 11.07 8.46 -50.23
N HIS D 309 10.10 7.98 -51.00
CA HIS D 309 9.66 8.80 -52.10
C HIS D 309 8.98 10.06 -51.58
N THR D 310 8.10 9.93 -50.60
CA THR D 310 7.39 11.12 -50.13
C THR D 310 8.27 11.97 -49.22
N LEU D 311 9.18 11.36 -48.47
CA LEU D 311 9.95 12.11 -47.49
C LEU D 311 11.40 12.23 -47.83
N GLY D 312 11.95 11.27 -48.55
CA GLY D 312 13.36 11.23 -48.80
C GLY D 312 14.02 10.05 -48.12
N GLU D 313 15.20 9.71 -48.60
CA GLU D 313 15.94 8.69 -47.89
C GLU D 313 16.43 9.17 -46.54
N ASN D 314 16.34 10.47 -46.27
CA ASN D 314 16.59 10.95 -44.92
C ASN D 314 15.49 10.54 -43.93
N ALA D 315 14.35 10.02 -44.38
CA ALA D 315 13.35 9.53 -43.42
C ALA D 315 13.93 8.44 -42.54
N ARG D 316 14.77 7.56 -43.13
CA ARG D 316 15.24 6.33 -42.51
C ARG D 316 16.16 6.56 -41.32
N ARG D 317 16.54 7.80 -41.04
CA ARG D 317 17.27 8.05 -39.83
C ARG D 317 16.36 8.19 -38.62
N HIS D 318 15.04 8.21 -38.83
CA HIS D 318 14.07 8.32 -37.76
C HIS D 318 13.39 7.02 -37.39
N TYR D 319 13.52 5.98 -38.20
CA TYR D 319 12.97 4.66 -37.88
C TYR D 319 14.00 3.62 -38.23
N ARG D 320 13.63 2.39 -37.97
CA ARG D 320 14.46 1.20 -38.07
C ARG D 320 13.52 0.03 -38.18
N ILE D 321 13.69 -0.83 -39.16
CA ILE D 321 12.71 -1.88 -39.42
C ILE D 321 13.33 -3.17 -39.00
N ILE D 322 12.61 -3.91 -38.15
CA ILE D 322 13.08 -5.17 -37.58
C ILE D 322 12.06 -6.23 -37.96
N ILE D 323 12.55 -7.37 -38.46
CA ILE D 323 11.68 -8.43 -38.97
C ILE D 323 11.96 -9.70 -38.16
N ASP D 324 10.90 -10.28 -37.58
CA ASP D 324 11.00 -11.58 -36.91
C ASP D 324 12.01 -11.62 -35.76
N ASP D 325 12.22 -10.51 -35.04
CA ASP D 325 13.05 -10.54 -33.83
C ASP D 325 12.42 -9.59 -32.79
N ALA D 326 11.22 -9.99 -32.34
CA ALA D 326 10.50 -9.24 -31.30
C ALA D 326 11.35 -9.08 -30.05
N ALA D 327 12.16 -10.06 -29.69
CA ALA D 327 13.05 -9.87 -28.55
C ALA D 327 13.84 -8.57 -28.69
N GLU D 328 14.50 -8.43 -29.84
CA GLU D 328 15.32 -7.26 -30.08
C GLU D 328 14.50 -6.00 -30.13
N VAL D 329 13.31 -6.09 -30.70
CA VAL D 329 12.45 -4.91 -30.74
C VAL D 329 12.22 -4.38 -29.34
N ALA D 330 11.96 -5.27 -28.38
CA ALA D 330 11.77 -4.84 -27.01
C ALA D 330 13.11 -4.46 -26.38
N ARG D 331 14.14 -5.27 -26.63
CA ARG D 331 15.46 -4.96 -26.11
C ARG D 331 15.82 -3.53 -26.42
N GLN D 332 15.59 -3.12 -27.67
CA GLN D 332 15.96 -1.78 -28.08
C GLN D 332 15.13 -0.73 -27.31
N MET D 333 13.80 -0.85 -27.38
CA MET D 333 12.98 0.09 -26.64
C MET D 333 13.42 0.15 -25.21
N LYS D 334 13.65 -1.00 -24.59
CA LYS D 334 14.12 -0.99 -23.22
C LYS D 334 15.42 -0.20 -23.09
N LYS D 335 16.37 -0.44 -23.99
CA LYS D 335 17.60 0.33 -23.96
C LYS D 335 17.36 1.82 -24.15
N SER D 336 16.37 2.19 -24.94
CA SER D 336 16.18 3.61 -25.23
C SER D 336 15.43 4.34 -24.15
N MET D 337 14.86 3.62 -23.19
CA MET D 337 14.12 4.28 -22.12
C MET D 337 15.00 5.26 -21.36
N PRO D 338 16.20 4.89 -20.94
CA PRO D 338 17.05 5.83 -20.19
C PRO D 338 17.37 7.09 -20.95
N LEU D 339 17.57 6.97 -22.27
CA LEU D 339 17.80 8.15 -23.07
C LEU D 339 16.63 9.11 -22.94
N VAL D 340 15.41 8.60 -23.14
CA VAL D 340 14.27 9.51 -23.12
C VAL D 340 14.20 10.18 -21.77
N LYS D 341 14.51 9.46 -20.68
CA LYS D 341 14.53 10.09 -19.36
C LYS D 341 15.49 11.29 -19.33
N GLU D 342 16.75 11.05 -19.68
CA GLU D 342 17.71 12.15 -19.60
C GLU D 342 17.38 13.24 -20.59
N ASN D 343 16.99 12.85 -21.80
CA ASN D 343 16.49 13.84 -22.75
C ASN D 343 15.47 14.78 -22.11
N ARG D 344 14.59 14.25 -21.25
CA ARG D 344 13.62 15.09 -20.57
C ARG D 344 14.25 15.77 -19.37
N ARG D 345 15.19 15.10 -18.72
CA ARG D 345 15.89 15.73 -17.61
C ARG D 345 16.62 16.98 -18.07
N ASP D 346 17.41 16.84 -19.14
CA ASP D 346 18.18 17.95 -19.66
C ASP D 346 17.29 19.16 -19.94
N THR D 347 16.32 18.99 -20.82
CA THR D 347 15.47 20.08 -21.22
C THR D 347 14.58 20.58 -20.09
N GLY D 348 14.50 19.82 -18.99
CA GLY D 348 13.54 20.11 -17.95
C GLY D 348 12.11 19.77 -18.29
N ASP D 349 11.87 18.97 -19.33
CA ASP D 349 10.57 18.56 -19.85
C ASP D 349 10.02 17.48 -18.95
N ALA D 350 8.77 17.08 -19.15
CA ALA D 350 8.14 16.14 -18.24
C ALA D 350 8.20 14.71 -18.76
N TYR D 351 8.23 13.74 -17.85
CA TYR D 351 8.31 12.35 -18.31
C TYR D 351 7.04 11.97 -19.06
N SER D 352 5.91 12.47 -18.58
CA SER D 352 4.60 11.97 -18.93
C SER D 352 4.15 12.57 -20.26
N PHE D 353 4.33 13.87 -20.40
CA PHE D 353 3.96 14.62 -21.56
C PHE D 353 5.18 15.27 -22.18
N ASN D 354 5.44 14.98 -23.45
CA ASN D 354 6.62 15.54 -24.13
C ASN D 354 6.27 16.98 -24.51
N TRP D 355 6.52 17.94 -23.61
CA TRP D 355 6.21 19.35 -23.89
C TRP D 355 7.12 19.93 -24.95
N SER D 356 8.36 19.42 -25.05
CA SER D 356 9.35 19.99 -25.97
C SER D 356 9.18 19.51 -27.41
N MET D 357 8.60 18.33 -27.60
CA MET D 357 8.19 17.90 -28.93
C MET D 357 7.45 19.03 -29.63
N ARG D 358 8.00 19.56 -30.72
CA ARG D 358 7.28 20.56 -31.51
C ARG D 358 6.45 19.83 -32.55
N ILE D 359 5.12 19.90 -32.41
CA ILE D 359 4.18 19.35 -33.38
C ILE D 359 3.57 20.51 -34.14
N ALA D 360 3.59 20.41 -35.46
CA ALA D 360 3.29 21.53 -36.33
C ALA D 360 1.80 21.80 -36.33
N PRO D 361 1.39 23.08 -36.33
CA PRO D 361 -0.04 23.38 -36.25
C PRO D 361 -0.85 22.77 -37.37
N ASP D 362 -0.30 22.68 -38.58
CA ASP D 362 -1.02 21.99 -39.65
C ASP D 362 -1.12 20.49 -39.38
N LEU D 363 -0.28 19.96 -38.49
CA LEU D 363 -0.48 18.61 -38.02
C LEU D 363 -1.48 18.52 -36.87
N GLN D 364 -1.71 19.64 -36.17
CA GLN D 364 -2.65 19.69 -35.05
C GLN D 364 -4.05 20.15 -35.46
N MET D 365 -4.15 20.78 -36.62
CA MET D 365 -5.39 21.25 -37.16
C MET D 365 -6.22 20.06 -37.63
N PRO D 366 -7.48 19.98 -37.24
CA PRO D 366 -8.35 18.93 -37.75
C PRO D 366 -8.67 19.11 -39.23
N PHE D 367 -8.82 17.99 -39.92
CA PHE D 367 -9.06 17.95 -41.36
C PHE D 367 -10.41 17.31 -41.64
N GLU D 368 -11.46 18.11 -41.89
CA GLU D 368 -12.76 17.53 -42.22
C GLU D 368 -12.64 16.84 -43.57
N PRO D 369 -12.98 15.54 -43.67
CA PRO D 369 -12.78 14.82 -44.94
C PRO D 369 -13.80 15.17 -45.98
N SER D 370 -13.87 16.45 -46.33
CA SER D 370 -14.70 16.89 -47.43
C SER D 370 -14.09 16.45 -48.75
N HIS D 371 -14.93 15.98 -49.68
CA HIS D 371 -14.41 15.56 -50.98
C HIS D 371 -13.74 16.70 -51.72
N GLU D 372 -14.22 17.94 -51.50
CA GLU D 372 -13.53 19.12 -52.02
C GLU D 372 -12.17 19.29 -51.36
N ASN D 373 -12.14 19.30 -50.03
CA ASN D 373 -10.88 19.34 -49.31
C ASN D 373 -9.91 18.27 -49.85
N MET D 374 -10.43 17.08 -50.15
CA MET D 374 -9.57 15.91 -50.39
C MET D 374 -8.74 16.05 -51.67
N ALA D 375 -9.32 16.53 -52.76
CA ALA D 375 -8.51 16.64 -53.97
C ALA D 375 -7.63 17.90 -54.00
N ASN D 376 -7.87 18.87 -53.11
CA ASN D 376 -7.06 20.08 -52.99
C ASN D 376 -5.78 19.85 -52.17
N LEU D 377 -5.39 18.60 -51.97
CA LEU D 377 -4.21 18.28 -51.17
C LEU D 377 -2.98 18.45 -52.03
N LYS D 378 -2.18 19.45 -51.69
CA LYS D 378 -0.95 19.69 -52.44
C LYS D 378 0.05 18.58 -52.10
N LEU D 379 0.14 17.60 -52.99
CA LEU D 379 1.04 16.46 -52.84
C LEU D 379 2.17 16.59 -53.86
N TYR D 380 3.07 17.56 -53.63
CA TYR D 380 4.12 17.96 -54.57
C TYR D 380 5.47 18.19 -53.90
N PRO D 381 6.54 17.65 -54.50
CA PRO D 381 7.85 17.64 -53.82
C PRO D 381 8.52 18.99 -53.67
N ASP D 382 8.04 20.02 -54.37
CA ASP D 382 8.57 21.36 -54.18
C ASP D 382 8.34 21.84 -52.75
N GLN D 383 7.23 21.40 -52.13
CA GLN D 383 6.88 21.79 -50.78
C GLN D 383 7.78 21.12 -49.76
N PRO D 384 8.03 21.78 -48.63
CA PRO D 384 8.84 21.17 -47.58
C PRO D 384 8.31 19.79 -47.23
N VAL D 385 9.22 18.85 -47.01
CA VAL D 385 8.79 17.51 -46.62
C VAL D 385 7.78 17.64 -45.50
N GLU D 386 7.89 18.70 -44.70
CA GLU D 386 6.92 18.95 -43.65
C GLU D 386 5.50 19.08 -44.22
N VAL D 387 5.30 20.02 -45.13
CA VAL D 387 3.94 20.18 -45.65
C VAL D 387 3.52 19.02 -46.55
N LEU D 388 4.46 18.26 -47.08
CA LEU D 388 4.11 17.12 -47.91
C LEU D 388 3.48 16.00 -47.08
N ALA D 389 4.08 15.69 -45.96
CA ALA D 389 3.52 14.64 -45.11
C ALA D 389 2.29 15.11 -44.34
N ALA D 390 2.23 16.40 -43.97
CA ALA D 390 1.06 16.96 -43.33
C ALA D 390 -0.18 16.69 -44.16
N ASP D 391 -0.16 17.13 -45.43
CA ASP D 391 -1.24 16.80 -46.35
C ASP D 391 -1.30 15.34 -46.64
N LEU D 392 -0.16 14.67 -46.66
CA LEU D 392 -0.19 13.24 -46.86
C LEU D 392 -0.85 12.54 -45.67
N ARG D 393 -0.53 12.97 -44.44
CA ARG D 393 -1.30 12.50 -43.29
C ARG D 393 -2.79 12.76 -43.45
N ARG D 394 -3.15 13.96 -43.93
CA ARG D 394 -4.56 14.34 -43.99
C ARG D 394 -5.32 13.49 -45.00
N ALA D 395 -4.66 13.13 -46.11
CA ALA D 395 -5.29 12.27 -47.09
C ALA D 395 -5.55 10.89 -46.50
N PHE D 396 -4.55 10.32 -45.84
CA PHE D 396 -4.71 9.00 -45.25
C PHE D 396 -5.81 8.94 -44.22
N SER D 397 -6.12 10.06 -43.58
CA SER D 397 -7.14 10.07 -42.55
C SER D 397 -8.52 10.17 -43.18
N GLY D 398 -8.62 10.70 -44.40
CA GLY D 398 -9.89 10.70 -45.08
C GLY D 398 -10.36 9.29 -45.37
N ILE D 399 -9.47 8.45 -45.89
CA ILE D 399 -9.85 7.09 -46.27
C ILE D 399 -10.41 6.36 -45.06
N VAL D 400 -9.87 6.63 -43.88
CA VAL D 400 -10.37 5.96 -42.69
C VAL D 400 -11.78 6.45 -42.37
N ALA D 401 -12.09 7.72 -42.67
CA ALA D 401 -13.45 8.22 -42.52
C ALA D 401 -14.42 7.45 -43.39
N GLY D 402 -14.12 7.29 -44.68
CA GLY D 402 -14.98 6.50 -45.53
C GLY D 402 -15.18 5.08 -45.05
N ASN D 403 -14.28 4.57 -44.22
CA ASN D 403 -14.29 3.15 -43.90
C ASN D 403 -14.91 2.86 -42.55
N VAL D 404 -14.65 3.67 -41.52
CA VAL D 404 -15.16 3.43 -40.19
C VAL D 404 -16.04 4.58 -39.72
N LYS D 405 -15.49 5.79 -39.71
CA LYS D 405 -16.21 6.94 -39.15
C LYS D 405 -17.57 7.14 -39.84
N GLU D 406 -18.53 7.72 -39.10
CA GLU D 406 -19.87 7.89 -39.67
C GLU D 406 -19.88 8.91 -40.80
N VAL D 407 -19.54 10.16 -40.49
CA VAL D 407 -19.39 11.16 -41.56
C VAL D 407 -18.41 10.61 -42.59
N GLY D 408 -18.90 10.34 -43.81
CA GLY D 408 -18.08 9.85 -44.91
C GLY D 408 -18.20 8.36 -45.13
N ILE D 409 -18.51 7.58 -44.08
CA ILE D 409 -18.92 6.20 -44.32
C ILE D 409 -20.11 6.18 -45.28
N ARG D 410 -21.10 7.07 -45.05
CA ARG D 410 -22.24 7.26 -45.94
C ARG D 410 -22.21 8.57 -46.69
N ALA D 411 -21.62 9.61 -46.11
CA ALA D 411 -21.41 10.84 -46.84
C ALA D 411 -20.70 10.55 -48.16
N ILE D 412 -20.19 9.32 -48.37
CA ILE D 412 -19.41 9.02 -49.57
C ILE D 412 -20.32 8.80 -50.79
N GLU D 413 -21.33 7.93 -50.72
CA GLU D 413 -22.16 7.75 -51.91
C GLU D 413 -22.97 9.02 -52.20
N GLU D 414 -23.45 9.68 -51.14
CA GLU D 414 -24.22 10.91 -51.31
C GLU D 414 -23.46 11.92 -52.11
N PHE D 415 -22.41 12.44 -51.51
CA PHE D 415 -21.59 13.45 -52.16
C PHE D 415 -20.52 12.84 -53.08
N GLY D 416 -20.44 11.51 -53.18
CA GLY D 416 -19.48 10.86 -54.08
C GLY D 416 -18.22 10.29 -53.43
N PRO D 417 -17.66 9.24 -54.03
CA PRO D 417 -16.47 8.61 -53.44
C PRO D 417 -15.23 9.49 -53.59
N TYR D 418 -14.22 9.17 -52.80
CA TYR D 418 -13.13 10.10 -52.62
C TYR D 418 -12.20 10.08 -53.81
N LYS D 419 -11.61 11.22 -54.10
CA LYS D 419 -10.69 11.36 -55.22
C LYS D 419 -9.57 12.31 -54.80
N ILE D 420 -8.32 11.85 -54.92
CA ILE D 420 -7.13 12.60 -54.55
C ILE D 420 -6.27 12.83 -55.77
N ASN D 421 -5.68 14.02 -55.85
CA ASN D 421 -4.92 14.43 -57.02
C ASN D 421 -3.70 15.20 -56.58
N GLY D 422 -2.66 15.06 -57.39
CA GLY D 422 -1.42 15.77 -57.18
C GLY D 422 -0.33 15.24 -58.08
N ASP D 423 0.89 15.17 -57.56
CA ASP D 423 2.00 14.55 -58.28
C ASP D 423 1.60 13.12 -58.68
N LYS D 424 1.82 12.75 -59.95
CA LYS D 424 1.36 11.43 -60.43
C LYS D 424 2.20 10.29 -59.86
N GLU D 425 3.52 10.41 -59.87
CA GLU D 425 4.34 9.35 -59.27
C GLU D 425 4.00 9.18 -57.80
N ILE D 426 3.72 10.28 -57.11
CA ILE D 426 3.25 10.16 -55.73
C ILE D 426 1.97 9.33 -55.68
N MET D 427 0.95 9.76 -56.43
CA MET D 427 -0.31 9.03 -56.48
C MET D 427 -0.07 7.58 -56.85
N ARG D 428 0.91 7.32 -57.73
CA ARG D 428 1.20 5.95 -58.13
C ARG D 428 1.77 5.15 -56.97
N ARG D 429 2.81 5.66 -56.32
CA ARG D 429 3.37 4.92 -55.19
C ARG D 429 2.34 4.73 -54.09
N MET D 430 1.31 5.58 -54.04
CA MET D 430 0.22 5.39 -53.10
C MET D 430 -0.65 4.20 -53.49
N ASP D 431 -1.01 4.09 -54.76
CA ASP D 431 -1.97 3.06 -55.14
C ASP D 431 -1.46 1.67 -54.82
N ASP D 432 -0.18 1.40 -55.08
CA ASP D 432 0.36 0.08 -54.76
C ASP D 432 0.13 -0.24 -53.29
N LEU D 433 0.39 0.74 -52.42
CA LEU D 433 0.16 0.58 -51.00
C LEU D 433 -1.33 0.40 -50.70
N LEU D 434 -2.15 1.37 -51.10
CA LEU D 434 -3.58 1.28 -50.85
C LEU D 434 -4.14 -0.04 -51.39
N GLN D 435 -3.92 -0.32 -52.68
CA GLN D 435 -4.45 -1.54 -53.27
C GLN D 435 -3.78 -2.78 -52.67
N GLY D 436 -2.53 -2.65 -52.24
CA GLY D 436 -1.97 -3.68 -51.38
C GLY D 436 -2.74 -3.83 -50.09
N PHE D 437 -3.09 -2.71 -49.43
CA PHE D 437 -3.85 -2.76 -48.17
C PHE D 437 -5.16 -3.49 -48.35
N VAL D 438 -5.76 -3.38 -49.52
CA VAL D 438 -6.98 -4.11 -49.82
C VAL D 438 -6.71 -5.60 -49.86
N ALA D 439 -5.58 -6.01 -50.47
CA ALA D 439 -5.23 -7.42 -50.56
C ALA D 439 -4.81 -8.02 -49.22
N GLN D 440 -4.44 -7.19 -48.24
CA GLN D 440 -4.08 -7.64 -46.90
C GLN D 440 -5.23 -7.56 -45.90
N HIS D 441 -6.42 -7.17 -46.34
CA HIS D 441 -7.58 -7.04 -45.46
C HIS D 441 -7.28 -6.14 -44.27
N ARG D 442 -6.38 -5.16 -44.44
CA ARG D 442 -6.09 -4.14 -43.44
C ARG D 442 -7.00 -2.94 -43.56
N MET D 443 -7.86 -2.90 -44.57
CA MET D 443 -8.81 -1.82 -44.71
C MET D 443 -10.10 -2.13 -43.97
N LYS D 444 -10.56 -3.37 -44.12
CA LYS D 444 -11.83 -3.78 -43.54
C LYS D 444 -11.69 -5.24 -43.18
N LEU D 445 -12.45 -5.65 -42.18
CA LEU D 445 -12.32 -6.98 -41.62
C LEU D 445 -12.77 -8.06 -42.58
N GLY D 447 -11.91 -9.10 -46.18
CA GLY D 447 -13.01 -9.46 -45.29
C GLY D 447 -14.26 -9.96 -46.00
N SER D 448 -15.39 -9.99 -45.29
CA SER D 448 -16.66 -10.43 -45.90
C SER D 448 -17.03 -9.53 -47.07
N ALA D 449 -16.74 -8.24 -46.95
CA ALA D 449 -17.04 -7.25 -47.96
C ALA D 449 -16.18 -6.02 -47.70
N TYR D 450 -15.79 -5.32 -48.77
CA TYR D 450 -15.07 -4.06 -48.63
C TYR D 450 -15.29 -3.18 -49.87
N ILE D 451 -15.58 -1.90 -49.62
CA ILE D 451 -15.75 -0.91 -50.68
C ILE D 451 -14.54 0.02 -50.71
N PRO D 452 -14.06 0.42 -51.89
CA PRO D 452 -12.83 1.25 -51.92
C PRO D 452 -12.93 2.59 -51.21
N CYS D 453 -13.98 3.36 -51.44
CA CYS D 453 -14.12 4.68 -50.83
C CYS D 453 -13.05 5.66 -51.26
N TYR D 454 -12.17 5.30 -52.20
CA TYR D 454 -11.07 6.16 -52.58
C TYR D 454 -10.80 5.99 -54.06
N GLU D 455 -10.31 7.06 -54.71
CA GLU D 455 -9.99 7.00 -56.13
C GLU D 455 -8.83 7.93 -56.48
N ILE D 456 -7.89 7.40 -57.26
CA ILE D 456 -6.67 8.11 -57.65
C ILE D 456 -6.40 7.82 -59.13
N CYS D 457 -6.00 8.84 -59.89
CA CYS D 457 -5.76 8.67 -61.34
C CYS D 457 -4.96 7.42 -61.69
C1 HSX E . 19.81 -0.93 29.88
O4 HSX E . 20.67 -0.20 30.89
C2 HSX E . 18.57 -0.15 29.63
O2 HSX E . 18.32 0.26 28.25
C3 HSX E . 18.67 1.10 30.39
O3 HSX E . 18.76 2.17 29.41
C4 HSX E . 19.96 1.09 31.19
C5 HSX E . 19.61 1.24 32.64
O5 HSX E . 19.87 2.58 33.06
P' HSX E . 19.45 3.10 34.59
O1X HSX E . 18.07 3.55 34.74
O2X HSX E . 19.55 2.02 35.58
O3X HSX E . 20.24 4.20 35.16
O1 HSX E . 20.49 -1.21 28.78
H1 HSX E . 19.53 -1.88 30.31
H2 HSX E . 17.79 -0.82 29.92
HO2 HSX E . 18.68 -0.40 27.67
H3 HSX E . 17.83 1.20 31.06
HO3 HSX E . 18.46 2.98 29.77
H4 HSX E . 20.64 1.91 30.91
H51 HSX E . 18.58 1.02 32.79
H52 HSX E . 20.21 0.56 33.22
HO1 HSX E . 21.41 -1.22 28.97
PD 0O2 F . 22.19 -1.64 -2.71
O1D 0O2 F . 22.40 -0.21 -2.90
O2D 0O2 F . 21.53 -2.02 -3.96
O3D 0O2 F . 21.17 -1.74 -1.68
PG 0O2 F . 28.44 -10.81 -2.23
O1G 0O2 F . 29.85 -10.92 -1.85
O2G 0O2 F . 27.81 -12.03 -1.73
O3G 0O2 F . 28.42 -10.99 -3.68
PB 0O2 F . 27.94 -7.92 -2.21
O1B 0O2 F . 29.31 -7.44 -2.01
O2B 0O2 F . 27.15 -6.93 -1.50
O3B 0O2 F . 27.72 -9.45 -1.63
O3A 0O2 F . 27.59 -7.94 -3.83
PA 0O2 F . 26.25 -8.63 -4.52
O1A 0O2 F . 26.10 -10.04 -4.15
O2A 0O2 F . 26.44 -8.69 -5.97
O5' 0O2 F . 24.89 -7.75 -4.14
C5' 0O2 F . 24.26 -7.97 -2.92
C4' 0O2 F . 23.03 -7.17 -2.90
O4' 0O2 F . 22.13 -7.78 -1.83
C3' 0O2 F . 23.24 -5.80 -2.46
O3' 0O2 F . 23.33 -4.89 -3.56
C2' 0O2 F . 22.06 -5.38 -1.70
O2' 0O2 F . 21.21 -4.52 -2.51
C1' 0O2 F . 21.33 -6.69 -1.26
N9 0O2 F . 21.04 -6.81 0.10
C8 0O2 F . 19.79 -6.90 0.39
N7 0O2 F . 19.72 -6.87 1.75
C5 0O2 F . 21.21 -6.75 2.16
C6 0O2 F . 21.97 -6.68 3.37
O6 0O2 F . 21.29 -6.71 4.60
N1 0O2 F . 23.32 -6.59 3.34
C2 0O2 F . 23.99 -6.56 2.20
N2 0O2 F . 25.44 -6.56 2.27
N3 0O2 F . 23.34 -6.63 0.94
C4 0O2 F . 21.96 -6.72 0.93
PC 0O2 F . 24.31 -3.61 -3.26
O1C 0O2 F . 25.54 -4.04 -2.61
O2C 0O2 F . 24.75 -3.06 -4.55
O3C 0O2 F . 23.56 -2.48 -2.33
H3 0O2 F . 23.86 -6.63 0.09
H7 0O2 F . 24.91 -7.67 -2.10
H8 0O2 F . 24.02 -9.02 -2.81
H9 0O2 F . 22.61 -7.15 -3.89
H10 0O2 F . 24.15 -5.79 -1.86
H11 0O2 F . 22.33 -4.81 -0.83
H12 0O2 F . 21.31 -4.77 -3.43
H13 0O2 F . 20.33 -6.69 -1.67
H14 0O2 F . 19.02 -7.30 -0.27
H15 0O2 F . 25.85 -7.44 2.69
H16 0O2 F . 25.98 -5.92 1.71
H61 0O2 F . 20.35 -6.73 4.46
C1 HSX G . -3.00 -34.87 -8.92
O4 HSX G . -2.55 -36.07 -9.76
C2 HSX G . -2.67 -33.59 -9.66
O2 HSX G . -3.87 -32.80 -9.93
C3 HSX G . -2.06 -34.08 -10.89
O3 HSX G . -2.58 -33.29 -11.97
C4 HSX G . -2.36 -35.57 -11.17
C5 HSX G . -1.29 -36.26 -11.97
O5 HSX G . -1.75 -37.36 -12.81
P' HSX G . -2.79 -37.23 -14.17
O1X HSX G . -2.66 -38.41 -15.07
O2X HSX G . -4.20 -37.10 -13.75
O3X HSX G . -2.66 -36.10 -15.10
O1 HSX G . -4.31 -34.96 -8.73
H1 HSX G . -2.46 -34.87 -7.99
H2 HSX G . -2.04 -32.95 -9.09
HO2 HSX G . -3.61 -31.86 -9.89
H3 HSX G . -0.99 -34.02 -10.77
HO3 HSX G . -3.32 -33.75 -12.31
H4 HSX G . -3.25 -35.74 -11.79
H51 HSX G . -0.82 -35.52 -12.60
H52 HSX G . -0.56 -36.64 -11.28
HO1 HSX G . -4.75 -34.39 -9.33
PD 0O2 H . -14.92 -10.09 11.09
O1D 0O2 H . -14.78 -11.36 10.43
O2D 0O2 H . -15.91 -9.39 10.29
O3D 0O2 H . -13.70 -9.37 10.83
PG 0O2 H . -14.42 -17.04 21.07
O1G 0O2 H . -15.83 -16.63 21.11
O2G 0O2 H . -14.14 -17.67 22.35
O3G 0O2 H . -13.66 -15.81 21.24
PB 0O2 H . -13.78 -17.52 18.14
O1B 0O2 H . -12.46 -17.94 17.67
O2B 0O2 H . -14.66 -18.21 17.19
O3B 0O2 H . -14.04 -17.99 19.73
O3A 0O2 H . -13.86 -15.86 18.11
PA 0O2 H . -14.65 -14.93 16.98
O1A 0O2 H . -15.06 -15.81 15.89
O2A 0O2 H . -15.93 -14.46 17.54
O5' 0O2 H . -13.70 -13.67 16.44
C5' 0O2 H . -12.39 -13.91 16.17
C4' 0O2 H . -11.98 -13.25 14.93
O4' 0O2 H . -10.75 -14.02 14.40
C3' 0O2 H . -12.94 -13.15 13.82
O3' 0O2 H . -13.42 -11.77 13.81
C2' 0O2 H . -12.26 -13.57 12.57
O2' 0O2 H . -12.34 -12.54 11.55
C1' 0O2 H . -10.81 -14.03 12.92
N9 0O2 H . -10.28 -15.19 12.34
C8 0O2 H . -9.19 -15.10 11.65
N7 0O2 H . -9.00 -16.32 11.10
C5 0O2 H . -10.23 -17.08 11.68
C6 0O2 H . -10.78 -18.39 11.62
O6 0O2 H . -10.07 -19.29 10.84
N1 0O2 H . -11.92 -18.78 12.28
C2 0O2 H . -12.60 -17.93 13.02
N2 0O2 H . -13.74 -18.38 13.83
N3 0O2 H . -12.13 -16.58 13.16
C4 0O2 H . -10.97 -16.19 12.48
PC 0O2 H . -15.04 -11.54 13.67
O1C 0O2 H . -15.63 -12.77 13.17
O2C 0O2 H . -15.63 -11.30 14.98
O3C 0O2 H . -15.32 -10.24 12.68
H3 0O2 H . -12.62 -15.93 13.73
H7 0O2 H . -12.23 -14.98 16.07
H8 0O2 H . -11.79 -13.53 16.99
H9 0O2 H . -11.80 -12.22 15.22
H10 0O2 H . -13.77 -13.83 13.93
H11 0O2 H . -12.77 -14.43 12.16
H12 0O2 H . -12.14 -11.71 11.95
H13 0O2 H . -10.13 -13.31 12.47
H14 0O2 H . -8.42 -14.36 11.80
H15 0O2 H . -13.49 -18.68 14.84
H16 0O2 H . -14.67 -18.33 13.50
H61 0O2 H . -10.70 -19.92 10.46
C1 HSX I . -11.71 30.85 14.12
O4 HSX I . -11.64 31.89 15.21
C2 HSX I . -10.99 29.64 14.60
O2 HSX I . -11.62 28.39 14.24
C3 HSX I . -10.89 29.73 16.04
O3 HSX I . -11.98 29.03 16.69
C4 HSX I . -11.09 31.20 16.42
C5 HSX I . -9.81 31.84 16.84
O5 HSX I . -9.79 32.07 18.23
P' HSX I . -10.35 33.51 18.84
O1X HSX I . -10.42 34.59 17.84
O2X HSX I . -11.72 33.43 19.36
O3X HSX I . -9.59 33.97 20.03
O1 HSX I . -12.96 30.61 13.79
H1 HSX I . -11.23 31.20 13.23
H2 HSX I . -10.02 29.65 14.13
HO2 HSX I . -12.00 28.47 13.35
H3 HSX I . -9.93 29.34 16.32
HO3 HSX I . -12.53 28.61 16.05
H4 HSX I . -11.78 31.25 17.26
H51 HSX I . -8.99 31.20 16.57
H52 HSX I . -9.72 32.78 16.33
HO1 HSX I . -13.50 30.72 14.55
C1 HSX J . -4.88 4.29 -35.90
O4 HSX J . -4.89 3.24 -36.97
C2 HSX J . -4.81 3.59 -34.59
O2 HSX J . -3.47 3.73 -34.05
C3 HSX J . -4.98 2.16 -34.80
O3 HSX J . -3.90 1.49 -34.07
C4 HSX J . -4.82 1.91 -36.27
C5 HSX J . -5.94 1.07 -36.82
O5 HSX J . -5.44 0.21 -37.84
P' HSX J . -5.74 0.57 -39.44
O1X HSX J . -6.44 1.83 -39.69
O2X HSX J . -4.53 0.70 -40.27
O3X HSX J . -6.55 -0.47 -40.09
O1 HSX J . -3.88 5.12 -36.10
H1 HSX J . -5.78 4.88 -35.93
H2 HSX J . -5.58 4.00 -33.97
HO2 HSX J . -3.33 4.63 -33.70
H3 HSX J . -5.95 1.82 -34.47
HO3 HSX J . -3.07 1.70 -34.47
H4 HSX J . -3.87 1.38 -36.42
H51 HSX J . -6.36 0.49 -36.03
H52 HSX J . -6.69 1.72 -37.24
HO1 HSX J . -3.19 4.65 -36.55
PD 0O2 K . -24.34 2.63 3.78
O1D 0O2 K . -24.96 3.95 3.93
O2D 0O2 K . -24.61 1.96 5.05
O3D 0O2 K . -22.89 2.87 3.83
PG 0O2 K . -29.45 6.42 -3.44
O1G 0O2 K . -30.38 5.36 -3.77
O2G 0O2 K . -29.58 6.59 -2.02
O3G 0O2 K . -30.03 7.61 -4.04
PB 0O2 K . -27.38 4.55 -3.83
O1B 0O2 K . -27.49 3.97 -5.13
O2B 0O2 K . -25.98 4.45 -3.52
O3B 0O2 K . -27.92 6.09 -3.87
O3A 0O2 K . -28.23 3.92 -2.60
PA 0O2 K . -27.75 2.52 -1.92
O1A 0O2 K . -28.92 1.76 -1.44
O2A 0O2 K . -27.29 1.64 -2.98
O5' 0O2 K . -26.60 2.72 -0.76
C5' 0O2 K . -25.69 3.77 -0.62
C4' 0O2 K . -24.33 3.27 -0.92
O4' 0O2 K . -23.68 4.40 -1.72
C3' 0O2 K . -23.45 2.94 0.19
O3' 0O2 K . -23.28 1.48 0.27
C2' 0O2 K . -22.12 3.47 -0.19
O2' 0O2 K . -21.16 2.34 -0.26
C1' 0O2 K . -22.23 4.29 -1.53
N9 0O2 K . -21.61 5.55 -1.50
C8 0O2 K . -20.48 5.68 -2.12
N7 0O2 K . -20.06 6.93 -1.82
C5 0O2 K . -21.20 7.47 -0.91
C6 0O2 K . -21.50 8.66 -0.20
O6 0O2 K . -20.59 9.73 -0.26
N1 0O2 K . -22.65 8.79 0.52
C2 0O2 K . -23.50 7.79 0.59
N2 0O2 K . -24.77 7.97 1.26
N3 0O2 K . -23.29 6.57 -0.08
C4 0O2 K . -22.14 6.42 -0.81
PC 0O2 K . -23.92 0.65 1.55
O1C 0O2 K . -22.92 -0.06 2.32
O2C 0O2 K . -24.74 -0.47 1.07
O3C 0O2 K . -24.82 1.71 2.47
H3 0O2 K . -23.96 5.83 -0.03
H7 0O2 K . -25.72 4.16 0.39
H8 0O2 K . -25.94 4.56 -1.32
H9 0O2 K . -24.44 2.31 -1.42
H10 0O2 K . -23.84 3.35 1.13
H11 0O2 K . -21.76 4.18 0.54
H12 0O2 K . -21.56 1.61 -0.72
H13 0O2 K . -21.72 3.79 -2.35
H14 0O2 K . -20.16 5.09 -2.97
H15 0O2 K . -25.58 8.22 0.61
H16 0O2 K . -24.89 7.79 2.21
H61 0O2 K . -20.36 9.99 0.63
PD 0O2 L . 18.21 14.03 -10.54
O1D 0O2 L . 19.65 13.92 -10.27
O2D 0O2 L . 17.91 13.08 -11.61
O3D 0O2 L . 18.08 15.34 -11.17
PG 0O2 L . 15.52 22.53 -13.26
O1G 0O2 L . 15.69 23.08 -14.59
O2G 0O2 L . 14.66 21.37 -13.47
O3G 0O2 L . 14.64 23.47 -12.59
PB 0O2 L . 17.85 20.86 -12.73
O1B 0O2 L . 18.38 20.76 -14.07
O2B 0O2 L . 19.09 20.91 -11.96
O3B 0O2 L . 16.95 22.22 -12.49
O3A 0O2 L . 16.92 19.57 -12.31
PA 0O2 L . 16.00 19.39 -10.94
O1A 0O2 L . 16.80 19.59 -9.74
O2A 0O2 L . 15.00 20.44 -10.78
O5' 0O2 L . 15.26 17.91 -10.89
C5' 0O2 L . 13.95 17.80 -10.48
C4' 0O2 L . 13.66 16.35 -10.37
O4' 0O2 L . 12.27 15.91 -10.86
C3' 0O2 L . 14.49 15.53 -11.28
O3' 0O2 L . 15.73 15.18 -10.67
C2' 0O2 L . 13.95 14.29 -11.73
O2' 0O2 L . 14.21 13.11 -10.95
C1' 0O2 L . 12.54 14.51 -11.56
N9 0O2 L . 11.76 14.34 -12.69
C8 0O2 L . 11.02 13.32 -12.78
N7 0O2 L . 10.33 13.51 -13.93
C5 0O2 L . 10.85 14.86 -14.44
C6 0O2 L . 10.63 15.70 -15.53
O6 0O2 L . 9.69 15.28 -16.47
N1 0O2 L . 11.28 16.90 -15.66
C2 0O2 L . 12.16 17.32 -14.76
N2 0O2 L . 12.93 18.54 -15.00
N3 0O2 L . 12.46 16.52 -13.63
C4 0O2 L . 11.80 15.29 -13.48
PC 0O2 L . 15.78 14.40 -9.19
O1C 0O2 L . 15.46 15.28 -8.05
O2C 0O2 L . 14.81 13.30 -9.06
O3C 0O2 L . 17.30 13.82 -9.18
H3 0O2 L . 13.12 16.83 -12.95
H7 0O2 L . 13.29 18.25 -11.20
H8 0O2 L . 13.82 18.28 -9.51
H9 0O2 L . 13.80 16.18 -9.31
H10 0O2 L . 14.56 16.20 -12.13
H11 0O2 L . 14.36 14.09 -12.72
H12 0O2 L . 14.00 12.33 -11.47
H13 0O2 L . 12.22 13.73 -10.89
H14 0O2 L . 11.17 12.37 -12.28
H15 0O2 L . 12.46 19.40 -15.16
H16 0O2 L . 13.98 18.41 -15.14
H61 0O2 L . 10.15 14.96 -17.25
#